data_9DXQ
#
_entry.id   9DXQ
#
_cell.length_a   1.00
_cell.length_b   1.00
_cell.length_c   1.00
_cell.angle_alpha   90.00
_cell.angle_beta   90.00
_cell.angle_gamma   90.00
#
_symmetry.space_group_name_H-M   'P 1'
#
loop_
_entity.id
_entity.type
_entity.pdbx_description
1 polymer 'Glutamate receptor ionotropic, kainate 2'
2 branched 2-acetamido-2-deoxy-beta-D-glucopyranose-(1-4)-2-acetamido-2-deoxy-beta-D-glucopyranose
3 branched beta-D-mannopyranose-(1-3)-beta-D-mannopyranose-(1-4)-2-acetamido-2-deoxy-beta-D-glucopyranose-(1-4)-2-acetamido-2-deoxy-beta-D-glucopyranose
4 non-polymer '4-cyclopropyl-7-fluoro-3,4-dihydro-2H-1,2,4-benzothiadiazine 1,1-dioxide'
5 non-polymer '(2S)-3-(hexadecanoyloxy)-2-[(9Z)-octadec-9-enoyloxy]propyl 2-(trimethylammonio)ethyl phosphate'
6 non-polymer CHOLESTEROL
7 non-polymer 'SODIUM ION'
8 non-polymer 'CHLORIDE ION'
9 non-polymer N-{7-[(4-aminobutyl)amino]heptyl}-Nalpha-butanoyl-D-tyrosinamide
#
_entity_poly.entity_id   1
_entity_poly.type   'polypeptide(L)'
_entity_poly.pdbx_seq_one_letter_code
;MKIISPVLSNLVFSRSIKVLLCLLWIGYSQGTTHVLRFGGIFEYVESGPMGAEELAFRFAVNTINRNRTLLPNTTLTYDT
QKINLYDSFEASKKACDQLSLGVAAIFGPSHSSSANAVQSICNALGVPHIQTRWKHQVSDNKDSFYVSLYPDFSSLSRAI
LDLVQFFKWKTVTVVYDDSTGLIRLQELIKAPSRYNLRLKIRQLPADTKDAKPLLKEMKRGKEFHVIFDCSHEMAAGILK
QALAMGMMTEYYHYIFTTLDLFALDVEPYRYSGVNMTGFRILNTENTQVSSIIEKWSMERLQAPPKPDSGLLDGFMTTDA
ALMYDAVHVVSVAVQQFPQMTVSSLQCNRHKPWRFGTRFMSLIKEAHWEGLTGRITFNKTNGLRTDFDLDVISLKEEGLE
KIGTWDPASGLNMTESQKGKPANITDSLSNRSLIVTTILEEPYVLFKKSDKPLYGNDRFEGYCIDLLRELSTILGFTYEI
RLVEDGKYGAQDDVNGQWNGMVRELIDHKADLAVAPLAITYVREKVIDFSKPFMTLGISILYRKPNGTNPGVFSFLNPLS
PDIWMYVLLACLGVSCVLFVIARFSPYEWYNPHPCNPDSDVVENNFTLLNSFWFGVGALMQQGSELMPKALSTRIVGGIW
WFFTLIIISSYTANLAAFLTVERMESPIDSADDLAKQTKIEYGAVEDGATMTFFKKSKISTYDKMWAFMSSRRQSVLVKS
NEEGIQRVLTSDYAFLMESTTIEFVTQRNCNLTQIGGLIDSKGYGVGTPMGSPYRDKITIAILQLQEEGKLHMMKEKWWR
GNGCPEEESKEASALGVQNIGGIFIVLAAGLVLSVFVAVGEFLYKSKKNAQLEKRSFCSAMVEELRMSLKCQRRLKHKPQ
APVIVKTEEVINMHTFNDRRLPGKETMA
;
_entity_poly.pdbx_strand_id   A,B,C,D
#
loop_
_chem_comp.id
_chem_comp.type
_chem_comp.name
_chem_comp.formula
2J9 non-polymer '4-cyclopropyl-7-fluoro-3,4-dihydro-2H-1,2,4-benzothiadiazine 1,1-dioxide' 'C10 H11 F N2 O2 S'
A1BDR non-polymer N-{7-[(4-aminobutyl)amino]heptyl}-Nalpha-butanoyl-D-tyrosinamide 'C24 H42 N4 O3'
BMA D-saccharide, beta linking beta-D-mannopyranose 'C6 H12 O6'
CL non-polymer 'CHLORIDE ION' 'Cl -1'
CLR non-polymer CHOLESTEROL 'C27 H46 O'
NA non-polymer 'SODIUM ION' 'Na 1'
NAG D-saccharide, beta linking 2-acetamido-2-deoxy-beta-D-glucopyranose 'C8 H15 N O6'
POV non-polymer '(2S)-3-(hexadecanoyloxy)-2-[(9Z)-octadec-9-enoyloxy]propyl 2-(trimethylammonio)ethyl phosphate' 'C42 H82 N O8 P'
#
# COMPACT_ATOMS: atom_id res chain seq x y z
N SER A 429 -70.75 6.87 -2.02
CA SER A 429 -70.59 8.26 -1.62
C SER A 429 -70.70 8.41 -0.11
N ASN A 430 -69.73 9.12 0.46
CA ASN A 430 -69.67 9.36 1.90
C ASN A 430 -69.07 10.75 2.10
N ARG A 431 -68.63 11.04 3.32
CA ARG A 431 -67.89 12.27 3.57
C ARG A 431 -66.53 12.21 2.88
N SER A 432 -66.01 13.37 2.52
CA SER A 432 -64.65 13.43 2.00
C SER A 432 -63.67 13.20 3.13
N LEU A 433 -62.47 12.75 2.77
CA LEU A 433 -61.49 12.41 3.79
C LEU A 433 -60.54 13.58 4.01
N ILE A 434 -60.16 13.79 5.27
CA ILE A 434 -59.28 14.88 5.66
C ILE A 434 -57.88 14.33 5.82
N VAL A 435 -56.95 14.83 5.02
CA VAL A 435 -55.60 14.31 4.96
C VAL A 435 -54.62 15.40 5.39
N THR A 436 -53.77 15.08 6.36
CA THR A 436 -52.72 15.99 6.80
C THR A 436 -51.43 15.73 6.05
N THR A 437 -50.76 16.81 5.68
CA THR A 437 -49.46 16.75 5.03
C THR A 437 -48.50 17.70 5.73
N ILE A 438 -47.31 17.90 5.17
CA ILE A 438 -46.29 18.73 5.79
C ILE A 438 -45.36 19.26 4.71
N LEU A 439 -45.02 20.53 4.80
CA LEU A 439 -44.28 21.25 3.77
C LEU A 439 -42.82 20.81 3.77
N GLU A 440 -42.56 19.66 3.18
CA GLU A 440 -41.21 19.28 2.79
C GLU A 440 -41.25 19.05 1.28
N GLU A 441 -40.10 19.13 0.63
CA GLU A 441 -40.05 19.15 -0.81
C GLU A 441 -39.13 18.03 -1.22
N PRO A 442 -39.46 17.23 -2.26
CA PRO A 442 -40.50 17.27 -3.30
C PRO A 442 -41.88 16.73 -2.92
N TYR A 443 -42.26 16.74 -1.65
CA TYR A 443 -43.39 15.92 -1.26
C TYR A 443 -44.70 16.69 -1.40
N VAL A 444 -44.86 17.80 -0.68
CA VAL A 444 -45.89 18.75 -1.05
C VAL A 444 -45.21 20.08 -1.29
N LEU A 445 -45.88 20.94 -2.04
CA LEU A 445 -45.25 22.14 -2.57
C LEU A 445 -46.34 23.08 -3.07
N PHE A 446 -46.25 24.35 -2.70
CA PHE A 446 -47.16 25.35 -3.24
C PHE A 446 -46.89 25.53 -4.73
N LYS A 447 -47.94 25.45 -5.53
CA LYS A 447 -47.81 25.58 -6.97
C LYS A 447 -47.54 27.03 -7.33
N LYS A 448 -46.39 27.30 -7.92
CA LYS A 448 -45.98 28.66 -8.24
C LYS A 448 -46.80 29.16 -9.42
N SER A 449 -47.87 29.90 -9.12
CA SER A 449 -48.75 30.43 -10.15
C SER A 449 -49.49 31.62 -9.59
N ASP A 450 -50.08 32.40 -10.49
CA ASP A 450 -50.97 33.50 -10.12
C ASP A 450 -52.38 32.95 -9.86
N LYS A 451 -53.36 33.87 -9.79
CA LYS A 451 -54.80 33.60 -9.68
C LYS A 451 -55.13 32.79 -8.42
N PRO A 452 -55.13 33.43 -7.24
CA PRO A 452 -55.37 32.69 -5.98
C PRO A 452 -56.80 32.22 -5.77
N LEU A 453 -57.08 31.76 -4.54
CA LEU A 453 -58.33 31.11 -4.08
C LEU A 453 -58.51 29.77 -4.80
N TYR A 454 -57.56 28.86 -4.57
CA TYR A 454 -57.73 27.48 -4.98
C TYR A 454 -58.36 26.67 -3.86
N GLY A 455 -58.61 25.40 -4.14
CA GLY A 455 -59.03 24.46 -3.11
C GLY A 455 -57.84 23.67 -2.63
N ASN A 456 -57.74 22.41 -3.05
CA ASN A 456 -56.52 21.65 -2.91
C ASN A 456 -55.71 21.63 -4.20
N ASP A 457 -55.87 22.65 -5.04
CA ASP A 457 -55.05 22.85 -6.22
C ASP A 457 -53.83 23.71 -5.91
N ARG A 458 -53.72 24.20 -4.68
CA ARG A 458 -52.52 24.88 -4.22
C ARG A 458 -51.31 23.97 -4.21
N PHE A 459 -51.52 22.67 -3.97
CA PHE A 459 -50.47 21.73 -3.65
C PHE A 459 -50.06 20.93 -4.88
N GLU A 460 -48.77 20.60 -4.94
CA GLU A 460 -48.26 19.63 -5.89
C GLU A 460 -47.08 18.92 -5.26
N GLY A 461 -46.68 17.81 -5.86
CA GLY A 461 -45.51 17.09 -5.39
C GLY A 461 -45.71 15.60 -5.49
N TYR A 462 -44.76 14.86 -4.92
CA TYR A 462 -44.80 13.40 -4.93
C TYR A 462 -46.01 12.87 -4.16
N CYS A 463 -46.20 13.36 -2.94
CA CYS A 463 -47.31 12.90 -2.11
C CYS A 463 -48.66 13.40 -2.59
N ILE A 464 -48.69 14.38 -3.49
CA ILE A 464 -49.96 14.77 -4.09
C ILE A 464 -50.29 13.84 -5.25
N ASP A 465 -49.27 13.41 -5.99
CA ASP A 465 -49.46 12.43 -7.05
C ASP A 465 -49.81 11.07 -6.48
N LEU A 466 -49.28 10.72 -5.30
CA LEU A 466 -49.61 9.45 -4.67
C LEU A 466 -51.04 9.47 -4.16
N LEU A 467 -51.46 10.57 -3.56
CA LEU A 467 -52.83 10.69 -3.06
C LEU A 467 -53.84 10.78 -4.19
N ARG A 468 -53.42 11.24 -5.37
CA ARG A 468 -54.32 11.25 -6.52
C ARG A 468 -54.58 9.84 -7.02
N GLU A 469 -53.53 9.02 -7.15
CA GLU A 469 -53.67 7.68 -7.68
C GLU A 469 -54.28 6.70 -6.69
N LEU A 470 -54.12 6.95 -5.39
CA LEU A 470 -54.85 6.18 -4.39
C LEU A 470 -56.33 6.50 -4.39
N SER A 471 -56.70 7.72 -4.81
CA SER A 471 -58.11 8.08 -4.85
C SER A 471 -58.83 7.46 -6.04
N THR A 472 -58.15 7.32 -7.17
CA THR A 472 -58.78 6.82 -8.38
C THR A 472 -59.07 5.32 -8.34
N ILE A 473 -58.38 4.57 -7.48
CA ILE A 473 -58.59 3.12 -7.42
C ILE A 473 -59.25 2.68 -6.12
N LEU A 474 -59.35 3.56 -5.12
CA LEU A 474 -60.14 3.26 -3.94
C LEU A 474 -61.46 4.01 -3.92
N GLY A 475 -61.61 5.05 -4.75
CA GLY A 475 -62.86 5.75 -4.87
C GLY A 475 -63.23 6.62 -3.68
N PHE A 476 -62.47 7.69 -3.44
CA PHE A 476 -62.82 8.64 -2.41
C PHE A 476 -62.41 10.02 -2.85
N THR A 477 -63.10 11.03 -2.31
CA THR A 477 -62.70 12.42 -2.45
C THR A 477 -61.99 12.87 -1.18
N TYR A 478 -61.11 13.84 -1.33
CA TYR A 478 -60.20 14.20 -0.24
C TYR A 478 -59.98 15.70 -0.20
N GLU A 479 -59.70 16.19 1.00
CA GLU A 479 -59.39 17.60 1.23
C GLU A 479 -58.04 17.68 1.93
N ILE A 480 -57.05 18.28 1.25
CA ILE A 480 -55.71 18.38 1.80
C ILE A 480 -55.68 19.53 2.79
N ARG A 481 -54.96 19.36 3.90
CA ARG A 481 -54.95 20.34 4.98
C ARG A 481 -53.63 20.23 5.72
N LEU A 482 -52.82 21.31 5.66
CA LEU A 482 -51.57 21.36 6.40
C LEU A 482 -51.85 21.33 7.90
N VAL A 483 -50.89 20.84 8.68
CA VAL A 483 -51.25 20.27 9.98
C VAL A 483 -51.52 21.34 11.04
N GLU A 484 -50.50 21.94 11.68
CA GLU A 484 -50.59 23.27 12.27
C GLU A 484 -49.19 23.88 12.28
N ASP A 485 -48.19 23.00 12.33
CA ASP A 485 -46.90 23.32 12.91
C ASP A 485 -45.73 23.21 11.96
N GLY A 486 -45.72 22.19 11.10
CA GLY A 486 -44.49 21.80 10.45
C GLY A 486 -43.73 20.76 11.25
N LYS A 487 -44.42 19.98 12.07
CA LYS A 487 -43.83 18.92 12.87
C LYS A 487 -44.42 17.59 12.46
N TYR A 488 -43.57 16.57 12.32
CA TYR A 488 -44.05 15.25 11.96
C TYR A 488 -44.77 14.60 13.13
N GLY A 489 -44.03 14.35 14.19
CA GLY A 489 -44.60 13.82 15.41
C GLY A 489 -43.55 13.37 16.40
N ALA A 490 -43.72 13.72 17.66
CA ALA A 490 -42.80 13.33 18.71
C ALA A 490 -43.54 13.37 20.03
N GLN A 491 -43.06 12.58 20.98
CA GLN A 491 -43.70 12.45 22.27
C GLN A 491 -42.95 13.32 23.26
N ASP A 492 -43.59 14.40 23.71
CA ASP A 492 -43.03 15.24 24.75
C ASP A 492 -43.02 14.43 26.05
N ASP A 493 -41.84 14.31 26.67
CA ASP A 493 -41.71 13.45 27.83
C ASP A 493 -42.37 14.06 29.06
N VAL A 494 -42.49 15.38 29.10
CA VAL A 494 -43.13 16.05 30.23
C VAL A 494 -44.65 15.86 30.16
N ASN A 495 -45.25 16.29 29.05
CA ASN A 495 -46.71 16.23 28.92
C ASN A 495 -47.21 14.81 28.68
N GLY A 496 -46.38 13.95 28.09
CA GLY A 496 -46.81 12.61 27.75
C GLY A 496 -47.64 12.51 26.49
N GLN A 497 -47.89 13.61 25.80
CA GLN A 497 -48.73 13.62 24.62
C GLN A 497 -47.91 13.92 23.37
N TRP A 498 -48.53 13.66 22.21
CA TRP A 498 -47.90 13.80 20.91
C TRP A 498 -48.24 15.14 20.30
N ASN A 499 -47.48 15.50 19.26
CA ASN A 499 -47.72 16.70 18.49
C ASN A 499 -47.66 16.37 17.00
N GLY A 500 -48.00 17.34 16.17
CA GLY A 500 -47.84 17.19 14.74
C GLY A 500 -48.89 16.33 14.07
N MET A 501 -48.47 15.57 13.05
CA MET A 501 -49.43 14.79 12.27
C MET A 501 -49.91 13.56 13.03
N VAL A 502 -49.07 12.99 13.91
CA VAL A 502 -49.52 11.83 14.66
C VAL A 502 -50.50 12.23 15.76
N ARG A 503 -50.55 13.52 16.11
CA ARG A 503 -51.58 14.00 17.01
C ARG A 503 -52.92 14.18 16.30
N GLU A 504 -52.88 14.60 15.02
CA GLU A 504 -54.10 14.71 14.23
C GLU A 504 -54.74 13.36 13.97
N LEU A 505 -53.92 12.32 13.90
CA LEU A 505 -54.41 10.96 13.70
C LEU A 505 -54.97 10.37 14.99
N ILE A 506 -54.27 10.57 16.11
CA ILE A 506 -54.67 9.92 17.35
C ILE A 506 -55.91 10.59 17.96
N ASP A 507 -56.22 11.82 17.55
CA ASP A 507 -57.43 12.50 17.99
C ASP A 507 -58.55 12.41 16.98
N HIS A 508 -58.36 11.64 15.90
CA HIS A 508 -59.34 11.41 14.84
C HIS A 508 -59.77 12.69 14.14
N LYS A 509 -58.92 13.72 14.16
CA LYS A 509 -59.22 14.94 13.43
C LYS A 509 -59.01 14.73 11.93
N ALA A 510 -57.95 14.03 11.57
CA ALA A 510 -57.71 13.57 10.21
C ALA A 510 -57.66 12.05 10.21
N ASP A 511 -57.65 11.48 9.01
CA ASP A 511 -57.55 10.04 8.89
C ASP A 511 -56.60 9.57 7.80
N LEU A 512 -55.87 10.47 7.15
CA LEU A 512 -54.77 10.11 6.28
C LEU A 512 -53.59 11.02 6.58
N ALA A 513 -52.38 10.48 6.46
CA ALA A 513 -51.16 11.28 6.59
C ALA A 513 -50.23 10.86 5.46
N VAL A 514 -50.37 11.51 4.32
CA VAL A 514 -49.58 11.18 3.14
C VAL A 514 -48.41 12.15 3.15
N ALA A 515 -47.30 11.71 3.71
CA ALA A 515 -46.20 12.59 4.06
C ALA A 515 -44.96 11.73 4.27
N PRO A 516 -43.76 12.33 4.33
CA PRO A 516 -42.58 11.55 4.73
C PRO A 516 -42.61 11.18 6.20
N LEU A 517 -43.48 10.25 6.58
CA LEU A 517 -43.70 9.95 7.98
C LEU A 517 -43.10 8.57 8.18
N ALA A 518 -41.90 8.53 8.76
CA ALA A 518 -41.14 7.29 8.81
C ALA A 518 -41.73 6.31 9.80
N ILE A 519 -41.80 5.05 9.40
CA ILE A 519 -42.35 4.00 10.25
C ILE A 519 -41.38 3.72 11.38
N THR A 520 -41.80 3.99 12.61
CA THR A 520 -40.95 3.93 13.78
C THR A 520 -41.62 3.03 14.81
N TYR A 521 -40.82 2.39 15.66
CA TYR A 521 -41.35 1.52 16.71
C TYR A 521 -42.18 2.30 17.72
N VAL A 522 -41.76 3.52 18.06
CA VAL A 522 -42.54 4.32 18.99
C VAL A 522 -43.79 4.89 18.32
N ARG A 523 -43.77 5.10 17.00
CA ARG A 523 -44.97 5.61 16.34
C ARG A 523 -45.99 4.52 16.06
N GLU A 524 -45.54 3.27 15.91
CA GLU A 524 -46.46 2.19 15.56
C GLU A 524 -47.37 1.81 16.73
N LYS A 525 -46.98 2.16 17.95
CA LYS A 525 -47.80 1.85 19.11
C LYS A 525 -49.02 2.77 19.24
N VAL A 526 -49.08 3.88 18.50
CA VAL A 526 -50.16 4.83 18.72
C VAL A 526 -51.01 5.03 17.48
N ILE A 527 -50.45 4.74 16.29
CA ILE A 527 -51.18 4.84 15.04
C ILE A 527 -50.92 3.58 14.22
N ASP A 528 -51.50 3.53 13.03
CA ASP A 528 -51.33 2.41 12.11
C ASP A 528 -50.80 2.92 10.78
N PHE A 529 -49.64 2.41 10.38
CA PHE A 529 -49.11 2.68 9.07
C PHE A 529 -49.63 1.67 8.06
N SER A 530 -49.44 1.98 6.78
CA SER A 530 -49.58 0.98 5.75
C SER A 530 -48.20 0.36 5.50
N LYS A 531 -48.12 -0.55 4.54
CA LYS A 531 -46.83 -1.01 4.10
C LYS A 531 -46.13 0.09 3.31
N PRO A 532 -44.80 0.11 3.29
CA PRO A 532 -44.09 1.29 2.77
C PRO A 532 -44.29 1.56 1.30
N PHE A 533 -44.26 2.85 0.95
CA PHE A 533 -44.22 3.28 -0.43
C PHE A 533 -42.86 3.80 -0.83
N MET A 534 -41.90 3.82 0.08
CA MET A 534 -40.58 4.35 -0.23
C MET A 534 -39.59 3.79 0.78
N THR A 535 -38.43 3.38 0.29
CA THR A 535 -37.41 2.74 1.12
C THR A 535 -36.19 3.63 1.17
N LEU A 536 -35.59 3.78 2.35
CA LEU A 536 -34.50 4.73 2.51
C LEU A 536 -33.64 4.30 3.68
N GLY A 537 -32.61 5.10 3.94
CA GLY A 537 -31.71 4.86 5.06
C GLY A 537 -30.82 6.06 5.28
N ILE A 538 -29.82 5.86 6.14
CA ILE A 538 -28.86 6.90 6.46
C ILE A 538 -27.66 6.76 5.55
N SER A 539 -27.26 7.85 4.89
CA SER A 539 -26.10 7.86 4.04
C SER A 539 -25.32 9.14 4.29
N ILE A 540 -24.17 9.27 3.64
CA ILE A 540 -23.22 10.34 3.90
C ILE A 540 -23.22 11.29 2.71
N LEU A 541 -23.37 12.58 2.97
CA LEU A 541 -23.32 13.60 1.93
C LEU A 541 -21.97 14.30 1.99
N TYR A 542 -21.31 14.41 0.86
CA TYR A 542 -19.95 14.93 0.80
C TYR A 542 -19.71 15.55 -0.56
N ARG A 543 -18.80 16.53 -0.60
CA ARG A 543 -18.50 17.24 -1.82
C ARG A 543 -17.77 16.34 -2.81
N LYS A 544 -18.17 16.42 -4.07
CA LYS A 544 -17.52 15.67 -5.13
C LYS A 544 -16.07 16.14 -5.26
N PRO A 545 -15.10 15.23 -5.43
CA PRO A 545 -13.68 15.65 -5.49
C PRO A 545 -13.39 16.52 -6.70
N ASN A 546 -12.79 17.67 -6.42
CA ASN A 546 -12.59 18.72 -7.41
C ASN A 546 -11.57 18.27 -8.46
N GLY A 547 -10.58 17.50 -8.06
CA GLY A 547 -9.71 16.88 -9.03
C GLY A 547 -8.26 17.02 -8.60
N THR A 548 -7.40 17.26 -9.58
CA THR A 548 -5.97 17.40 -9.34
C THR A 548 -5.44 18.77 -9.73
N ASN A 549 -5.76 19.25 -10.95
CA ASN A 549 -5.11 20.36 -11.64
C ASN A 549 -3.61 20.16 -11.59
N PRO A 550 -3.08 19.24 -12.41
CA PRO A 550 -1.68 18.77 -12.22
C PRO A 550 -0.63 19.84 -12.41
N GLY A 551 -0.92 20.90 -13.14
CA GLY A 551 0.05 21.96 -13.26
C GLY A 551 1.14 21.63 -14.25
N VAL A 552 0.77 21.57 -15.54
CA VAL A 552 1.63 21.38 -16.71
C VAL A 552 2.91 22.19 -16.59
N PHE A 553 4.06 21.52 -16.80
CA PHE A 553 5.36 21.61 -16.11
C PHE A 553 5.35 20.77 -14.84
N SER A 554 4.46 19.78 -14.75
CA SER A 554 4.45 18.88 -13.60
C SER A 554 5.52 17.80 -13.67
N PHE A 555 6.24 17.69 -14.78
CA PHE A 555 7.40 16.79 -14.84
C PHE A 555 8.58 17.32 -14.06
N LEU A 556 8.54 18.59 -13.66
CA LEU A 556 9.65 19.26 -13.02
C LEU A 556 9.69 18.99 -11.52
N ASN A 557 8.72 18.25 -11.00
CA ASN A 557 8.47 17.94 -9.60
C ASN A 557 9.37 16.95 -8.84
N PRO A 558 9.92 15.86 -9.42
CA PRO A 558 10.70 14.93 -8.58
C PRO A 558 12.00 15.48 -8.03
N LEU A 559 12.46 16.65 -8.47
CA LEU A 559 13.62 17.28 -7.88
C LEU A 559 13.23 18.65 -7.34
N SER A 560 14.01 19.13 -6.37
CA SER A 560 13.78 20.43 -5.79
C SER A 560 14.13 21.52 -6.79
N PRO A 561 13.57 22.73 -6.64
CA PRO A 561 13.99 23.83 -7.51
C PRO A 561 15.41 24.29 -7.30
N ASP A 562 16.02 23.98 -6.15
CA ASP A 562 17.43 24.22 -5.97
C ASP A 562 18.27 23.15 -6.66
N ILE A 563 17.73 21.94 -6.79
CA ILE A 563 18.46 20.86 -7.45
C ILE A 563 18.54 21.11 -8.95
N TRP A 564 17.46 21.59 -9.56
CA TRP A 564 17.48 21.92 -10.98
C TRP A 564 18.42 23.08 -11.27
N MET A 565 18.63 23.97 -10.31
CA MET A 565 19.54 25.08 -10.52
C MET A 565 20.99 24.66 -10.28
N TYR A 566 21.21 23.76 -9.32
CA TYR A 566 22.57 23.34 -9.01
C TYR A 566 23.14 22.44 -10.11
N VAL A 567 22.30 21.62 -10.74
CA VAL A 567 22.74 20.83 -11.89
C VAL A 567 23.06 21.76 -13.06
N LEU A 568 22.28 22.82 -13.22
CA LEU A 568 22.55 23.79 -14.28
C LEU A 568 23.80 24.60 -14.00
N LEU A 569 24.13 24.83 -12.74
CA LEU A 569 25.39 25.50 -12.43
C LEU A 569 26.57 24.53 -12.47
N ALA A 570 26.32 23.25 -12.25
CA ALA A 570 27.40 22.27 -12.32
C ALA A 570 27.82 22.01 -13.77
N CYS A 571 26.87 22.05 -14.70
CA CYS A 571 27.22 21.83 -16.11
C CYS A 571 28.00 23.00 -16.68
N LEU A 572 27.69 24.24 -16.24
CA LEU A 572 28.51 25.37 -16.63
C LEU A 572 29.86 25.36 -15.94
N GLY A 573 29.94 24.78 -14.74
CA GLY A 573 31.18 24.79 -14.00
C GLY A 573 32.18 23.77 -14.49
N VAL A 574 31.74 22.53 -14.71
CA VAL A 574 32.58 21.47 -15.23
C VAL A 574 33.08 21.80 -16.63
N SER A 575 32.25 22.46 -17.44
CA SER A 575 32.66 22.83 -18.78
C SER A 575 33.71 23.92 -18.79
N CYS A 576 33.72 24.80 -17.78
CA CYS A 576 34.79 25.77 -17.66
C CYS A 576 36.05 25.15 -17.08
N VAL A 577 35.92 24.14 -16.22
CA VAL A 577 37.09 23.43 -15.71
C VAL A 577 37.71 22.59 -16.82
N LEU A 578 36.88 21.90 -17.61
CA LEU A 578 37.38 21.06 -18.70
C LEU A 578 38.07 21.87 -19.78
N PHE A 579 37.65 23.12 -19.97
CA PHE A 579 38.32 23.98 -20.94
C PHE A 579 39.73 24.35 -20.48
N VAL A 580 39.90 24.58 -19.19
CA VAL A 580 41.20 25.02 -18.68
C VAL A 580 42.15 23.83 -18.56
N ILE A 581 41.66 22.69 -18.07
CA ILE A 581 42.52 21.52 -17.87
C ILE A 581 42.99 20.95 -19.21
N ALA A 582 42.09 20.86 -20.19
CA ALA A 582 42.50 20.35 -21.49
C ALA A 582 43.37 21.33 -22.26
N ARG A 583 43.34 22.61 -21.91
CA ARG A 583 44.23 23.55 -22.56
C ARG A 583 45.65 23.41 -22.02
N PHE A 584 45.80 23.47 -20.70
CA PHE A 584 47.13 23.44 -20.09
C PHE A 584 47.80 22.08 -20.13
N SER A 585 47.04 21.01 -20.35
CA SER A 585 47.68 19.69 -20.35
C SER A 585 48.38 19.44 -21.68
N PRO A 586 49.63 18.96 -21.66
CA PRO A 586 50.33 18.72 -22.94
C PRO A 586 49.85 17.49 -23.66
N TYR A 587 49.24 16.53 -22.97
CA TYR A 587 48.85 15.27 -23.60
C TYR A 587 47.55 15.37 -24.37
N GLU A 588 46.93 16.54 -24.42
CA GLU A 588 45.75 16.74 -25.25
C GLU A 588 46.10 17.29 -26.62
N TRP A 589 47.19 18.05 -26.73
CA TRP A 589 47.66 18.55 -28.01
C TRP A 589 48.24 17.40 -28.83
N TYR A 590 47.38 16.65 -29.51
CA TYR A 590 47.83 15.56 -30.35
C TYR A 590 48.15 16.09 -31.74
N ASN A 591 48.47 15.17 -32.65
CA ASN A 591 48.77 15.53 -34.03
C ASN A 591 47.52 15.40 -34.87
N PRO A 592 46.92 16.49 -35.34
CA PRO A 592 45.82 16.38 -36.30
C PRO A 592 46.37 15.95 -37.64
N HIS A 593 45.42 15.55 -38.50
CA HIS A 593 45.69 14.95 -39.79
C HIS A 593 46.67 13.76 -39.67
N PRO A 594 46.25 12.66 -39.03
CA PRO A 594 47.16 11.51 -38.94
C PRO A 594 47.31 10.79 -40.26
N CYS A 595 46.43 11.06 -41.22
CA CYS A 595 46.54 10.50 -42.56
C CYS A 595 47.78 11.01 -43.29
N ASN A 596 48.28 12.19 -42.92
CA ASN A 596 49.58 12.67 -43.36
C ASN A 596 50.49 12.66 -42.14
N PRO A 597 51.23 11.59 -41.88
CA PRO A 597 52.10 11.55 -40.70
C PRO A 597 53.33 12.42 -40.88
N ASP A 598 54.04 12.61 -39.77
CA ASP A 598 55.31 13.35 -39.67
C ASP A 598 55.20 14.82 -40.08
N SER A 599 53.99 15.37 -40.07
CA SER A 599 53.85 16.81 -40.17
C SER A 599 54.08 17.44 -38.80
N ASP A 600 54.10 18.77 -38.76
CA ASP A 600 54.33 19.48 -37.50
C ASP A 600 53.24 20.52 -37.29
N VAL A 601 52.09 20.04 -36.79
CA VAL A 601 50.98 20.86 -36.31
C VAL A 601 50.38 20.13 -35.13
N VAL A 602 49.85 20.89 -34.18
CA VAL A 602 49.07 20.33 -33.08
C VAL A 602 47.75 21.07 -32.98
N GLU A 603 46.71 20.35 -32.57
CA GLU A 603 45.37 20.91 -32.48
C GLU A 603 44.69 20.43 -31.20
N ASN A 604 43.99 21.34 -30.55
CA ASN A 604 43.18 21.04 -29.38
C ASN A 604 41.72 21.10 -29.82
N ASN A 605 41.01 19.97 -29.67
CA ASN A 605 39.59 19.95 -29.98
C ASN A 605 38.75 20.61 -28.91
N PHE A 606 39.23 20.63 -27.66
CA PHE A 606 38.49 21.25 -26.57
C PHE A 606 38.60 22.76 -26.67
N THR A 607 37.73 23.33 -27.50
CA THR A 607 37.51 24.76 -27.52
C THR A 607 36.51 25.12 -26.44
N LEU A 608 36.05 26.36 -26.42
CA LEU A 608 35.06 26.74 -25.42
C LEU A 608 33.68 26.20 -25.79
N LEU A 609 33.34 26.24 -27.07
CA LEU A 609 32.05 25.73 -27.50
C LEU A 609 32.00 24.21 -27.44
N ASN A 610 33.12 23.55 -27.71
CA ASN A 610 33.17 22.10 -27.62
C ASN A 610 33.16 21.58 -26.19
N SER A 611 33.52 22.42 -25.22
CA SER A 611 33.54 21.96 -23.83
C SER A 611 32.15 21.97 -23.22
N PHE A 612 31.31 22.94 -23.58
CA PHE A 612 29.92 22.89 -23.17
C PHE A 612 29.20 21.72 -23.83
N TRP A 613 29.53 21.44 -25.08
CA TRP A 613 28.86 20.37 -25.82
C TRP A 613 29.24 18.99 -25.32
N PHE A 614 30.42 18.86 -24.69
CA PHE A 614 30.71 17.61 -23.98
C PHE A 614 29.85 17.48 -22.75
N GLY A 615 29.72 18.56 -21.97
CA GLY A 615 28.98 18.48 -20.73
C GLY A 615 27.48 18.37 -20.90
N VAL A 616 26.95 18.97 -21.97
CA VAL A 616 25.53 18.82 -22.26
C VAL A 616 25.22 17.43 -22.78
N GLY A 617 26.08 16.92 -23.67
CA GLY A 617 25.84 15.61 -24.24
C GLY A 617 26.04 14.47 -23.26
N ALA A 618 26.93 14.66 -22.29
CA ALA A 618 27.07 13.67 -21.23
C ALA A 618 25.92 13.73 -20.24
N LEU A 619 25.37 14.92 -20.03
CA LEU A 619 24.26 15.08 -19.10
C LEU A 619 22.99 14.43 -19.61
N MET A 620 22.80 14.39 -20.94
CA MET A 620 21.56 13.91 -21.52
C MET A 620 21.64 12.44 -21.91
N GLN A 621 22.63 11.71 -21.40
CA GLN A 621 22.92 10.30 -21.69
C GLN A 621 23.21 10.05 -23.16
N GLN A 622 23.52 11.07 -23.93
CA GLN A 622 23.95 10.89 -25.30
C GLN A 622 25.47 10.86 -25.30
N GLY A 623 26.08 10.96 -26.47
CA GLY A 623 27.52 11.02 -26.49
C GLY A 623 28.02 11.94 -27.58
N SER A 624 28.80 12.94 -27.22
CA SER A 624 29.35 13.85 -28.21
C SER A 624 30.46 13.14 -29.01
N GLU A 625 30.89 13.78 -30.09
CA GLU A 625 31.83 13.16 -31.00
C GLU A 625 33.27 13.27 -30.53
N LEU A 626 33.53 13.96 -29.42
CA LEU A 626 34.87 14.22 -28.94
C LEU A 626 35.06 13.58 -27.57
N MET A 627 36.22 12.97 -27.37
CA MET A 627 36.51 12.23 -26.16
C MET A 627 37.82 12.71 -25.55
N PRO A 628 37.91 12.72 -24.22
CA PRO A 628 39.17 13.11 -23.58
C PRO A 628 40.23 12.04 -23.74
N LYS A 629 41.47 12.47 -23.95
CA LYS A 629 42.58 11.55 -24.13
C LYS A 629 43.64 11.60 -23.04
N ALA A 630 43.88 12.76 -22.43
CA ALA A 630 44.79 12.84 -21.31
C ALA A 630 44.11 12.28 -20.06
N LEU A 631 44.92 11.88 -19.08
CA LEU A 631 44.36 11.34 -17.84
C LEU A 631 43.68 12.41 -17.02
N SER A 632 44.18 13.65 -17.08
CA SER A 632 43.59 14.74 -16.32
C SER A 632 42.20 15.10 -16.81
N THR A 633 41.95 14.98 -18.11
CA THR A 633 40.62 15.22 -18.65
C THR A 633 39.73 13.99 -18.62
N ARG A 634 40.31 12.80 -18.47
CA ARG A 634 39.50 11.62 -18.25
C ARG A 634 39.09 11.45 -16.80
N ILE A 635 39.61 12.27 -15.89
CA ILE A 635 39.07 12.33 -14.54
C ILE A 635 37.86 13.26 -14.50
N VAL A 636 37.93 14.39 -15.21
CA VAL A 636 36.80 15.31 -15.32
C VAL A 636 35.64 14.64 -16.02
N GLY A 637 35.91 13.97 -17.14
CA GLY A 637 34.86 13.27 -17.84
C GLY A 637 34.32 12.07 -17.08
N GLY A 638 35.19 11.37 -16.36
CA GLY A 638 34.74 10.19 -15.64
C GLY A 638 33.96 10.50 -14.38
N ILE A 639 34.21 11.65 -13.75
CA ILE A 639 33.45 12.01 -12.56
C ILE A 639 32.16 12.73 -12.94
N TRP A 640 32.11 13.34 -14.12
CA TRP A 640 30.87 13.92 -14.60
C TRP A 640 29.93 12.86 -15.13
N TRP A 641 30.45 11.71 -15.54
CA TRP A 641 29.61 10.60 -15.93
C TRP A 641 28.95 9.94 -14.73
N PHE A 642 29.64 9.90 -13.60
CA PHE A 642 29.05 9.32 -12.40
C PHE A 642 28.03 10.27 -11.78
N PHE A 643 28.21 11.57 -11.97
CA PHE A 643 27.25 12.56 -11.49
C PHE A 643 25.90 12.40 -12.20
N THR A 644 25.94 12.32 -13.53
CA THR A 644 24.71 12.23 -14.30
C THR A 644 24.05 10.87 -14.20
N LEU A 645 24.80 9.82 -13.86
CA LEU A 645 24.20 8.52 -13.67
C LEU A 645 23.34 8.50 -12.42
N ILE A 646 23.74 9.23 -11.38
CA ILE A 646 22.97 9.28 -10.14
C ILE A 646 21.79 10.23 -10.28
N ILE A 647 21.97 11.34 -11.00
CA ILE A 647 20.90 12.33 -11.18
C ILE A 647 19.74 11.74 -11.96
N ILE A 648 20.04 11.05 -13.06
CA ILE A 648 18.97 10.53 -13.91
C ILE A 648 18.33 9.30 -13.30
N SER A 649 19.08 8.52 -12.54
CA SER A 649 18.46 7.42 -11.80
C SER A 649 17.64 7.93 -10.63
N SER A 650 17.98 9.09 -10.10
CA SER A 650 17.18 9.67 -9.02
C SER A 650 15.92 10.32 -9.56
N TYR A 651 15.97 10.89 -10.76
CA TYR A 651 14.77 11.46 -11.36
C TYR A 651 13.77 10.38 -11.71
N THR A 652 14.24 9.26 -12.27
CA THR A 652 13.34 8.20 -12.70
C THR A 652 12.74 7.48 -11.51
N ALA A 653 13.55 7.22 -10.47
CA ALA A 653 13.05 6.50 -9.32
C ALA A 653 12.11 7.33 -8.46
N ASN A 654 12.34 8.65 -8.38
CA ASN A 654 11.44 9.48 -7.60
C ASN A 654 10.16 9.79 -8.37
N LEU A 655 10.24 9.89 -9.70
CA LEU A 655 9.02 10.05 -10.48
C LEU A 655 8.17 8.80 -10.44
N ALA A 656 8.80 7.63 -10.28
CA ALA A 656 8.04 6.41 -10.06
C ALA A 656 7.34 6.43 -8.71
N ALA A 657 7.92 7.11 -7.72
CA ALA A 657 7.30 7.18 -6.40
C ALA A 657 6.08 8.09 -6.40
N PHE A 658 6.19 9.26 -7.06
CA PHE A 658 5.06 10.16 -7.22
C PHE A 658 3.87 9.51 -7.92
N LEU A 659 4.15 8.72 -8.95
CA LEU A 659 3.07 8.13 -9.72
C LEU A 659 2.54 6.86 -9.08
N THR A 660 3.27 6.26 -8.15
CA THR A 660 2.77 5.06 -7.48
C THR A 660 1.87 5.43 -6.31
N VAL A 661 2.23 6.46 -5.56
CA VAL A 661 1.45 6.81 -4.38
C VAL A 661 0.13 7.47 -4.73
N GLU A 662 -0.04 7.97 -5.95
CA GLU A 662 -1.34 8.53 -6.31
C GLU A 662 -2.26 7.51 -6.94
N ARG A 663 -1.73 6.35 -7.36
CA ARG A 663 -2.60 5.23 -7.66
C ARG A 663 -3.03 4.51 -6.41
N MET A 664 -2.25 4.61 -5.33
CA MET A 664 -2.70 4.12 -4.04
C MET A 664 -3.61 5.08 -3.31
N GLU A 665 -3.71 6.33 -3.78
CA GLU A 665 -4.70 7.25 -3.23
C GLU A 665 -6.08 6.82 -3.67
N SER A 666 -6.84 6.25 -2.75
CA SER A 666 -8.21 5.95 -3.01
C SER A 666 -9.09 6.92 -2.25
N PRO A 667 -10.16 7.43 -2.87
CA PRO A 667 -11.06 8.32 -2.15
C PRO A 667 -11.89 7.54 -1.13
N ILE A 668 -12.46 8.30 -0.19
CA ILE A 668 -13.33 7.73 0.83
C ILE A 668 -14.59 7.20 0.19
N ASP A 669 -14.95 5.96 0.56
CA ASP A 669 -16.10 5.28 -0.04
C ASP A 669 -16.95 4.54 0.99
N SER A 670 -16.79 4.82 2.28
CA SER A 670 -17.52 4.10 3.32
C SER A 670 -17.57 4.95 4.57
N ALA A 671 -18.44 4.54 5.49
CA ALA A 671 -18.45 5.17 6.81
C ALA A 671 -17.26 4.74 7.64
N ASP A 672 -16.74 3.55 7.39
CA ASP A 672 -15.53 3.08 8.07
C ASP A 672 -14.31 3.86 7.61
N ASP A 673 -14.31 4.34 6.36
CA ASP A 673 -13.21 5.17 5.89
C ASP A 673 -13.24 6.54 6.54
N LEU A 674 -14.41 6.99 6.99
CA LEU A 674 -14.48 8.21 7.80
C LEU A 674 -14.04 7.95 9.23
N ALA A 675 -14.11 6.70 9.70
CA ALA A 675 -13.81 6.40 11.10
C ALA A 675 -12.33 6.53 11.40
N LYS A 676 -11.47 6.20 10.43
CA LYS A 676 -10.04 6.24 10.65
C LYS A 676 -9.49 7.67 10.53
N GLN A 677 -10.27 8.58 9.98
CA GLN A 677 -9.78 9.91 9.67
C GLN A 677 -10.22 10.91 10.73
N THR A 678 -9.41 11.95 10.91
CA THR A 678 -9.79 13.11 11.70
C THR A 678 -9.65 14.40 10.89
N LYS A 679 -9.09 14.32 9.68
CA LYS A 679 -8.94 15.50 8.83
C LYS A 679 -10.29 15.97 8.31
N ILE A 680 -11.06 15.04 7.74
CA ILE A 680 -12.44 15.32 7.36
C ILE A 680 -13.34 15.04 8.55
N GLU A 681 -14.14 16.02 8.94
CA GLU A 681 -14.96 15.92 10.13
C GLU A 681 -16.42 15.62 9.79
N TYR A 682 -17.11 15.02 10.75
CA TYR A 682 -18.48 14.57 10.58
C TYR A 682 -19.46 15.73 10.70
N GLY A 683 -20.74 15.39 10.82
CA GLY A 683 -21.78 16.34 11.13
C GLY A 683 -23.17 15.76 10.96
N ALA A 684 -24.12 16.20 11.79
CA ALA A 684 -25.50 15.75 11.69
C ALA A 684 -26.39 16.86 12.24
N VAL A 685 -27.69 16.61 12.19
CA VAL A 685 -28.66 17.52 12.79
C VAL A 685 -28.87 17.11 14.24
N GLU A 686 -28.72 18.07 15.15
CA GLU A 686 -28.91 17.81 16.56
C GLU A 686 -30.38 17.53 16.85
N ASP A 687 -30.62 16.47 17.64
CA ASP A 687 -31.95 15.97 18.00
C ASP A 687 -32.78 15.62 16.77
N GLY A 688 -32.19 14.80 15.91
CA GLY A 688 -32.89 14.24 14.77
C GLY A 688 -32.89 12.73 14.83
N ALA A 689 -33.49 12.13 13.81
CA ALA A 689 -33.53 10.68 13.72
C ALA A 689 -32.17 10.09 13.34
N THR A 690 -31.32 10.90 12.69
CA THR A 690 -30.00 10.43 12.32
C THR A 690 -29.06 10.44 13.51
N MET A 691 -29.14 11.48 14.34
CA MET A 691 -28.31 11.55 15.54
C MET A 691 -28.68 10.47 16.56
N THR A 692 -29.97 10.13 16.61
CA THR A 692 -30.47 9.13 17.56
C THR A 692 -29.91 7.74 17.25
N PHE A 693 -29.61 7.48 15.98
CA PHE A 693 -29.08 6.17 15.59
C PHE A 693 -27.68 5.94 16.15
N PHE A 694 -26.84 6.97 16.14
CA PHE A 694 -25.46 6.80 16.59
C PHE A 694 -25.34 6.76 18.10
N LYS A 695 -26.32 7.27 18.84
CA LYS A 695 -26.31 7.12 20.29
C LYS A 695 -26.62 5.69 20.69
N LYS A 696 -27.68 5.11 20.13
CA LYS A 696 -28.11 3.76 20.45
C LYS A 696 -27.27 2.69 19.78
N SER A 697 -26.27 3.05 18.98
CA SER A 697 -25.54 2.07 18.20
C SER A 697 -24.54 1.32 19.05
N LYS A 698 -24.31 0.06 18.68
CA LYS A 698 -23.33 -0.79 19.34
C LYS A 698 -22.29 -1.31 18.36
N ILE A 699 -22.36 -0.87 17.10
CA ILE A 699 -21.30 -1.15 16.14
C ILE A 699 -20.10 -0.28 16.51
N SER A 700 -18.92 -0.91 16.55
CA SER A 700 -17.71 -0.20 16.99
C SER A 700 -17.30 0.90 16.01
N THR A 701 -17.64 0.74 14.73
CA THR A 701 -17.38 1.80 13.76
C THR A 701 -18.27 3.00 14.01
N TYR A 702 -19.54 2.75 14.32
CA TYR A 702 -20.49 3.83 14.53
C TYR A 702 -20.34 4.44 15.92
N ASP A 703 -19.74 3.69 16.85
CA ASP A 703 -19.49 4.21 18.19
C ASP A 703 -18.37 5.24 18.17
N LYS A 704 -17.33 4.99 17.37
CA LYS A 704 -16.29 6.00 17.15
C LYS A 704 -16.85 7.23 16.45
N MET A 705 -17.84 7.05 15.58
CA MET A 705 -18.48 8.18 14.92
C MET A 705 -19.26 9.04 15.91
N TRP A 706 -19.81 8.44 16.96
CA TRP A 706 -20.45 9.23 18.00
C TRP A 706 -19.45 9.71 19.05
N ALA A 707 -18.34 8.98 19.24
CA ALA A 707 -17.29 9.46 20.13
C ALA A 707 -16.61 10.69 19.55
N PHE A 708 -16.59 10.83 18.23
CA PHE A 708 -16.20 12.09 17.60
C PHE A 708 -17.22 13.18 17.92
N MET A 709 -18.47 12.95 17.54
CA MET A 709 -19.46 14.02 17.47
C MET A 709 -19.94 14.46 18.84
N SER A 710 -19.89 13.58 19.85
CA SER A 710 -20.26 14.01 21.19
C SER A 710 -19.20 14.92 21.80
N SER A 711 -17.95 14.81 21.35
CA SER A 711 -16.91 15.72 21.81
C SER A 711 -17.09 17.11 21.22
N ARG A 712 -17.36 17.19 19.92
CA ARG A 712 -17.43 18.45 19.19
C ARG A 712 -18.86 18.92 18.97
N ARG A 713 -19.77 18.65 19.90
CA ARG A 713 -21.18 18.97 19.66
C ARG A 713 -21.52 20.44 19.92
N GLN A 714 -20.71 21.34 19.38
CA GLN A 714 -21.04 22.75 19.22
C GLN A 714 -20.69 23.24 17.83
N SER A 715 -19.74 22.61 17.14
CA SER A 715 -19.36 22.97 15.79
C SER A 715 -20.03 22.07 14.75
N VAL A 716 -19.94 20.75 14.93
CA VAL A 716 -20.30 19.85 13.83
C VAL A 716 -21.80 19.50 13.85
N LEU A 717 -22.43 19.39 15.02
CA LEU A 717 -23.86 19.10 15.06
C LEU A 717 -24.62 20.36 14.68
N VAL A 718 -24.97 20.45 13.41
CA VAL A 718 -25.56 21.65 12.83
C VAL A 718 -27.05 21.65 13.14
N LYS A 719 -27.71 22.79 12.92
CA LYS A 719 -29.10 22.95 13.35
C LYS A 719 -30.08 22.32 12.37
N SER A 720 -29.89 22.52 11.07
CA SER A 720 -30.87 22.12 10.07
C SER A 720 -30.19 21.44 8.90
N ASN A 721 -31.00 20.87 8.01
CA ASN A 721 -30.47 20.28 6.79
C ASN A 721 -29.96 21.35 5.83
N GLU A 722 -30.57 22.54 5.85
CA GLU A 722 -30.13 23.61 4.96
C GLU A 722 -28.77 24.13 5.37
N GLU A 723 -28.51 24.21 6.67
CA GLU A 723 -27.21 24.68 7.14
C GLU A 723 -26.15 23.59 7.01
N GLY A 724 -26.55 22.32 7.04
CA GLY A 724 -25.59 21.25 6.89
C GLY A 724 -25.10 21.08 5.47
N ILE A 725 -25.95 21.35 4.49
CA ILE A 725 -25.53 21.28 3.09
C ILE A 725 -24.57 22.41 2.77
N GLN A 726 -24.83 23.60 3.31
CA GLN A 726 -23.95 24.74 3.08
C GLN A 726 -22.56 24.53 3.68
N ARG A 727 -22.46 23.77 4.77
CA ARG A 727 -21.16 23.49 5.33
C ARG A 727 -20.41 22.41 4.56
N VAL A 728 -21.10 21.55 3.81
CA VAL A 728 -20.38 20.60 2.96
C VAL A 728 -19.69 21.35 1.83
N LEU A 729 -20.29 22.44 1.36
CA LEU A 729 -19.70 23.23 0.31
C LEU A 729 -18.50 24.02 0.82
N THR A 730 -18.71 24.90 1.79
CA THR A 730 -17.66 25.81 2.24
C THR A 730 -16.96 25.29 3.51
N SER A 731 -16.51 24.04 3.48
CA SER A 731 -15.64 23.44 4.51
C SER A 731 -15.14 22.10 3.96
N ASP A 732 -14.59 21.28 4.84
CA ASP A 732 -14.19 19.91 4.56
C ASP A 732 -15.09 18.97 5.36
N TYR A 733 -16.38 19.27 5.32
CA TYR A 733 -17.41 18.72 6.18
C TYR A 733 -18.16 17.60 5.47
N ALA A 734 -18.45 16.54 6.21
CA ALA A 734 -19.20 15.40 5.69
C ALA A 734 -20.46 15.26 6.53
N PHE A 735 -21.62 15.21 5.89
CA PHE A 735 -22.89 15.36 6.57
C PHE A 735 -23.69 14.07 6.52
N LEU A 736 -24.40 13.79 7.61
CA LEU A 736 -25.13 12.54 7.79
C LEU A 736 -26.62 12.85 7.80
N MET A 737 -27.33 12.39 6.78
CA MET A 737 -28.76 12.63 6.69
C MET A 737 -29.39 11.46 5.96
N GLU A 738 -30.70 11.54 5.73
CA GLU A 738 -31.42 10.44 5.10
C GLU A 738 -31.14 10.41 3.59
N SER A 739 -31.35 9.22 3.01
CA SER A 739 -30.91 8.96 1.64
C SER A 739 -31.75 9.67 0.60
N THR A 740 -33.03 9.92 0.88
CA THR A 740 -33.89 10.53 -0.12
C THR A 740 -33.56 12.00 -0.35
N THR A 741 -33.04 12.66 0.67
CA THR A 741 -32.61 14.04 0.51
C THR A 741 -31.22 14.15 -0.09
N ILE A 742 -30.37 13.14 0.13
CA ILE A 742 -29.11 13.09 -0.59
C ILE A 742 -29.35 12.83 -2.07
N GLU A 743 -30.27 11.93 -2.38
CA GLU A 743 -30.60 11.67 -3.78
C GLU A 743 -31.36 12.81 -4.45
N PHE A 744 -31.82 13.80 -3.70
CA PHE A 744 -32.49 14.95 -4.29
C PHE A 744 -31.55 16.12 -4.52
N VAL A 745 -30.62 16.37 -3.61
CA VAL A 745 -29.75 17.53 -3.76
C VAL A 745 -28.56 17.24 -4.66
N THR A 746 -28.18 15.98 -4.84
CA THR A 746 -27.09 15.65 -5.74
C THR A 746 -27.52 15.57 -7.20
N GLN A 747 -28.81 15.59 -7.47
CA GLN A 747 -29.31 15.74 -8.83
C GLN A 747 -29.38 17.19 -9.25
N ARG A 748 -29.25 18.12 -8.31
CA ARG A 748 -29.40 19.54 -8.56
C ARG A 748 -28.18 20.35 -8.14
N ASN A 749 -27.09 19.68 -7.78
CA ASN A 749 -25.83 20.33 -7.43
C ASN A 749 -24.75 19.30 -7.75
N CYS A 750 -24.09 19.45 -8.89
CA CYS A 750 -23.05 18.51 -9.31
C CYS A 750 -21.74 18.71 -8.56
N ASN A 751 -21.66 19.68 -7.65
CA ASN A 751 -20.53 19.78 -6.74
C ASN A 751 -20.60 18.72 -5.64
N LEU A 752 -21.78 18.13 -5.43
CA LEU A 752 -22.04 17.21 -4.33
C LEU A 752 -22.14 15.78 -4.86
N THR A 753 -21.93 14.82 -3.97
CA THR A 753 -22.02 13.41 -4.32
C THR A 753 -22.41 12.61 -3.08
N GLN A 754 -22.70 11.34 -3.29
CA GLN A 754 -23.02 10.41 -2.22
C GLN A 754 -21.91 9.38 -2.09
N ILE A 755 -21.34 9.29 -0.89
CA ILE A 755 -20.37 8.28 -0.53
C ILE A 755 -21.06 7.15 0.21
N GLY A 756 -20.87 5.92 -0.29
CA GLY A 756 -21.27 4.74 0.44
C GLY A 756 -22.68 4.29 0.11
N GLY A 757 -23.04 3.16 0.70
CA GLY A 757 -24.37 2.66 0.59
C GLY A 757 -25.26 3.22 1.68
N LEU A 758 -26.09 2.38 2.28
CA LEU A 758 -27.02 2.82 3.30
C LEU A 758 -26.62 2.23 4.65
N ILE A 759 -26.73 3.03 5.69
CA ILE A 759 -26.37 2.60 7.04
C ILE A 759 -27.58 2.03 7.78
N ASP A 760 -28.66 2.80 7.85
CA ASP A 760 -29.89 2.35 8.46
C ASP A 760 -30.81 1.81 7.36
N SER A 761 -32.01 1.37 7.74
CA SER A 761 -32.97 0.85 6.78
C SER A 761 -34.37 1.08 7.35
N LYS A 762 -35.09 2.05 6.79
CA LYS A 762 -36.41 2.41 7.25
C LYS A 762 -37.26 2.76 6.04
N GLY A 763 -38.50 3.17 6.28
CA GLY A 763 -39.42 3.41 5.19
C GLY A 763 -40.50 4.41 5.52
N TYR A 764 -41.11 4.94 4.48
CA TYR A 764 -42.20 5.90 4.59
C TYR A 764 -43.52 5.19 4.33
N GLY A 765 -44.49 5.42 5.20
CA GLY A 765 -45.81 4.86 5.00
C GLY A 765 -46.87 5.88 5.35
N VAL A 766 -48.05 5.73 4.75
CA VAL A 766 -49.14 6.63 5.07
C VAL A 766 -49.67 6.32 6.45
N GLY A 767 -50.23 7.34 7.09
CA GLY A 767 -50.69 7.23 8.47
C GLY A 767 -52.20 7.12 8.53
N THR A 768 -52.69 6.30 9.43
CA THR A 768 -54.10 6.11 9.72
C THR A 768 -54.28 6.08 11.23
N PRO A 769 -55.47 6.40 11.72
CA PRO A 769 -55.78 6.14 13.13
C PRO A 769 -55.76 4.65 13.43
N MET A 770 -55.56 4.33 14.70
CA MET A 770 -55.46 2.93 15.10
C MET A 770 -56.83 2.27 15.01
N GLY A 771 -56.89 1.18 14.25
CA GLY A 771 -58.13 0.50 13.98
C GLY A 771 -58.90 0.99 12.77
N SER A 772 -58.29 1.83 11.94
CA SER A 772 -58.99 2.37 10.78
C SER A 772 -59.15 1.29 9.72
N PRO A 773 -60.28 1.28 9.01
CA PRO A 773 -60.48 0.35 7.88
C PRO A 773 -59.89 0.86 6.56
N TYR A 774 -58.65 1.37 6.63
CA TYR A 774 -57.96 1.84 5.45
C TYR A 774 -56.50 1.43 5.40
N ARG A 775 -55.91 0.91 6.49
CA ARG A 775 -54.53 0.46 6.43
C ARG A 775 -54.36 -0.77 5.56
N ASP A 776 -55.45 -1.49 5.28
CA ASP A 776 -55.41 -2.65 4.41
C ASP A 776 -55.80 -2.35 2.98
N LYS A 777 -56.74 -1.43 2.76
CA LYS A 777 -57.11 -1.05 1.40
C LYS A 777 -56.01 -0.27 0.71
N ILE A 778 -55.23 0.49 1.47
CA ILE A 778 -54.12 1.24 0.90
C ILE A 778 -52.92 0.33 0.66
N THR A 779 -52.72 -0.67 1.54
CA THR A 779 -51.68 -1.67 1.33
C THR A 779 -51.93 -2.46 0.04
N ILE A 780 -53.19 -2.77 -0.26
CA ILE A 780 -53.54 -3.32 -1.56
C ILE A 780 -53.25 -2.31 -2.67
N ALA A 781 -53.50 -1.04 -2.40
CA ALA A 781 -53.33 -0.01 -3.43
C ALA A 781 -51.86 0.27 -3.72
N ILE A 782 -51.02 0.32 -2.67
CA ILE A 782 -49.60 0.58 -2.87
C ILE A 782 -48.93 -0.60 -3.56
N LEU A 783 -49.32 -1.83 -3.19
CA LEU A 783 -48.78 -3.01 -3.86
C LEU A 783 -49.25 -3.11 -5.31
N GLN A 784 -50.42 -2.54 -5.62
CA GLN A 784 -50.87 -2.52 -7.01
C GLN A 784 -50.07 -1.52 -7.83
N LEU A 785 -49.74 -0.37 -7.25
CA LEU A 785 -48.94 0.62 -7.95
C LEU A 785 -47.46 0.26 -8.02
N GLN A 786 -47.02 -0.73 -7.24
CA GLN A 786 -45.65 -1.19 -7.32
C GLN A 786 -45.47 -2.26 -8.39
N GLU A 787 -46.49 -3.11 -8.58
CA GLU A 787 -46.45 -4.07 -9.67
C GLU A 787 -46.52 -3.38 -11.02
N GLU A 788 -47.22 -2.26 -11.10
CA GLU A 788 -47.39 -1.53 -12.35
C GLU A 788 -46.30 -0.48 -12.57
N GLY A 789 -45.31 -0.42 -11.69
CA GLY A 789 -44.18 0.47 -11.87
C GLY A 789 -44.48 1.94 -11.70
N LYS A 790 -45.61 2.29 -11.09
CA LYS A 790 -45.98 3.69 -11.00
C LYS A 790 -45.26 4.41 -9.88
N LEU A 791 -44.91 3.71 -8.80
CA LEU A 791 -44.06 4.29 -7.76
C LEU A 791 -42.67 4.62 -8.28
N HIS A 792 -42.14 3.83 -9.21
CA HIS A 792 -40.84 4.15 -9.78
C HIS A 792 -40.93 5.34 -10.71
N MET A 793 -42.01 5.44 -11.50
CA MET A 793 -42.13 6.54 -12.44
C MET A 793 -42.41 7.86 -11.73
N MET A 794 -43.09 7.81 -10.58
CA MET A 794 -43.33 9.03 -9.80
C MET A 794 -42.07 9.52 -9.12
N LYS A 795 -41.14 8.62 -8.82
CA LYS A 795 -39.91 9.07 -8.19
C LYS A 795 -38.93 9.62 -9.21
N GLU A 796 -38.92 9.08 -10.43
CA GLU A 796 -38.11 9.67 -11.49
C GLU A 796 -38.62 11.06 -11.86
N LYS A 797 -39.93 11.28 -11.72
CA LYS A 797 -40.54 12.55 -12.09
C LYS A 797 -40.10 13.69 -11.19
N TRP A 798 -39.90 13.41 -9.90
CA TRP A 798 -39.67 14.46 -8.92
C TRP A 798 -38.27 14.47 -8.32
N TRP A 799 -37.46 13.45 -8.56
CA TRP A 799 -36.09 13.45 -8.05
C TRP A 799 -35.03 13.69 -9.10
N ARG A 800 -35.29 13.36 -10.37
CA ARG A 800 -34.39 13.78 -11.43
C ARG A 800 -34.76 15.18 -11.88
N GLY A 801 -33.81 16.11 -11.80
CA GLY A 801 -34.02 17.41 -12.40
C GLY A 801 -32.79 17.92 -13.11
N ASN A 802 -32.90 18.12 -14.43
CA ASN A 802 -31.89 18.77 -15.28
C ASN A 802 -30.54 18.05 -15.19
N GLY A 803 -30.51 16.85 -15.80
CA GLY A 803 -29.41 15.90 -15.77
C GLY A 803 -28.01 16.46 -15.89
N CYS A 804 -27.08 15.88 -15.11
CA CYS A 804 -25.82 16.53 -14.80
C CYS A 804 -24.88 16.57 -16.00
N PRO A 805 -24.01 17.58 -16.07
CA PRO A 805 -22.93 17.61 -17.07
C PRO A 805 -21.72 16.74 -16.74
N GLU A 806 -21.96 15.70 -15.92
CA GLU A 806 -21.01 14.90 -15.14
C GLU A 806 -19.70 14.57 -15.84
N GLU A 807 -19.78 13.79 -16.93
CA GLU A 807 -18.65 13.48 -17.83
C GLU A 807 -17.47 12.85 -17.08
N GLU A 808 -17.68 11.64 -16.58
CA GLU A 808 -16.67 10.98 -15.77
C GLU A 808 -15.58 10.41 -16.67
N SER A 809 -14.53 11.21 -16.87
CA SER A 809 -13.27 10.74 -17.43
C SER A 809 -12.22 10.69 -16.32
N LYS A 810 -12.66 10.29 -15.13
CA LYS A 810 -11.86 10.36 -13.91
C LYS A 810 -10.80 9.26 -13.85
N GLU A 811 -10.91 8.23 -14.69
CA GLU A 811 -10.07 7.05 -14.56
C GLU A 811 -8.60 7.36 -14.86
N ALA A 812 -8.34 8.23 -15.86
CA ALA A 812 -7.17 9.09 -16.06
C ALA A 812 -5.81 8.53 -15.64
N SER A 813 -5.54 7.27 -16.00
CA SER A 813 -4.36 6.60 -15.47
C SER A 813 -3.12 6.85 -16.30
N ALA A 814 -3.24 6.91 -17.62
CA ALA A 814 -2.09 7.17 -18.46
C ALA A 814 -1.68 8.63 -18.37
N LEU A 815 -0.39 8.89 -18.62
CA LEU A 815 0.09 10.25 -18.69
C LEU A 815 -0.41 10.91 -19.96
N GLY A 816 -0.91 12.14 -19.83
CA GLY A 816 -1.52 12.82 -20.95
C GLY A 816 -0.99 14.21 -21.17
N VAL A 817 -1.71 15.01 -21.97
CA VAL A 817 -1.29 16.36 -22.27
C VAL A 817 -1.38 17.24 -21.04
N GLN A 818 -2.33 16.97 -20.15
CA GLN A 818 -2.42 17.69 -18.89
C GLN A 818 -1.35 17.28 -17.88
N ASN A 819 -0.64 16.19 -18.13
CA ASN A 819 0.38 15.68 -17.21
C ASN A 819 1.77 16.16 -17.57
N ILE A 820 2.26 15.83 -18.77
CA ILE A 820 3.63 16.22 -19.10
C ILE A 820 3.54 17.60 -19.71
N GLY A 821 2.98 17.69 -20.92
CA GLY A 821 2.51 18.92 -21.51
C GLY A 821 3.57 19.95 -21.85
N GLY A 822 4.29 20.40 -20.84
CA GLY A 822 5.25 21.46 -20.92
C GLY A 822 6.57 21.10 -21.51
N ILE A 823 6.81 19.81 -21.73
CA ILE A 823 8.00 19.41 -22.45
C ILE A 823 7.87 19.72 -23.93
N PHE A 824 6.65 19.97 -24.42
CA PHE A 824 6.42 20.45 -25.76
C PHE A 824 6.53 21.97 -25.86
N ILE A 825 6.26 22.67 -24.77
CA ILE A 825 6.46 24.12 -24.74
C ILE A 825 7.94 24.45 -24.74
N VAL A 826 8.72 23.78 -23.89
CA VAL A 826 10.16 24.04 -23.84
C VAL A 826 10.87 23.45 -25.05
N LEU A 827 10.23 22.50 -25.74
CA LEU A 827 10.73 22.10 -27.05
C LEU A 827 10.54 23.22 -28.06
N ALA A 828 9.30 23.70 -28.21
CA ALA A 828 9.00 24.72 -29.19
C ALA A 828 9.62 26.07 -28.84
N ALA A 829 9.89 26.32 -27.56
CA ALA A 829 10.68 27.50 -27.20
C ALA A 829 12.12 27.34 -27.61
N GLY A 830 12.61 26.10 -27.67
CA GLY A 830 13.98 25.87 -28.12
C GLY A 830 14.13 25.85 -29.62
N LEU A 831 13.08 25.48 -30.34
CA LEU A 831 13.16 25.54 -31.80
C LEU A 831 13.11 26.97 -32.30
N VAL A 832 12.40 27.84 -31.59
CA VAL A 832 12.32 29.24 -32.00
C VAL A 832 13.63 29.96 -31.68
N LEU A 833 14.25 29.62 -30.54
CA LEU A 833 15.52 30.23 -30.13
C LEU A 833 16.64 29.91 -31.11
N SER A 834 16.63 28.71 -31.68
CA SER A 834 17.67 28.32 -32.62
C SER A 834 17.54 29.00 -33.98
N VAL A 835 16.34 29.45 -34.35
CA VAL A 835 16.19 30.18 -35.60
C VAL A 835 16.82 31.55 -35.48
N PHE A 836 16.72 32.17 -34.30
CA PHE A 836 17.35 33.47 -34.08
C PHE A 836 18.87 33.37 -34.02
N VAL A 837 19.39 32.21 -33.64
CA VAL A 837 20.84 32.01 -33.66
C VAL A 837 21.31 31.73 -35.08
N ALA A 838 20.51 31.03 -35.88
CA ALA A 838 20.88 30.74 -37.27
C ALA A 838 20.87 31.99 -38.13
N VAL A 839 20.01 32.95 -37.80
CA VAL A 839 20.09 34.26 -38.45
C VAL A 839 21.36 34.98 -38.02
N GLY A 840 21.72 34.89 -36.75
CA GLY A 840 22.94 35.53 -36.27
C GLY A 840 24.20 34.92 -36.85
N GLU A 841 24.18 33.62 -37.12
CA GLU A 841 25.31 32.99 -37.79
C GLU A 841 25.37 33.36 -39.26
N PHE A 842 24.22 33.57 -39.88
CA PHE A 842 24.17 33.95 -41.29
C PHE A 842 24.65 35.39 -41.49
N LEU A 843 24.44 36.25 -40.50
CA LEU A 843 24.83 37.64 -40.64
C LEU A 843 26.28 37.88 -40.22
N TYR A 844 26.75 37.16 -39.19
CA TYR A 844 28.11 37.36 -38.71
C TYR A 844 29.13 36.82 -39.70
N LYS A 845 28.81 35.73 -40.38
CA LYS A 845 29.72 35.19 -41.38
C LYS A 845 29.74 36.08 -42.63
N SER A 846 28.58 36.61 -43.02
CA SER A 846 28.52 37.46 -44.21
C SER A 846 29.15 38.81 -43.97
N LYS A 847 29.08 39.33 -42.74
CA LYS A 847 29.74 40.59 -42.42
C LYS A 847 31.25 40.42 -42.41
N LYS A 848 31.73 39.28 -41.94
CA LYS A 848 33.14 38.96 -42.09
C LYS A 848 33.49 38.65 -43.54
N ASN A 849 32.53 38.15 -44.31
CA ASN A 849 32.76 37.92 -45.73
C ASN A 849 32.75 39.25 -46.50
N ALA A 850 31.93 40.20 -46.08
CA ALA A 850 31.92 41.53 -46.67
C ALA A 850 32.94 42.46 -46.04
N GLN A 851 33.78 41.97 -45.14
CA GLN A 851 34.90 42.77 -44.66
C GLN A 851 36.03 42.80 -45.67
N LEU A 852 36.13 41.80 -46.54
CA LEU A 852 37.29 41.63 -47.41
C LEU A 852 36.98 42.01 -48.86
N GLU A 853 35.87 41.54 -49.44
CA GLU A 853 35.58 41.78 -50.84
C GLU A 853 34.38 42.68 -51.06
N LYS A 854 33.22 42.31 -50.53
CA LYS A 854 31.97 42.98 -50.86
C LYS A 854 31.74 44.14 -49.90
N ARG A 855 30.62 44.84 -50.02
CA ARG A 855 30.41 45.94 -49.08
C ARG A 855 29.51 45.60 -47.90
N SER A 856 28.21 45.38 -48.14
CA SER A 856 27.30 45.10 -47.03
C SER A 856 26.31 43.97 -47.30
N PHE A 857 25.76 43.92 -48.52
CA PHE A 857 24.54 43.18 -48.77
C PHE A 857 24.63 42.20 -49.93
N CYS A 858 25.43 42.50 -50.95
CA CYS A 858 25.56 41.58 -52.07
C CYS A 858 26.39 40.35 -51.72
N SER A 859 27.15 40.40 -50.63
CA SER A 859 27.70 39.17 -50.07
C SER A 859 26.60 38.29 -49.48
N ALA A 860 25.60 38.92 -48.86
CA ALA A 860 24.50 38.15 -48.27
C ALA A 860 23.57 37.61 -49.34
N MET A 861 23.44 38.32 -50.47
CA MET A 861 22.54 37.86 -51.53
C MET A 861 23.09 36.63 -52.23
N VAL A 862 24.41 36.58 -52.45
CA VAL A 862 25.00 35.41 -53.10
C VAL A 862 25.18 34.25 -52.13
N GLU A 863 25.06 34.49 -50.82
CA GLU A 863 25.17 33.39 -49.87
C GLU A 863 23.84 32.65 -49.74
N GLU A 864 22.72 33.33 -49.97
CA GLU A 864 21.44 32.63 -50.08
C GLU A 864 21.38 31.76 -51.34
N LEU A 865 22.18 32.10 -52.35
CA LEU A 865 22.16 31.33 -53.59
C LEU A 865 22.85 29.98 -53.43
N ARG A 866 24.04 29.98 -52.82
CA ARG A 866 24.80 28.74 -52.65
C ARG A 866 24.12 27.77 -51.70
N MET A 867 23.34 28.29 -50.75
CA MET A 867 22.53 27.46 -49.88
C MET A 867 21.28 26.94 -50.58
N SER A 868 20.89 27.57 -51.68
CA SER A 868 19.76 27.11 -52.48
C SER A 868 20.15 26.07 -53.53
N LEU A 869 21.45 25.77 -53.66
CA LEU A 869 21.89 24.67 -54.52
C LEU A 869 21.39 23.36 -53.97
N LYS A 870 20.84 22.51 -54.84
CA LYS A 870 20.17 21.28 -54.44
C LYS A 870 21.15 20.10 -54.42
N CYS A 871 22.32 20.33 -53.82
CA CYS A 871 23.39 19.36 -53.78
C CYS A 871 24.38 19.76 -52.71
N GLN A 872 25.36 18.89 -52.49
CA GLN A 872 26.43 19.13 -51.51
C GLN A 872 27.64 19.82 -52.12
N ARG A 873 27.38 20.90 -52.88
CA ARG A 873 28.44 21.69 -53.49
C ARG A 873 28.18 23.16 -53.18
N ARG A 874 29.22 23.85 -52.71
CA ARG A 874 29.15 25.19 -52.12
C ARG A 874 28.08 25.27 -51.02
N SER B 429 -28.64 0.17 54.16
CA SER B 429 -28.23 1.48 53.66
C SER B 429 -27.73 2.36 54.80
N ASN B 430 -26.43 2.25 55.09
CA ASN B 430 -25.80 3.04 56.14
C ASN B 430 -25.41 4.41 55.59
N ARG B 431 -24.57 5.12 56.34
CA ARG B 431 -24.14 6.45 55.94
C ARG B 431 -23.22 6.37 54.72
N SER B 432 -22.97 7.54 54.12
CA SER B 432 -22.24 7.60 52.87
C SER B 432 -20.76 7.37 53.08
N LEU B 433 -20.07 6.96 52.02
CA LEU B 433 -18.63 6.72 52.07
C LEU B 433 -17.89 7.93 51.56
N ILE B 434 -16.81 8.29 52.25
CA ILE B 434 -15.95 9.39 51.87
C ILE B 434 -14.80 8.84 51.04
N VAL B 435 -14.78 9.18 49.76
CA VAL B 435 -13.80 8.65 48.82
C VAL B 435 -12.76 9.73 48.56
N THR B 436 -11.57 9.58 49.14
CA THR B 436 -10.51 10.52 48.87
C THR B 436 -9.87 10.22 47.51
N THR B 437 -9.43 11.28 46.84
CA THR B 437 -9.10 11.21 45.42
C THR B 437 -8.24 12.42 45.05
N ILE B 438 -7.20 12.18 44.23
CA ILE B 438 -6.37 13.24 43.70
C ILE B 438 -6.76 13.47 42.24
N LEU B 439 -6.34 14.59 41.68
CA LEU B 439 -6.63 14.92 40.29
C LEU B 439 -5.48 14.45 39.39
N GLU B 440 -5.80 13.56 38.46
CA GLU B 440 -4.86 13.15 37.42
C GLU B 440 -5.63 12.93 36.13
N GLU B 441 -5.04 13.32 35.04
CA GLU B 441 -5.64 13.00 33.75
C GLU B 441 -5.02 11.73 33.21
N PRO B 442 -5.80 10.77 32.69
CA PRO B 442 -7.25 10.71 32.51
C PRO B 442 -7.97 9.96 33.62
N TYR B 443 -7.52 10.14 34.85
CA TYR B 443 -8.10 9.38 35.95
C TYR B 443 -9.29 10.10 36.57
N VAL B 444 -9.06 11.32 37.10
CA VAL B 444 -10.11 12.17 37.66
C VAL B 444 -9.82 13.60 37.23
N LEU B 445 -10.78 14.26 36.59
CA LEU B 445 -10.62 15.62 36.11
C LEU B 445 -11.96 16.33 36.14
N PHE B 446 -11.91 17.66 36.20
CA PHE B 446 -13.13 18.44 36.20
C PHE B 446 -13.81 18.41 34.83
N LYS B 447 -15.13 18.41 34.83
CA LYS B 447 -15.88 18.47 33.58
C LYS B 447 -15.86 19.90 33.04
N LYS B 448 -15.85 20.00 31.71
CA LYS B 448 -15.78 21.29 31.02
C LYS B 448 -17.21 21.71 30.69
N SER B 449 -17.80 22.50 31.58
CA SER B 449 -19.16 23.00 31.38
C SER B 449 -19.34 24.26 32.22
N ASP B 450 -20.45 24.93 31.99
CA ASP B 450 -20.84 26.11 32.76
C ASP B 450 -21.71 25.66 33.93
N LYS B 451 -22.36 26.62 34.61
CA LYS B 451 -23.23 26.45 35.78
C LYS B 451 -22.45 25.79 36.91
N PRO B 452 -21.55 26.51 37.59
CA PRO B 452 -20.56 25.86 38.47
C PRO B 452 -21.17 25.21 39.71
N LEU B 453 -20.30 24.45 40.41
CA LEU B 453 -20.60 23.75 41.65
C LEU B 453 -21.76 22.77 41.47
N TYR B 454 -21.52 21.73 40.66
CA TYR B 454 -22.47 20.63 40.54
C TYR B 454 -22.61 19.90 41.87
N GLY B 455 -21.52 19.33 42.37
CA GLY B 455 -21.56 18.50 43.57
C GLY B 455 -21.76 17.05 43.18
N ASN B 456 -20.70 16.23 43.31
CA ASN B 456 -20.59 14.82 42.91
C ASN B 456 -20.71 14.62 41.39
N ASP B 457 -20.90 15.68 40.62
CA ASP B 457 -20.92 15.60 39.17
C ASP B 457 -19.87 16.54 38.61
N ARG B 458 -19.04 17.13 39.46
CA ARG B 458 -17.94 17.98 39.04
C ARG B 458 -16.76 17.20 38.49
N PHE B 459 -16.81 15.86 38.52
CA PHE B 459 -15.66 15.03 38.20
C PHE B 459 -16.04 14.00 37.13
N GLU B 460 -15.05 13.64 36.32
CA GLU B 460 -15.18 12.52 35.40
C GLU B 460 -13.79 11.93 35.15
N GLY B 461 -13.76 10.77 34.52
CA GLY B 461 -12.51 10.14 34.16
C GLY B 461 -12.59 8.64 34.31
N TYR B 462 -11.42 8.01 34.46
CA TYR B 462 -11.37 6.57 34.62
C TYR B 462 -11.85 6.14 36.00
N CYS B 463 -11.31 6.77 37.05
CA CYS B 463 -11.66 6.39 38.41
C CYS B 463 -13.09 6.73 38.78
N ILE B 464 -13.69 7.69 38.07
CA ILE B 464 -15.10 7.99 38.30
C ILE B 464 -15.98 6.91 37.68
N ASP B 465 -15.61 6.45 36.48
CA ASP B 465 -16.34 5.34 35.86
C ASP B 465 -16.09 4.04 36.59
N LEU B 466 -14.93 3.90 37.24
CA LEU B 466 -14.67 2.72 38.05
C LEU B 466 -15.51 2.74 39.33
N LEU B 467 -15.66 3.91 39.94
CA LEU B 467 -16.51 4.05 41.12
C LEU B 467 -17.98 3.79 40.82
N ARG B 468 -18.41 4.10 39.59
CA ARG B 468 -19.82 3.94 39.24
C ARG B 468 -20.24 2.48 39.21
N GLU B 469 -19.39 1.59 38.69
CA GLU B 469 -19.71 0.18 38.64
C GLU B 469 -19.28 -0.56 39.89
N LEU B 470 -18.57 0.10 40.81
CA LEU B 470 -18.45 -0.44 42.16
C LEU B 470 -19.71 -0.20 42.96
N SER B 471 -20.39 0.93 42.72
CA SER B 471 -21.66 1.23 43.34
C SER B 471 -22.82 0.47 42.72
N THR B 472 -22.59 -0.22 41.61
CA THR B 472 -23.59 -1.10 41.02
C THR B 472 -23.47 -2.53 41.57
N ILE B 473 -22.24 -3.04 41.68
CA ILE B 473 -22.04 -4.36 42.24
C ILE B 473 -22.25 -4.34 43.75
N LEU B 474 -21.49 -3.53 44.46
CA LEU B 474 -21.76 -3.26 45.86
C LEU B 474 -22.85 -2.20 45.97
N GLY B 475 -23.23 -1.86 47.20
CA GLY B 475 -24.15 -0.77 47.42
C GLY B 475 -23.62 0.23 48.41
N PHE B 476 -23.33 1.44 47.95
CA PHE B 476 -22.81 2.51 48.78
C PHE B 476 -23.00 3.83 48.06
N THR B 477 -22.58 4.91 48.72
CA THR B 477 -22.77 6.27 48.20
C THR B 477 -21.54 7.13 48.43
N TYR B 478 -21.53 8.27 47.74
CA TYR B 478 -20.43 9.20 47.51
C TYR B 478 -20.39 10.32 48.54
N GLU B 479 -20.06 11.54 48.08
CA GLU B 479 -19.22 12.61 48.63
C GLU B 479 -17.78 12.22 48.37
N ILE B 480 -17.49 12.07 47.08
CA ILE B 480 -16.15 12.13 46.54
C ILE B 480 -15.51 13.43 47.02
N ARG B 481 -14.42 13.32 47.76
CA ARG B 481 -13.78 14.48 48.34
C ARG B 481 -12.31 14.51 47.93
N LEU B 482 -11.87 15.66 47.46
CA LEU B 482 -10.47 15.80 47.08
C LEU B 482 -9.61 15.84 48.34
N VAL B 483 -8.37 15.45 48.18
CA VAL B 483 -7.41 15.52 49.27
C VAL B 483 -6.97 16.97 49.41
N GLU B 484 -6.81 17.42 50.65
CA GLU B 484 -6.45 18.80 50.94
C GLU B 484 -4.95 19.05 50.85
N ASP B 485 -4.18 18.08 50.36
CA ASP B 485 -2.75 18.23 50.20
C ASP B 485 -2.28 18.09 48.76
N GLY B 486 -3.05 17.44 47.90
CA GLY B 486 -2.63 17.23 46.52
C GLY B 486 -1.47 16.27 46.39
N LYS B 487 -1.31 15.35 47.34
CA LYS B 487 -0.22 14.38 47.34
C LYS B 487 -0.81 12.98 47.44
N TYR B 488 0.05 11.99 47.25
CA TYR B 488 -0.35 10.59 47.39
C TYR B 488 -0.10 10.08 48.80
N GLY B 489 1.15 10.16 49.25
CA GLY B 489 1.51 9.73 50.59
C GLY B 489 2.92 9.22 50.66
N ALA B 490 3.66 9.62 51.68
CA ALA B 490 5.05 9.23 51.83
C ALA B 490 5.43 9.34 53.30
N GLN B 491 6.71 9.10 53.58
CA GLN B 491 7.22 9.09 54.94
C GLN B 491 8.09 10.30 55.18
N ASP B 492 7.86 10.96 56.32
CA ASP B 492 8.56 12.19 56.67
C ASP B 492 9.98 11.93 57.16
N ASP B 493 10.27 10.70 57.58
CA ASP B 493 11.59 10.14 57.90
C ASP B 493 12.20 10.67 59.20
N VAL B 494 11.56 11.65 59.82
CA VAL B 494 11.95 12.13 61.14
C VAL B 494 10.72 12.15 62.06
N ASN B 495 9.62 12.73 61.58
CA ASN B 495 8.42 12.82 62.39
C ASN B 495 7.73 11.47 62.52
N GLY B 496 7.94 10.58 61.57
CA GLY B 496 7.08 9.43 61.42
C GLY B 496 5.72 9.77 60.88
N GLN B 497 5.65 10.83 60.07
CA GLN B 497 4.38 11.39 59.63
C GLN B 497 4.07 10.96 58.20
N TRP B 498 2.81 10.67 57.95
CA TRP B 498 2.33 10.32 56.62
C TRP B 498 1.59 11.49 56.00
N ASN B 499 1.67 11.58 54.68
CA ASN B 499 1.08 12.67 53.91
C ASN B 499 0.01 12.12 52.98
N GLY B 500 -0.48 12.98 52.10
CA GLY B 500 -1.28 12.63 50.95
C GLY B 500 -2.61 11.97 51.29
N MET B 501 -3.02 11.03 50.44
CA MET B 501 -4.26 10.32 50.66
C MET B 501 -4.15 9.34 51.81
N VAL B 502 -2.99 8.69 51.95
CA VAL B 502 -2.87 7.60 52.92
C VAL B 502 -2.86 8.11 54.35
N ARG B 503 -2.60 9.39 54.57
CA ARG B 503 -2.82 9.98 55.88
C ARG B 503 -4.31 10.07 56.20
N GLU B 504 -5.14 10.26 55.19
CA GLU B 504 -6.59 10.25 55.36
C GLU B 504 -7.17 8.84 55.41
N LEU B 505 -6.34 7.81 55.21
CA LEU B 505 -6.78 6.44 55.41
C LEU B 505 -6.40 5.93 56.79
N ILE B 506 -5.26 6.36 57.32
CA ILE B 506 -4.85 5.97 58.67
C ILE B 506 -5.81 6.54 59.70
N ASP B 507 -5.89 7.87 59.77
CA ASP B 507 -6.94 8.52 60.52
C ASP B 507 -8.21 8.44 59.68
N HIS B 508 -9.28 7.88 60.26
CA HIS B 508 -10.43 7.49 59.46
C HIS B 508 -11.27 8.69 59.03
N LYS B 509 -10.71 9.53 58.17
CA LYS B 509 -11.41 10.66 57.59
C LYS B 509 -11.97 10.36 56.21
N ALA B 510 -11.50 9.29 55.56
CA ALA B 510 -12.04 8.82 54.31
C ALA B 510 -12.29 7.32 54.42
N ASP B 511 -12.90 6.76 53.39
CA ASP B 511 -13.23 5.34 53.39
C ASP B 511 -12.57 4.58 52.25
N LEU B 512 -12.60 5.13 51.04
CA LEU B 512 -11.94 4.51 49.90
C LEU B 512 -10.98 5.52 49.28
N ALA B 513 -10.08 5.03 48.45
CA ALA B 513 -9.03 5.85 47.85
C ALA B 513 -8.87 5.53 46.38
N VAL B 514 -9.97 5.54 45.64
CA VAL B 514 -9.96 5.17 44.23
C VAL B 514 -9.22 6.26 43.46
N ALA B 515 -7.97 5.99 43.10
CA ALA B 515 -7.01 6.93 42.54
C ALA B 515 -5.80 6.12 42.03
N PRO B 516 -4.87 6.72 41.27
CA PRO B 516 -3.61 6.01 40.99
C PRO B 516 -2.72 5.89 42.21
N LEU B 517 -3.07 4.99 43.12
CA LEU B 517 -2.31 4.75 44.33
C LEU B 517 -1.63 3.41 44.17
N ALA B 518 -0.32 3.43 43.94
CA ALA B 518 0.40 2.23 43.60
C ALA B 518 0.62 1.35 44.83
N ILE B 519 0.57 0.04 44.63
CA ILE B 519 0.76 -0.90 45.72
C ILE B 519 2.25 -1.00 46.02
N THR B 520 2.64 -0.58 47.22
CA THR B 520 4.04 -0.48 47.58
C THR B 520 4.21 -1.24 48.89
N TYR B 521 5.46 -1.65 49.17
CA TYR B 521 5.76 -2.38 50.41
C TYR B 521 5.52 -1.51 51.64
N VAL B 522 5.94 -0.25 51.60
CA VAL B 522 5.79 0.60 52.77
C VAL B 522 4.36 1.09 52.96
N ARG B 523 3.52 1.02 51.93
CA ARG B 523 2.13 1.43 52.07
C ARG B 523 1.27 0.29 52.60
N GLU B 524 1.53 -0.94 52.14
CA GLU B 524 0.77 -2.10 52.57
C GLU B 524 0.99 -2.43 54.05
N LYS B 525 2.11 -2.00 54.62
CA LYS B 525 2.35 -2.19 56.04
C LYS B 525 1.54 -1.25 56.92
N VAL B 526 0.87 -0.25 56.35
CA VAL B 526 0.10 0.69 57.15
C VAL B 526 -1.36 0.84 56.70
N ILE B 527 -1.69 0.55 55.45
CA ILE B 527 -3.08 0.50 54.98
C ILE B 527 -3.28 -0.83 54.27
N ASP B 528 -4.47 -1.00 53.70
CA ASP B 528 -4.77 -2.18 52.91
C ASP B 528 -5.15 -1.78 51.50
N PHE B 529 -4.68 -2.56 50.53
CA PHE B 529 -5.03 -2.39 49.13
C PHE B 529 -5.88 -3.56 48.67
N SER B 530 -6.69 -3.30 47.66
CA SER B 530 -7.42 -4.38 47.01
C SER B 530 -6.50 -5.03 45.96
N LYS B 531 -7.02 -5.95 45.19
CA LYS B 531 -6.21 -6.46 44.10
C LYS B 531 -6.22 -5.45 42.95
N PRO B 532 -5.18 -5.44 42.11
CA PRO B 532 -5.02 -4.33 41.15
C PRO B 532 -6.09 -4.29 40.07
N PHE B 533 -6.47 -3.07 39.70
CA PHE B 533 -7.32 -2.83 38.55
C PHE B 533 -6.54 -2.34 37.34
N MET B 534 -5.23 -2.15 37.48
CA MET B 534 -4.41 -1.70 36.36
C MET B 534 -2.96 -2.09 36.64
N THR B 535 -2.32 -2.69 35.65
CA THR B 535 -0.90 -3.01 35.71
C THR B 535 -0.11 -1.93 34.98
N LEU B 536 1.13 -1.72 35.41
CA LEU B 536 1.98 -0.70 34.83
C LEU B 536 3.43 -1.04 35.10
N GLY B 537 4.31 -0.15 34.66
CA GLY B 537 5.72 -0.33 34.87
C GLY B 537 6.48 0.86 34.34
N ILE B 538 7.81 0.76 34.37
CA ILE B 538 8.67 1.81 33.88
C ILE B 538 8.98 1.53 32.41
N SER B 539 8.85 2.56 31.57
CA SER B 539 9.22 2.47 30.17
C SER B 539 9.87 3.78 29.75
N ILE B 540 10.06 3.98 28.45
CA ILE B 540 10.88 5.06 27.92
C ILE B 540 10.07 5.88 26.94
N LEU B 541 10.04 7.20 27.12
CA LEU B 541 9.66 8.12 26.05
C LEU B 541 10.88 8.50 25.23
N TYR B 542 10.65 8.66 23.93
CA TYR B 542 11.65 9.19 23.01
C TYR B 542 10.90 9.74 21.81
N ARG B 543 11.51 10.67 21.11
CA ARG B 543 10.87 11.29 19.96
C ARG B 543 10.80 10.28 18.81
N LYS B 544 9.67 10.28 18.11
CA LYS B 544 9.45 9.33 17.04
C LYS B 544 10.39 9.63 15.87
N PRO B 545 10.93 8.59 15.22
CA PRO B 545 11.85 8.83 14.09
C PRO B 545 11.15 9.49 12.93
N ASN B 546 11.92 10.25 12.15
CA ASN B 546 11.32 11.25 11.27
C ASN B 546 11.73 11.10 9.82
N GLY B 547 12.98 10.77 9.55
CA GLY B 547 13.45 10.68 8.18
C GLY B 547 13.64 12.03 7.52
N THR B 548 14.14 13.00 8.28
CA THR B 548 14.39 14.34 7.76
C THR B 548 15.82 14.52 7.29
N ASN B 549 16.80 14.01 8.02
CA ASN B 549 18.20 14.01 7.59
C ASN B 549 18.66 12.57 7.42
N PRO B 550 18.50 11.98 6.23
CA PRO B 550 19.06 10.65 6.00
C PRO B 550 20.55 10.66 5.74
N GLY B 551 21.15 11.83 5.60
CA GLY B 551 22.55 11.95 5.23
C GLY B 551 22.69 12.71 3.93
N VAL B 552 23.79 13.44 3.75
CA VAL B 552 24.02 14.12 2.49
C VAL B 552 24.40 13.12 1.41
N PHE B 553 24.89 11.95 1.82
CA PHE B 553 24.99 10.75 1.02
C PHE B 553 23.67 10.01 1.11
N SER B 554 23.71 8.69 0.91
CA SER B 554 22.60 7.74 1.05
C SER B 554 21.66 7.88 -0.14
N PHE B 555 22.23 8.32 -1.26
CA PHE B 555 21.82 7.88 -2.58
C PHE B 555 22.45 6.51 -2.78
N LEU B 556 23.48 6.25 -1.97
CA LEU B 556 24.30 5.07 -2.02
C LEU B 556 23.69 3.90 -1.26
N ASN B 557 22.47 4.07 -0.71
CA ASN B 557 21.83 2.99 0.03
C ASN B 557 21.50 1.74 -0.78
N PRO B 558 20.75 1.80 -1.97
CA PRO B 558 20.09 0.58 -2.49
C PRO B 558 20.96 -0.61 -2.84
N LEU B 559 22.27 -0.41 -2.91
CA LEU B 559 23.21 -1.50 -3.01
C LEU B 559 24.01 -1.59 -1.72
N SER B 560 24.27 -2.81 -1.28
CA SER B 560 25.06 -3.02 -0.07
C SER B 560 26.51 -2.61 -0.32
N PRO B 561 27.26 -2.24 0.73
CA PRO B 561 28.65 -1.80 0.51
C PRO B 561 29.59 -2.88 0.02
N ASP B 562 29.21 -4.15 0.08
CA ASP B 562 29.98 -5.19 -0.60
C ASP B 562 29.79 -5.07 -2.11
N ILE B 563 28.59 -4.73 -2.55
CA ILE B 563 28.30 -4.62 -3.97
C ILE B 563 29.00 -3.42 -4.59
N TRP B 564 29.06 -2.31 -3.86
CA TRP B 564 29.80 -1.14 -4.35
C TRP B 564 31.29 -1.42 -4.46
N MET B 565 31.84 -2.28 -3.61
CA MET B 565 33.25 -2.63 -3.73
C MET B 565 33.48 -3.68 -4.79
N TYR B 566 32.55 -4.62 -4.98
CA TYR B 566 32.74 -5.68 -5.95
C TYR B 566 32.61 -5.20 -7.39
N VAL B 567 32.01 -4.03 -7.62
CA VAL B 567 31.95 -3.50 -8.97
C VAL B 567 33.17 -2.66 -9.31
N LEU B 568 33.93 -2.21 -8.31
CA LEU B 568 35.26 -1.68 -8.61
C LEU B 568 36.22 -2.81 -8.96
N LEU B 569 36.19 -3.89 -8.18
CA LEU B 569 37.05 -5.03 -8.45
C LEU B 569 36.67 -5.73 -9.75
N ALA B 570 35.42 -5.63 -10.17
CA ALA B 570 35.04 -6.12 -11.49
C ALA B 570 35.55 -5.18 -12.58
N CYS B 571 35.42 -3.87 -12.36
CA CYS B 571 35.83 -2.90 -13.37
C CYS B 571 37.35 -2.87 -13.51
N LEU B 572 38.07 -3.01 -12.41
CA LEU B 572 39.52 -3.12 -12.48
C LEU B 572 39.94 -4.47 -13.05
N GLY B 573 39.16 -5.52 -12.78
CA GLY B 573 39.52 -6.85 -13.23
C GLY B 573 39.30 -7.09 -14.70
N VAL B 574 38.15 -6.66 -15.22
CA VAL B 574 37.83 -6.80 -16.64
C VAL B 574 38.79 -5.97 -17.49
N SER B 575 39.17 -4.79 -16.99
CA SER B 575 40.10 -3.93 -17.70
C SER B 575 41.49 -4.53 -17.78
N CYS B 576 41.89 -5.32 -16.79
CA CYS B 576 43.18 -6.00 -16.86
C CYS B 576 43.13 -7.19 -17.81
N VAL B 577 42.01 -7.90 -17.86
CA VAL B 577 41.91 -9.04 -18.77
C VAL B 577 41.78 -8.57 -20.21
N LEU B 578 41.04 -7.48 -20.42
CA LEU B 578 40.90 -6.90 -21.76
C LEU B 578 42.23 -6.42 -22.31
N PHE B 579 43.13 -5.97 -21.44
CA PHE B 579 44.48 -5.62 -21.88
C PHE B 579 45.27 -6.86 -22.29
N VAL B 580 45.12 -7.96 -21.56
CA VAL B 580 45.90 -9.16 -21.84
C VAL B 580 45.37 -9.86 -23.08
N ILE B 581 44.05 -9.96 -23.23
CA ILE B 581 43.46 -10.65 -24.37
C ILE B 581 43.74 -9.91 -25.66
N ALA B 582 43.70 -8.58 -25.64
CA ALA B 582 43.89 -7.81 -26.87
C ALA B 582 45.34 -7.85 -27.35
N ARG B 583 46.30 -7.94 -26.44
CA ARG B 583 47.69 -8.10 -26.87
C ARG B 583 47.95 -9.51 -27.38
N PHE B 584 47.32 -10.50 -26.76
CA PHE B 584 47.53 -11.90 -27.14
C PHE B 584 46.79 -12.27 -28.41
N SER B 585 45.75 -11.53 -28.78
CA SER B 585 44.97 -11.91 -29.94
C SER B 585 45.60 -11.33 -31.21
N PRO B 586 45.67 -12.11 -32.29
CA PRO B 586 46.25 -11.57 -33.53
C PRO B 586 45.35 -10.58 -34.24
N TYR B 587 44.04 -10.81 -34.20
CA TYR B 587 43.09 -10.03 -34.99
C TYR B 587 42.82 -8.65 -34.44
N GLU B 588 43.39 -8.30 -33.29
CA GLU B 588 43.25 -6.95 -32.78
C GLU B 588 44.35 -6.03 -33.32
N TRP B 589 45.53 -6.56 -33.58
CA TRP B 589 46.59 -5.83 -34.24
C TRP B 589 46.19 -5.59 -35.70
N TYR B 590 45.83 -4.36 -36.02
CA TYR B 590 45.34 -4.02 -37.35
C TYR B 590 46.26 -3.00 -37.99
N ASN B 591 45.93 -2.65 -39.23
CA ASN B 591 46.70 -1.67 -39.99
C ASN B 591 46.05 -0.30 -39.81
N PRO B 592 46.71 0.66 -39.19
CA PRO B 592 46.17 2.01 -39.09
C PRO B 592 46.31 2.73 -40.43
N HIS B 593 45.76 3.95 -40.46
CA HIS B 593 45.83 4.91 -41.55
C HIS B 593 45.34 4.32 -42.87
N PRO B 594 44.03 4.13 -43.05
CA PRO B 594 43.55 3.53 -44.31
C PRO B 594 43.65 4.44 -45.51
N CYS B 595 43.95 5.73 -45.29
CA CYS B 595 44.34 6.64 -46.36
C CYS B 595 45.47 6.08 -47.21
N ASN B 596 46.47 5.50 -46.55
CA ASN B 596 47.66 4.94 -47.20
C ASN B 596 47.67 3.44 -46.96
N PRO B 597 47.07 2.64 -47.82
CA PRO B 597 47.16 1.19 -47.68
C PRO B 597 48.52 0.70 -48.16
N ASP B 598 48.76 -0.60 -47.98
CA ASP B 598 50.01 -1.28 -48.30
C ASP B 598 51.19 -0.63 -47.58
N SER B 599 51.12 -0.63 -46.26
CA SER B 599 52.17 -0.12 -45.39
C SER B 599 52.67 -1.28 -44.54
N ASP B 600 53.54 -0.95 -43.58
CA ASP B 600 54.08 -1.95 -42.66
C ASP B 600 53.89 -1.50 -41.22
N VAL B 601 52.97 -0.56 -41.00
CA VAL B 601 52.64 -0.10 -39.65
C VAL B 601 51.48 -0.94 -39.13
N VAL B 602 51.59 -1.36 -37.86
CA VAL B 602 50.57 -2.16 -37.20
C VAL B 602 50.39 -1.60 -35.79
N GLU B 603 49.16 -1.22 -35.44
CA GLU B 603 48.88 -0.64 -34.15
C GLU B 603 47.93 -1.50 -33.33
N ASN B 604 47.93 -1.25 -32.03
CA ASN B 604 46.97 -1.82 -31.09
C ASN B 604 46.40 -0.66 -30.28
N ASN B 605 45.08 -0.47 -30.35
CA ASN B 605 44.46 0.63 -29.64
C ASN B 605 44.34 0.37 -28.15
N PHE B 606 44.31 -0.89 -27.73
CA PHE B 606 44.12 -1.21 -26.33
C PHE B 606 45.46 -1.12 -25.62
N THR B 607 45.74 0.06 -25.08
CA THR B 607 46.82 0.25 -24.13
C THR B 607 46.31 -0.12 -22.74
N LEU B 608 47.10 0.17 -21.71
CA LEU B 608 46.58 -0.06 -20.37
C LEU B 608 45.65 1.07 -19.96
N LEU B 609 45.95 2.29 -20.38
CA LEU B 609 45.09 3.43 -20.05
C LEU B 609 43.77 3.36 -20.81
N ASN B 610 43.81 2.92 -22.06
CA ASN B 610 42.58 2.80 -22.85
C ASN B 610 41.70 1.64 -22.42
N SER B 611 42.25 0.65 -21.72
CA SER B 611 41.45 -0.47 -21.29
C SER B 611 40.64 -0.16 -20.04
N PHE B 612 41.16 0.68 -19.15
CA PHE B 612 40.34 1.17 -18.04
C PHE B 612 39.26 2.11 -18.56
N TRP B 613 39.58 2.88 -19.59
CA TRP B 613 38.64 3.86 -20.13
C TRP B 613 37.51 3.20 -20.91
N PHE B 614 37.71 1.99 -21.43
CA PHE B 614 36.59 1.23 -21.98
C PHE B 614 35.68 0.76 -20.87
N GLY B 615 36.25 0.22 -19.79
CA GLY B 615 35.43 -0.33 -18.73
C GLY B 615 34.72 0.71 -17.89
N VAL B 616 35.31 1.88 -17.74
CA VAL B 616 34.65 2.96 -17.03
C VAL B 616 33.53 3.56 -17.89
N GLY B 617 33.81 3.77 -19.18
CA GLY B 617 32.81 4.36 -20.06
C GLY B 617 31.64 3.45 -20.35
N ALA B 618 31.89 2.13 -20.38
CA ALA B 618 30.77 1.19 -20.53
C ALA B 618 29.95 1.11 -19.26
N LEU B 619 30.59 1.27 -18.09
CA LEU B 619 29.89 1.19 -16.83
C LEU B 619 28.95 2.38 -16.62
N MET B 620 29.26 3.52 -17.22
CA MET B 620 28.49 4.73 -17.01
C MET B 620 27.45 4.98 -18.09
N GLN B 621 27.18 3.96 -18.94
CA GLN B 621 26.25 4.04 -20.07
C GLN B 621 26.62 5.15 -21.04
N GLN B 622 27.90 5.29 -21.33
CA GLN B 622 28.37 6.37 -22.17
C GLN B 622 29.09 5.92 -23.43
N GLY B 623 29.91 4.88 -23.34
CA GLY B 623 30.64 4.43 -24.51
C GLY B 623 31.88 5.25 -24.79
N SER B 624 32.98 4.59 -25.13
CA SER B 624 34.24 5.27 -25.41
C SER B 624 34.43 5.38 -26.91
N GLU B 625 35.54 5.99 -27.31
CA GLU B 625 35.86 6.20 -28.72
C GLU B 625 36.41 4.97 -29.39
N LEU B 626 36.85 3.97 -28.62
CA LEU B 626 37.44 2.75 -29.18
C LEU B 626 36.50 1.59 -28.91
N MET B 627 36.48 0.64 -29.83
CA MET B 627 35.55 -0.47 -29.77
C MET B 627 36.28 -1.74 -30.13
N PRO B 628 36.06 -2.83 -29.41
CA PRO B 628 36.78 -4.08 -29.71
C PRO B 628 36.37 -4.68 -31.04
N LYS B 629 37.36 -5.00 -31.85
CA LYS B 629 37.24 -5.97 -32.93
C LYS B 629 37.58 -7.34 -32.35
N ALA B 630 37.90 -8.32 -33.19
CA ALA B 630 38.62 -9.53 -32.77
C ALA B 630 37.88 -10.35 -31.72
N LEU B 631 36.88 -11.14 -32.15
CA LEU B 631 35.79 -11.77 -31.40
C LEU B 631 36.06 -12.17 -29.95
N SER B 632 37.28 -12.62 -29.64
CA SER B 632 37.67 -12.88 -28.26
C SER B 632 37.57 -11.63 -27.38
N THR B 633 37.84 -10.45 -27.92
CA THR B 633 37.68 -9.23 -27.14
C THR B 633 36.26 -8.70 -27.17
N ARG B 634 35.45 -9.09 -28.15
CA ARG B 634 34.05 -8.69 -28.16
C ARG B 634 33.21 -9.47 -27.18
N ILE B 635 33.64 -10.68 -26.81
CA ILE B 635 32.94 -11.41 -25.76
C ILE B 635 33.20 -10.76 -24.40
N VAL B 636 34.41 -10.21 -24.20
CA VAL B 636 34.72 -9.46 -22.98
C VAL B 636 33.87 -8.19 -22.92
N GLY B 637 33.84 -7.42 -24.01
CA GLY B 637 33.05 -6.22 -24.04
C GLY B 637 31.56 -6.48 -24.05
N GLY B 638 31.13 -7.63 -24.56
CA GLY B 638 29.72 -7.94 -24.59
C GLY B 638 29.19 -8.47 -23.27
N ILE B 639 30.03 -9.17 -22.51
CA ILE B 639 29.59 -9.67 -21.21
C ILE B 639 29.71 -8.60 -20.14
N TRP B 640 30.53 -7.58 -20.37
CA TRP B 640 30.60 -6.45 -19.46
C TRP B 640 29.45 -5.48 -19.70
N TRP B 641 28.87 -5.48 -20.89
CA TRP B 641 27.69 -4.68 -21.15
C TRP B 641 26.47 -5.27 -20.50
N PHE B 642 26.38 -6.60 -20.44
CA PHE B 642 25.26 -7.24 -19.78
C PHE B 642 25.37 -7.15 -18.27
N PHE B 643 26.60 -7.17 -17.74
CA PHE B 643 26.82 -6.89 -16.32
C PHE B 643 26.35 -5.49 -15.95
N THR B 644 26.68 -4.52 -16.79
CA THR B 644 26.39 -3.12 -16.50
C THR B 644 24.89 -2.84 -16.54
N LEU B 645 24.19 -3.46 -17.48
CA LEU B 645 22.76 -3.23 -17.66
C LEU B 645 21.96 -3.75 -16.47
N ILE B 646 22.37 -4.85 -15.86
CA ILE B 646 21.66 -5.39 -14.71
C ILE B 646 21.94 -4.57 -13.45
N ILE B 647 23.18 -4.09 -13.29
CA ILE B 647 23.56 -3.34 -12.09
C ILE B 647 22.83 -2.00 -12.03
N ILE B 648 22.75 -1.29 -13.16
CA ILE B 648 22.13 0.02 -13.14
C ILE B 648 20.61 -0.09 -13.09
N SER B 649 20.04 -1.13 -13.70
CA SER B 649 18.62 -1.36 -13.58
C SER B 649 18.23 -1.79 -12.17
N SER B 650 19.12 -2.50 -11.48
CA SER B 650 18.85 -2.88 -10.10
C SER B 650 19.00 -1.71 -9.15
N TYR B 651 19.90 -0.77 -9.46
CA TYR B 651 20.02 0.42 -8.63
C TYR B 651 18.79 1.30 -8.76
N THR B 652 18.26 1.44 -9.97
CA THR B 652 17.11 2.31 -10.18
C THR B 652 15.84 1.70 -9.60
N ALA B 653 15.73 0.37 -9.69
CA ALA B 653 14.53 -0.29 -9.19
C ALA B 653 14.49 -0.33 -7.67
N ASN B 654 15.64 -0.54 -7.03
CA ASN B 654 15.65 -0.60 -5.58
C ASN B 654 15.58 0.79 -4.97
N LEU B 655 16.05 1.81 -5.68
CA LEU B 655 15.89 3.18 -5.21
C LEU B 655 14.43 3.62 -5.29
N ALA B 656 13.71 3.15 -6.29
CA ALA B 656 12.28 3.45 -6.38
C ALA B 656 11.50 2.75 -5.29
N ALA B 657 12.00 1.59 -4.82
CA ALA B 657 11.37 0.93 -3.70
C ALA B 657 11.60 1.69 -2.40
N PHE B 658 12.79 2.30 -2.25
CA PHE B 658 13.07 3.06 -1.02
C PHE B 658 12.26 4.35 -0.97
N LEU B 659 12.06 4.99 -2.12
CA LEU B 659 11.37 6.26 -2.13
C LEU B 659 9.86 6.11 -2.11
N THR B 660 9.35 4.91 -2.38
CA THR B 660 7.91 4.66 -2.33
C THR B 660 7.49 4.19 -0.94
N VAL B 661 8.21 3.25 -0.37
CA VAL B 661 7.89 2.68 0.93
C VAL B 661 8.94 3.18 1.90
N GLU B 662 8.62 4.25 2.62
CA GLU B 662 9.53 4.81 3.60
C GLU B 662 9.40 4.01 4.89
N ARG B 663 10.45 3.26 5.24
CA ARG B 663 10.44 2.41 6.42
C ARG B 663 11.52 2.93 7.36
N MET B 664 11.09 3.64 8.40
CA MET B 664 11.97 4.32 9.33
C MET B 664 12.31 3.42 10.51
N GLU B 665 13.32 3.83 11.28
CA GLU B 665 13.77 3.04 12.41
C GLU B 665 14.32 3.97 13.48
N SER B 666 14.41 3.45 14.69
CA SER B 666 14.88 4.23 15.83
C SER B 666 16.33 3.92 16.14
N PRO B 667 17.08 4.88 16.69
CA PRO B 667 18.45 4.60 17.14
C PRO B 667 18.50 3.62 18.29
N ILE B 668 17.67 3.84 19.29
CA ILE B 668 17.59 2.97 20.46
C ILE B 668 16.38 2.06 20.32
N ASP B 669 16.47 0.90 20.95
CA ASP B 669 15.41 -0.10 20.88
C ASP B 669 15.03 -0.68 22.23
N SER B 670 15.88 -0.57 23.25
CA SER B 670 15.60 -1.11 24.56
C SER B 670 16.36 -0.28 25.59
N ALA B 671 16.43 -0.79 26.82
CA ALA B 671 17.14 -0.08 27.87
C ALA B 671 18.64 -0.28 27.76
N ASP B 672 19.08 -1.51 27.42
CA ASP B 672 20.50 -1.78 27.24
C ASP B 672 21.07 -1.08 26.01
N ASP B 673 20.24 -0.84 25.00
CA ASP B 673 20.68 -0.02 23.87
C ASP B 673 20.85 1.44 24.28
N LEU B 674 20.15 1.87 25.32
CA LEU B 674 20.37 3.19 25.89
C LEU B 674 21.50 3.15 26.91
N ALA B 675 21.85 1.95 27.40
CA ALA B 675 22.90 1.82 28.40
C ALA B 675 24.30 1.95 27.80
N LYS B 676 24.40 1.99 26.46
CA LYS B 676 25.71 2.04 25.83
C LYS B 676 25.96 3.39 25.17
N GLN B 677 24.93 3.98 24.56
CA GLN B 677 25.10 5.22 23.81
C GLN B 677 25.20 6.40 24.77
N THR B 678 26.07 7.36 24.43
CA THR B 678 26.25 8.56 25.22
C THR B 678 25.66 9.80 24.54
N LYS B 679 25.29 9.69 23.25
CA LYS B 679 24.71 10.82 22.53
C LYS B 679 23.32 11.16 23.03
N ILE B 680 22.38 10.21 22.93
CA ILE B 680 21.11 10.34 23.61
C ILE B 680 21.33 10.24 25.11
N GLU B 681 20.55 11.01 25.87
CA GLU B 681 20.76 11.11 27.31
C GLU B 681 19.50 10.75 28.08
N TYR B 682 19.72 10.27 29.30
CA TYR B 682 18.75 9.64 30.17
C TYR B 682 17.84 10.69 30.79
N GLY B 683 17.02 10.27 31.75
CA GLY B 683 16.27 11.23 32.54
C GLY B 683 15.04 10.71 33.24
N ALA B 684 14.86 11.13 34.49
CA ALA B 684 13.68 10.79 35.27
C ALA B 684 13.40 11.91 36.24
N VAL B 685 12.18 11.91 36.80
CA VAL B 685 11.81 12.89 37.80
C VAL B 685 12.60 12.64 39.07
N GLU B 686 13.25 13.69 39.59
CA GLU B 686 14.02 13.57 40.82
C GLU B 686 13.10 13.34 42.01
N ASP B 687 13.50 12.40 42.86
CA ASP B 687 12.78 11.98 44.07
C ASP B 687 11.37 11.47 43.72
N GLY B 688 11.35 10.53 42.79
CA GLY B 688 10.11 9.88 42.40
C GLY B 688 10.22 8.37 42.51
N ALA B 689 9.12 7.71 42.16
CA ALA B 689 9.09 6.26 42.20
C ALA B 689 9.97 5.63 41.14
N THR B 690 10.23 6.34 40.04
CA THR B 690 11.08 5.80 38.99
C THR B 690 12.55 5.96 39.33
N MET B 691 12.91 7.07 39.98
CA MET B 691 14.31 7.29 40.35
C MET B 691 14.76 6.33 41.46
N THR B 692 13.83 5.95 42.33
CA THR B 692 14.17 5.08 43.45
C THR B 692 14.44 3.66 42.97
N PHE B 693 13.86 3.28 41.83
CA PHE B 693 14.14 1.97 41.26
C PHE B 693 15.57 1.86 40.77
N PHE B 694 16.06 2.88 40.06
CA PHE B 694 17.42 2.83 39.54
C PHE B 694 18.46 3.04 40.64
N LYS B 695 18.10 3.74 41.71
CA LYS B 695 19.03 3.87 42.83
C LYS B 695 19.21 2.54 43.56
N LYS B 696 18.12 1.83 43.82
CA LYS B 696 18.16 0.60 44.60
C LYS B 696 18.52 -0.62 43.77
N SER B 697 18.72 -0.47 42.47
CA SER B 697 18.87 -1.64 41.61
C SER B 697 20.24 -2.28 41.77
N LYS B 698 20.32 -3.54 41.32
CA LYS B 698 21.56 -4.29 41.32
C LYS B 698 21.83 -4.98 39.99
N ILE B 699 20.93 -4.83 39.02
CA ILE B 699 21.18 -5.34 37.67
C ILE B 699 22.26 -4.48 37.02
N SER B 700 23.20 -5.14 36.33
CA SER B 700 24.37 -4.47 35.78
C SER B 700 24.02 -3.44 34.73
N THR B 701 22.93 -3.67 33.98
CA THR B 701 22.47 -2.66 33.03
C THR B 701 21.91 -1.45 33.76
N TYR B 702 21.08 -1.68 34.78
CA TYR B 702 20.42 -0.60 35.49
C TYR B 702 21.35 0.05 36.50
N ASP B 703 22.47 -0.60 36.83
CA ASP B 703 23.48 0.04 37.66
C ASP B 703 24.26 1.07 36.84
N LYS B 704 24.52 0.77 35.57
CA LYS B 704 25.14 1.74 34.68
C LYS B 704 24.21 2.92 34.40
N MET B 705 22.90 2.69 34.41
CA MET B 705 21.96 3.76 34.13
C MET B 705 21.84 4.74 35.30
N TRP B 706 22.28 4.35 36.49
CA TRP B 706 22.26 5.27 37.62
C TRP B 706 23.58 6.01 37.79
N ALA B 707 24.70 5.42 37.35
CA ALA B 707 25.97 6.12 37.38
C ALA B 707 25.96 7.35 36.48
N PHE B 708 25.13 7.34 35.44
CA PHE B 708 24.88 8.53 34.66
C PHE B 708 24.16 9.59 35.49
N MET B 709 23.04 9.21 36.11
CA MET B 709 22.15 10.20 36.71
C MET B 709 22.70 10.76 38.01
N SER B 710 23.49 9.95 38.72
CA SER B 710 24.17 10.44 39.91
C SER B 710 25.23 11.47 39.56
N SER B 711 25.89 11.28 38.42
CA SER B 711 26.86 12.26 37.95
C SER B 711 26.17 13.50 37.42
N ARG B 712 25.34 13.35 36.39
CA ARG B 712 24.78 14.50 35.68
C ARG B 712 23.45 14.95 36.27
N ARG B 713 23.41 15.15 37.59
CA ARG B 713 22.24 15.75 38.20
C ARG B 713 22.21 17.24 37.85
N GLN B 714 21.00 17.84 37.94
CA GLN B 714 20.61 19.18 37.50
C GLN B 714 20.67 19.34 35.98
N SER B 715 20.87 18.27 35.23
CA SER B 715 20.95 18.37 33.78
C SER B 715 20.07 17.33 33.11
N VAL B 716 19.81 16.20 33.77
CA VAL B 716 18.91 15.22 33.20
C VAL B 716 17.75 14.91 34.17
N LEU B 717 17.98 15.14 35.46
CA LEU B 717 16.95 14.81 36.45
C LEU B 717 15.98 15.99 36.55
N VAL B 718 14.88 15.89 35.81
CA VAL B 718 13.83 16.89 35.74
C VAL B 718 13.03 16.83 37.04
N LYS B 719 12.15 17.80 37.28
CA LYS B 719 11.39 17.84 38.54
C LYS B 719 9.89 17.72 38.35
N SER B 720 9.40 17.43 37.15
CA SER B 720 7.99 17.12 36.94
C SER B 720 7.84 16.32 35.65
N ASN B 721 6.69 15.64 35.52
CA ASN B 721 6.41 14.91 34.30
C ASN B 721 6.10 15.85 33.14
N GLU B 722 5.46 16.99 33.41
CA GLU B 722 5.10 17.90 32.34
C GLU B 722 6.31 18.61 31.76
N GLU B 723 7.33 18.85 32.58
CA GLU B 723 8.55 19.46 32.07
C GLU B 723 9.40 18.46 31.29
N GLY B 724 9.47 17.21 31.76
CA GLY B 724 10.32 16.22 31.12
C GLY B 724 9.86 15.75 29.76
N ILE B 725 8.56 15.88 29.46
CA ILE B 725 8.06 15.60 28.13
C ILE B 725 8.56 16.65 27.14
N GLN B 726 8.73 17.89 27.61
CA GLN B 726 9.21 18.96 26.74
C GLN B 726 10.65 18.75 26.33
N ARG B 727 11.48 18.20 27.21
CA ARG B 727 12.88 17.99 26.86
C ARG B 727 13.06 16.84 25.88
N VAL B 728 12.16 15.86 25.89
CA VAL B 728 12.10 14.90 24.79
C VAL B 728 11.67 15.62 23.52
N LEU B 729 10.74 16.54 23.66
CA LEU B 729 10.10 17.16 22.52
C LEU B 729 10.98 18.23 21.89
N THR B 730 11.79 18.91 22.70
CA THR B 730 12.72 19.91 22.19
C THR B 730 14.13 19.33 22.01
N SER B 731 14.74 18.85 23.08
CA SER B 731 16.12 18.41 23.03
C SER B 731 16.22 16.98 22.52
N ASP B 732 17.42 16.40 22.59
CA ASP B 732 17.67 15.02 22.23
C ASP B 732 17.83 14.24 23.53
N TYR B 733 16.81 13.47 23.89
CA TYR B 733 16.58 13.14 25.28
C TYR B 733 15.63 11.96 25.36
N ALA B 734 15.83 11.09 26.35
CA ALA B 734 14.95 9.95 26.59
C ALA B 734 14.53 9.97 28.05
N PHE B 735 13.23 9.87 28.28
CA PHE B 735 12.66 10.11 29.61
C PHE B 735 12.03 8.85 30.16
N LEU B 736 12.20 8.65 31.47
CA LEU B 736 11.77 7.45 32.16
C LEU B 736 10.63 7.80 33.12
N MET B 737 9.42 7.40 32.75
CA MET B 737 8.24 7.56 33.61
C MET B 737 7.44 6.26 33.63
N GLU B 738 6.22 6.31 34.16
CA GLU B 738 5.36 5.14 34.20
C GLU B 738 4.74 4.87 32.84
N SER B 739 4.40 3.61 32.59
CA SER B 739 3.97 3.22 31.25
C SER B 739 2.55 3.63 30.94
N THR B 740 1.70 3.80 31.96
CA THR B 740 0.33 4.25 31.70
C THR B 740 0.31 5.71 31.30
N THR B 741 1.26 6.51 31.78
CA THR B 741 1.34 7.89 31.35
C THR B 741 1.94 8.00 29.95
N ILE B 742 2.86 7.10 29.59
CA ILE B 742 3.37 7.04 28.22
C ILE B 742 2.26 6.66 27.25
N GLU B 743 1.42 5.69 27.62
CA GLU B 743 0.32 5.27 26.77
C GLU B 743 -0.76 6.33 26.63
N PHE B 744 -0.78 7.33 27.51
CA PHE B 744 -1.71 8.44 27.38
C PHE B 744 -1.14 9.58 26.55
N VAL B 745 0.12 9.93 26.78
CA VAL B 745 0.73 11.06 26.09
C VAL B 745 0.97 10.72 24.62
N THR B 746 1.40 9.49 24.34
CA THR B 746 1.67 9.11 22.95
C THR B 746 0.42 8.90 22.12
N GLN B 747 -0.77 8.96 22.71
CA GLN B 747 -1.99 9.04 21.92
C GLN B 747 -2.38 10.48 21.62
N ARG B 748 -2.00 11.40 22.51
CA ARG B 748 -2.28 12.82 22.29
C ARG B 748 -1.30 13.42 21.29
N ASN B 749 -0.01 13.28 21.54
CA ASN B 749 1.01 13.84 20.68
C ASN B 749 1.54 12.78 19.73
N CYS B 750 1.82 13.19 18.50
CA CYS B 750 2.28 12.28 17.47
C CYS B 750 3.78 12.38 17.24
N ASN B 751 4.45 13.32 17.90
CA ASN B 751 5.90 13.39 17.85
C ASN B 751 6.57 12.28 18.66
N LEU B 752 5.83 11.61 19.53
CA LEU B 752 6.39 10.80 20.61
C LEU B 752 6.09 9.33 20.40
N THR B 753 6.94 8.49 20.99
CA THR B 753 6.75 7.05 20.89
C THR B 753 7.30 6.39 22.16
N GLN B 754 7.00 5.11 22.32
CA GLN B 754 7.46 4.31 23.44
C GLN B 754 8.56 3.37 22.97
N ILE B 755 9.65 3.32 23.73
CA ILE B 755 10.81 2.51 23.38
C ILE B 755 10.86 1.29 24.28
N GLY B 756 10.88 0.11 23.68
CA GLY B 756 11.04 -1.11 24.43
C GLY B 756 9.78 -1.53 25.14
N GLY B 757 9.93 -2.56 25.96
CA GLY B 757 8.83 -3.06 26.76
C GLY B 757 8.74 -2.36 28.10
N LEU B 758 8.56 -3.14 29.16
CA LEU B 758 8.48 -2.62 30.51
C LEU B 758 9.73 -3.03 31.30
N ILE B 759 9.99 -2.29 32.36
CA ILE B 759 11.15 -2.51 33.21
C ILE B 759 10.75 -2.94 34.61
N ASP B 760 9.85 -2.19 35.23
CA ASP B 760 9.33 -2.53 36.54
C ASP B 760 8.02 -3.28 36.36
N SER B 761 7.36 -3.62 37.46
CA SER B 761 6.04 -4.24 37.39
C SER B 761 5.28 -3.83 38.66
N LYS B 762 4.30 -2.95 38.50
CA LYS B 762 3.56 -2.38 39.62
C LYS B 762 2.08 -2.49 39.34
N GLY B 763 1.27 -2.05 40.29
CA GLY B 763 -0.18 -2.10 40.14
C GLY B 763 -0.86 -1.00 40.91
N TYR B 764 -2.00 -0.58 40.40
CA TYR B 764 -2.86 0.41 41.05
C TYR B 764 -3.97 -0.33 41.80
N GLY B 765 -4.04 -0.11 43.11
CA GLY B 765 -5.04 -0.75 43.94
C GLY B 765 -5.84 0.27 44.72
N VAL B 766 -7.11 -0.07 44.98
CA VAL B 766 -7.98 0.81 45.74
C VAL B 766 -7.55 0.81 47.20
N GLY B 767 -7.20 1.98 47.72
CA GLY B 767 -6.84 2.09 49.11
C GLY B 767 -8.03 1.90 50.03
N THR B 768 -7.73 1.59 51.27
CA THR B 768 -8.68 1.07 52.26
C THR B 768 -8.00 1.13 53.62
N PRO B 769 -8.70 1.50 54.70
CA PRO B 769 -8.08 1.48 56.03
C PRO B 769 -7.78 0.05 56.46
N MET B 770 -6.81 -0.07 57.37
CA MET B 770 -6.39 -1.38 57.84
C MET B 770 -7.47 -1.99 58.72
N GLY B 771 -7.88 -3.21 58.37
CA GLY B 771 -8.92 -3.91 59.09
C GLY B 771 -10.32 -3.67 58.56
N SER B 772 -10.47 -2.84 57.52
CA SER B 772 -11.79 -2.57 57.00
C SER B 772 -12.32 -3.78 56.23
N PRO B 773 -13.62 -4.06 56.30
CA PRO B 773 -14.19 -5.18 55.56
C PRO B 773 -14.41 -4.90 54.08
N TYR B 774 -14.23 -3.65 53.64
CA TYR B 774 -14.48 -3.30 52.26
C TYR B 774 -13.37 -3.74 51.32
N ARG B 775 -12.23 -4.20 51.84
CA ARG B 775 -11.14 -4.64 50.97
C ARG B 775 -11.53 -5.89 50.19
N ASP B 776 -12.01 -6.92 50.88
CA ASP B 776 -12.31 -8.18 50.23
C ASP B 776 -13.55 -8.11 49.35
N LYS B 777 -14.41 -7.12 49.57
CA LYS B 777 -15.61 -6.99 48.74
C LYS B 777 -15.31 -6.34 47.41
N ILE B 778 -14.41 -5.35 47.40
CA ILE B 778 -14.02 -4.71 46.14
C ILE B 778 -13.14 -5.65 45.33
N THR B 779 -12.34 -6.49 46.01
CA THR B 779 -11.56 -7.54 45.35
C THR B 779 -12.45 -8.50 44.58
N ILE B 780 -13.61 -8.85 45.15
CA ILE B 780 -14.64 -9.59 44.42
C ILE B 780 -15.15 -8.77 43.24
N ALA B 781 -15.35 -7.47 43.45
CA ALA B 781 -16.02 -6.65 42.45
C ALA B 781 -15.12 -6.36 41.24
N ILE B 782 -13.82 -6.14 41.49
CA ILE B 782 -12.89 -5.88 40.39
C ILE B 782 -12.71 -7.12 39.54
N LEU B 783 -12.63 -8.30 40.17
CA LEU B 783 -12.51 -9.55 39.42
C LEU B 783 -13.77 -9.89 38.65
N GLN B 784 -14.94 -9.37 39.05
CA GLN B 784 -16.14 -9.59 38.27
C GLN B 784 -16.13 -8.77 36.99
N LEU B 785 -15.78 -7.49 37.11
CA LEU B 785 -15.74 -6.61 35.95
C LEU B 785 -14.59 -6.93 35.02
N GLN B 786 -13.56 -7.63 35.50
CA GLN B 786 -12.48 -8.09 34.64
C GLN B 786 -12.92 -9.26 33.77
N GLU B 787 -13.67 -10.20 34.35
CA GLU B 787 -14.19 -11.32 33.57
C GLU B 787 -15.22 -10.87 32.56
N GLU B 788 -16.00 -9.85 32.88
CA GLU B 788 -16.97 -9.32 31.93
C GLU B 788 -16.28 -8.54 30.82
N GLY B 789 -15.10 -8.01 31.10
CA GLY B 789 -14.35 -7.25 30.13
C GLY B 789 -14.59 -5.76 30.16
N LYS B 790 -14.96 -5.21 31.31
CA LYS B 790 -15.33 -3.80 31.38
C LYS B 790 -14.17 -2.89 31.74
N LEU B 791 -13.16 -3.41 32.44
CA LEU B 791 -11.95 -2.62 32.69
C LEU B 791 -11.19 -2.35 31.40
N HIS B 792 -11.21 -3.30 30.46
CA HIS B 792 -10.64 -3.05 29.15
C HIS B 792 -11.43 -2.00 28.39
N MET B 793 -12.75 -2.00 28.54
CA MET B 793 -13.57 -1.02 27.84
C MET B 793 -13.47 0.37 28.44
N MET B 794 -13.29 0.48 29.76
CA MET B 794 -13.07 1.78 30.38
C MET B 794 -11.74 2.38 29.92
N LYS B 795 -10.69 1.56 29.87
CA LYS B 795 -9.37 2.05 29.51
C LYS B 795 -9.32 2.49 28.06
N GLU B 796 -9.97 1.75 27.16
CA GLU B 796 -10.03 2.17 25.75
C GLU B 796 -10.83 3.45 25.59
N LYS B 797 -11.76 3.74 26.51
CA LYS B 797 -12.53 4.97 26.39
C LYS B 797 -11.70 6.19 26.79
N TRP B 798 -10.83 6.05 27.80
CA TRP B 798 -10.14 7.21 28.35
C TRP B 798 -8.67 7.32 27.92
N TRP B 799 -8.13 6.33 27.20
CA TRP B 799 -6.76 6.43 26.74
C TRP B 799 -6.61 6.56 25.24
N ARG B 800 -7.57 6.11 24.44
CA ARG B 800 -7.50 6.33 23.01
C ARG B 800 -7.73 7.80 22.68
N GLY B 801 -6.85 8.36 21.86
CA GLY B 801 -7.01 9.70 21.37
C GLY B 801 -7.34 9.68 19.89
N ASN B 802 -6.75 10.59 19.12
CA ASN B 802 -6.94 10.56 17.68
C ASN B 802 -6.19 9.37 17.07
N GLY B 803 -5.02 9.06 17.61
CA GLY B 803 -4.32 7.84 17.30
C GLY B 803 -3.15 8.03 16.34
N CYS B 804 -3.38 8.83 15.29
CA CYS B 804 -2.52 9.17 14.16
C CYS B 804 -1.58 8.07 13.64
N PRO B 805 -2.06 6.94 13.12
CA PRO B 805 -1.17 6.08 12.31
C PRO B 805 -0.96 6.64 10.92
N GLU B 806 -1.86 7.54 10.50
CA GLU B 806 -1.87 8.40 9.31
C GLU B 806 -2.17 7.66 8.01
N GLU B 807 -2.04 6.31 8.02
CA GLU B 807 -2.42 5.30 7.02
C GLU B 807 -2.29 5.80 5.58
N GLU B 808 -1.13 6.36 5.27
CA GLU B 808 -1.00 7.10 4.02
C GLU B 808 0.08 6.47 3.17
N SER B 809 -0.21 6.28 1.89
CA SER B 809 0.83 5.88 0.95
C SER B 809 1.80 7.04 0.89
N LYS B 810 2.96 6.86 1.53
CA LYS B 810 3.85 7.89 2.06
C LYS B 810 4.12 9.01 1.07
N GLU B 811 3.70 10.22 1.46
CA GLU B 811 3.60 11.37 0.57
C GLU B 811 4.95 11.74 -0.01
N ALA B 812 5.08 11.56 -1.32
CA ALA B 812 6.35 11.74 -2.00
C ALA B 812 6.71 13.22 -2.03
N SER B 813 7.89 13.55 -1.54
CA SER B 813 8.39 14.91 -1.58
C SER B 813 9.44 15.02 -2.66
N ALA B 814 9.73 16.25 -3.07
CA ALA B 814 10.78 16.50 -4.04
C ALA B 814 12.13 16.14 -3.45
N LEU B 815 12.99 15.59 -4.29
CA LEU B 815 14.27 15.09 -3.81
C LEU B 815 15.23 16.26 -3.74
N GLY B 816 15.93 16.40 -2.62
CA GLY B 816 16.66 17.64 -2.39
C GLY B 816 18.08 17.50 -1.88
N VAL B 817 18.63 18.60 -1.36
CA VAL B 817 20.03 18.63 -0.93
C VAL B 817 20.26 17.84 0.35
N GLN B 818 19.21 17.44 1.04
CA GLN B 818 19.32 16.56 2.19
C GLN B 818 19.21 15.09 1.81
N ASN B 819 18.82 14.79 0.58
CA ASN B 819 18.71 13.42 0.09
C ASN B 819 19.88 13.03 -0.81
N ILE B 820 20.09 13.78 -1.87
CA ILE B 820 21.30 13.73 -2.67
C ILE B 820 22.10 14.95 -2.30
N GLY B 821 23.34 15.05 -2.75
CA GLY B 821 24.17 16.14 -2.32
C GLY B 821 25.58 15.65 -2.06
N GLY B 822 25.71 14.35 -1.80
CA GLY B 822 27.02 13.74 -1.80
C GLY B 822 27.63 13.64 -3.18
N ILE B 823 26.80 13.60 -4.22
CA ILE B 823 27.32 13.67 -5.59
C ILE B 823 27.86 15.04 -5.90
N PHE B 824 27.33 16.09 -5.27
CA PHE B 824 27.94 17.40 -5.41
C PHE B 824 29.27 17.49 -4.66
N ILE B 825 29.45 16.66 -3.63
CA ILE B 825 30.73 16.63 -2.95
C ILE B 825 31.76 15.89 -3.78
N VAL B 826 31.39 14.71 -4.32
CA VAL B 826 32.35 13.92 -5.06
C VAL B 826 32.60 14.48 -6.46
N LEU B 827 31.73 15.36 -6.94
CA LEU B 827 32.04 16.07 -8.18
C LEU B 827 33.13 17.11 -7.95
N ALA B 828 32.99 17.89 -6.88
CA ALA B 828 34.02 18.87 -6.57
C ALA B 828 35.31 18.22 -6.11
N ALA B 829 35.22 17.02 -5.53
CA ALA B 829 36.43 16.28 -5.17
C ALA B 829 37.19 15.81 -6.40
N GLY B 830 36.46 15.26 -7.38
CA GLY B 830 37.11 14.80 -8.60
C GLY B 830 37.63 15.91 -9.49
N LEU B 831 37.07 17.12 -9.36
CA LEU B 831 37.60 18.25 -10.10
C LEU B 831 38.80 18.87 -9.41
N VAL B 832 39.00 18.58 -8.13
CA VAL B 832 40.24 18.98 -7.48
C VAL B 832 41.35 17.97 -7.76
N LEU B 833 41.00 16.69 -7.77
CA LEU B 833 41.95 15.63 -8.10
C LEU B 833 42.48 15.77 -9.53
N SER B 834 41.64 16.23 -10.45
CA SER B 834 42.05 16.39 -11.84
C SER B 834 43.01 17.55 -12.04
N VAL B 835 43.01 18.54 -11.17
CA VAL B 835 43.98 19.63 -11.28
C VAL B 835 45.36 19.15 -10.84
N PHE B 836 45.42 18.26 -9.83
CA PHE B 836 46.68 17.70 -9.39
C PHE B 836 47.29 16.78 -10.44
N VAL B 837 46.46 16.04 -11.17
CA VAL B 837 46.98 15.16 -12.22
C VAL B 837 47.42 15.99 -13.42
N ALA B 838 46.76 17.13 -13.65
CA ALA B 838 47.14 18.00 -14.77
C ALA B 838 48.50 18.65 -14.55
N VAL B 839 48.84 18.96 -13.30
CA VAL B 839 50.17 19.45 -13.00
C VAL B 839 51.19 18.33 -13.14
N GLY B 840 50.85 17.12 -12.68
CA GLY B 840 51.74 15.98 -12.80
C GLY B 840 51.96 15.54 -14.23
N GLU B 841 50.99 15.81 -15.11
CA GLU B 841 51.24 15.63 -16.54
C GLU B 841 52.11 16.74 -17.09
N PHE B 842 51.99 17.95 -16.54
CA PHE B 842 52.76 19.08 -17.05
C PHE B 842 54.22 19.00 -16.64
N LEU B 843 54.51 18.44 -15.46
CA LEU B 843 55.88 18.34 -15.02
C LEU B 843 56.59 17.16 -15.66
N TYR B 844 55.89 16.04 -15.85
CA TYR B 844 56.50 14.87 -16.47
C TYR B 844 56.78 15.10 -17.94
N LYS B 845 55.96 15.92 -18.62
CA LYS B 845 56.25 16.24 -20.01
C LYS B 845 57.37 17.26 -20.10
N SER B 846 57.39 18.25 -19.20
CA SER B 846 58.45 19.24 -19.21
C SER B 846 59.78 18.64 -18.75
N LYS B 847 59.75 17.54 -17.99
CA LYS B 847 60.99 16.83 -17.67
C LYS B 847 61.56 16.16 -18.91
N LYS B 848 60.69 15.64 -19.78
CA LYS B 848 61.16 14.98 -20.99
C LYS B 848 61.59 15.97 -22.05
N ASN B 849 60.97 17.15 -22.10
CA ASN B 849 61.42 18.20 -22.99
C ASN B 849 62.74 18.79 -22.51
N ALA B 850 62.94 18.85 -21.20
CA ALA B 850 64.19 19.33 -20.63
C ALA B 850 65.32 18.32 -20.76
N GLN B 851 65.01 17.06 -21.12
CA GLN B 851 66.05 16.09 -21.41
C GLN B 851 66.79 16.46 -22.70
N LEU B 852 66.12 17.18 -23.61
CA LEU B 852 66.74 17.73 -24.80
C LEU B 852 66.91 19.24 -24.71
N GLU B 853 66.95 19.79 -23.49
CA GLU B 853 67.01 21.23 -23.26
C GLU B 853 67.76 21.44 -21.94
N LYS B 854 67.60 22.58 -21.29
CA LYS B 854 68.28 22.94 -20.04
C LYS B 854 67.66 22.16 -18.87
N ARG B 855 68.04 22.52 -17.64
CA ARG B 855 67.77 21.66 -16.48
C ARG B 855 66.30 21.46 -16.12
N SER B 856 65.62 22.49 -15.59
CA SER B 856 64.21 22.31 -15.24
C SER B 856 63.31 23.49 -15.53
N PHE B 857 63.82 24.72 -15.57
CA PHE B 857 62.97 25.90 -15.67
C PHE B 857 62.91 26.47 -17.08
N CYS B 858 63.68 25.89 -18.01
CA CYS B 858 63.57 26.28 -19.41
C CYS B 858 62.23 25.85 -20.00
N SER B 859 61.93 24.55 -19.93
CA SER B 859 60.71 24.01 -20.51
C SER B 859 59.46 24.41 -19.76
N ALA B 860 59.60 24.84 -18.50
CA ALA B 860 58.46 25.41 -17.78
C ALA B 860 58.05 26.75 -18.39
N MET B 861 59.01 27.49 -18.93
CA MET B 861 58.69 28.75 -19.58
C MET B 861 58.36 28.57 -21.06
N VAL B 862 58.83 27.47 -21.67
CA VAL B 862 58.52 27.21 -23.08
C VAL B 862 57.07 26.80 -23.24
N GLU B 863 56.61 25.88 -22.39
CA GLU B 863 55.29 25.28 -22.58
C GLU B 863 54.16 26.23 -22.20
N GLU B 864 54.32 26.99 -21.10
CA GLU B 864 53.25 27.85 -20.61
C GLU B 864 52.93 29.01 -21.55
N LEU B 865 53.83 29.36 -22.45
CA LEU B 865 53.54 30.41 -23.42
C LEU B 865 52.61 29.89 -24.52
N ARG B 866 52.69 28.60 -24.83
CA ARG B 866 51.95 28.03 -25.97
C ARG B 866 50.45 28.07 -25.73
N MET B 867 50.03 27.88 -24.48
CA MET B 867 48.61 28.02 -24.17
C MET B 867 48.19 29.48 -24.15
N SER B 868 49.13 30.39 -23.88
CA SER B 868 48.86 31.82 -23.93
C SER B 868 48.96 32.39 -25.34
N LEU B 869 49.26 31.56 -26.34
CA LEU B 869 49.09 31.99 -27.73
C LEU B 869 47.62 32.17 -28.09
N LYS B 870 46.72 31.46 -27.39
CA LYS B 870 45.26 31.53 -27.54
C LYS B 870 44.79 31.15 -28.94
N CYS B 871 45.57 30.37 -29.68
CA CYS B 871 45.24 29.99 -31.04
C CYS B 871 45.14 28.48 -31.15
N GLN B 872 44.50 28.03 -32.23
CA GLN B 872 44.18 26.61 -32.38
C GLN B 872 45.39 25.79 -32.79
N ARG B 873 46.31 26.36 -33.56
CA ARG B 873 47.43 25.62 -34.11
C ARG B 873 48.73 26.00 -33.38
N ARG B 874 49.64 25.03 -33.31
CA ARG B 874 50.96 25.16 -32.67
C ARG B 874 50.90 25.64 -31.22
N SER C 429 7.70 -21.68 67.27
CA SER C 429 7.62 -23.06 66.79
C SER C 429 6.18 -23.57 66.88
N ASN C 430 5.71 -24.16 65.78
CA ASN C 430 4.36 -24.71 65.67
C ASN C 430 4.44 -25.93 64.78
N ARG C 431 3.29 -26.39 64.29
CA ARG C 431 3.27 -27.45 63.28
C ARG C 431 3.84 -26.93 61.98
N SER C 432 4.43 -27.84 61.20
CA SER C 432 4.86 -27.48 59.86
C SER C 432 3.65 -27.29 58.96
N LEU C 433 3.83 -26.51 57.90
CA LEU C 433 2.70 -26.20 57.02
C LEU C 433 2.69 -27.16 55.84
N ILE C 434 1.49 -27.56 55.43
CA ILE C 434 1.30 -28.49 54.33
C ILE C 434 0.93 -27.70 53.09
N VAL C 435 1.76 -27.78 52.06
CA VAL C 435 1.63 -26.97 50.86
C VAL C 435 1.40 -27.88 49.66
N THR C 436 0.32 -27.62 48.91
CA THR C 436 0.04 -28.35 47.70
C THR C 436 0.63 -27.65 46.49
N THR C 437 1.19 -28.43 45.59
CA THR C 437 1.74 -27.94 44.32
C THR C 437 1.21 -28.78 43.19
N ILE C 438 1.72 -28.58 41.98
CA ILE C 438 1.23 -29.29 40.79
C ILE C 438 2.35 -29.34 39.77
N LEU C 439 2.52 -30.50 39.13
CA LEU C 439 3.65 -30.77 38.25
C LEU C 439 3.45 -30.03 36.93
N GLU C 440 3.75 -28.75 36.93
CA GLU C 440 3.98 -27.99 35.71
C GLU C 440 5.41 -27.45 35.79
N GLU C 441 5.98 -27.12 34.65
CA GLU C 441 7.38 -26.80 34.58
C GLU C 441 7.49 -25.44 33.93
N PRO C 442 8.34 -24.52 34.44
CA PRO C 442 9.42 -24.55 35.44
C PRO C 442 9.02 -24.42 36.89
N TYR C 443 7.81 -24.81 37.27
CA TYR C 443 7.32 -24.38 38.57
C TYR C 443 7.70 -25.35 39.67
N VAL C 444 7.26 -26.61 39.57
CA VAL C 444 7.88 -27.66 40.36
C VAL C 444 8.37 -28.72 39.39
N LEU C 445 9.34 -29.51 39.83
CA LEU C 445 10.07 -30.38 38.93
C LEU C 445 10.82 -31.40 39.77
N PHE C 446 10.74 -32.67 39.40
CA PHE C 446 11.55 -33.69 40.06
C PHE C 446 13.01 -33.47 39.74
N LYS C 447 13.84 -33.45 40.78
CA LYS C 447 15.26 -33.20 40.61
C LYS C 447 15.91 -34.44 40.01
N LYS C 448 16.48 -34.31 38.82
CA LYS C 448 17.06 -35.44 38.11
C LYS C 448 18.37 -35.82 38.78
N SER C 449 18.31 -36.82 39.66
CA SER C 449 19.49 -37.29 40.38
C SER C 449 19.24 -38.72 40.84
N ASP C 450 20.33 -39.38 41.23
CA ASP C 450 20.26 -40.70 41.83
C ASP C 450 19.98 -40.55 43.33
N LYS C 451 20.17 -41.66 44.08
CA LYS C 451 20.08 -41.74 45.54
C LYS C 451 18.70 -41.34 46.07
N PRO C 452 17.69 -42.21 45.93
CA PRO C 452 16.32 -41.85 46.33
C PRO C 452 16.09 -41.77 47.84
N LEU C 453 14.81 -41.69 48.22
CA LEU C 453 14.30 -41.45 49.59
C LEU C 453 14.71 -40.05 50.06
N TYR C 454 14.23 -39.04 49.36
CA TYR C 454 14.34 -37.67 49.83
C TYR C 454 13.10 -37.29 50.65
N GLY C 455 13.11 -36.08 51.18
CA GLY C 455 11.93 -35.52 51.81
C GLY C 455 11.21 -34.61 50.84
N ASN C 456 11.33 -33.31 51.03
CA ASN C 456 10.96 -32.34 50.00
C ASN C 456 12.17 -31.85 49.23
N ASP C 457 13.22 -32.66 49.14
CA ASP C 457 14.36 -32.40 48.29
C ASP C 457 14.18 -33.02 46.90
N ARG C 458 13.07 -33.74 46.69
CA ARG C 458 12.71 -34.23 45.36
C ARG C 458 12.42 -33.08 44.40
N PHE C 459 11.91 -31.96 44.92
CA PHE C 459 11.34 -30.91 44.10
C PHE C 459 12.33 -29.78 43.88
N GLU C 460 12.24 -29.16 42.70
CA GLU C 460 12.93 -27.91 42.42
C GLU C 460 12.08 -27.12 41.44
N GLY C 461 12.40 -25.85 41.30
CA GLY C 461 11.72 -25.02 40.33
C GLY C 461 11.50 -23.61 40.87
N TYR C 462 10.72 -22.84 40.11
CA TYR C 462 10.42 -21.47 40.49
C TYR C 462 9.62 -21.41 41.79
N CYS C 463 8.56 -22.20 41.88
CA CYS C 463 7.71 -22.18 43.06
C CYS C 463 8.37 -22.85 44.26
N ILE C 464 9.45 -23.58 44.06
CA ILE C 464 10.21 -24.09 45.20
C ILE C 464 11.15 -23.02 45.72
N ASP C 465 11.72 -22.22 44.82
CA ASP C 465 12.54 -21.10 45.24
C ASP C 465 11.71 -20.01 45.89
N LEU C 466 10.46 -19.83 45.46
CA LEU C 466 9.59 -18.85 46.08
C LEU C 466 9.17 -19.28 47.47
N LEU C 467 8.86 -20.57 47.63
CA LEU C 467 8.48 -21.09 48.94
C LEU C 467 9.66 -21.14 49.90
N ARG C 468 10.88 -21.22 49.37
CA ARG C 468 12.05 -21.17 50.23
C ARG C 468 12.25 -19.77 50.81
N GLU C 469 12.13 -18.75 49.97
CA GLU C 469 12.37 -17.37 50.42
C GLU C 469 11.22 -16.81 51.23
N LEU C 470 10.00 -17.31 51.03
CA LEU C 470 8.90 -16.96 51.93
C LEU C 470 9.06 -17.61 53.29
N SER C 471 9.75 -18.74 53.37
CA SER C 471 9.97 -19.38 54.66
C SER C 471 11.02 -18.68 55.49
N THR C 472 12.06 -18.14 54.85
CA THR C 472 13.16 -17.54 55.59
C THR C 472 12.81 -16.20 56.20
N ILE C 473 11.77 -15.52 55.71
CA ILE C 473 11.40 -14.21 56.25
C ILE C 473 10.08 -14.24 57.00
N LEU C 474 9.30 -15.31 56.90
CA LEU C 474 8.13 -15.48 57.75
C LEU C 474 8.35 -16.48 58.87
N GLY C 475 9.40 -17.30 58.77
CA GLY C 475 9.75 -18.23 59.83
C GLY C 475 8.81 -19.41 60.00
N PHE C 476 8.76 -20.30 59.01
CA PHE C 476 7.99 -21.52 59.14
C PHE C 476 8.70 -22.65 58.41
N THR C 477 8.44 -23.87 58.86
CA THR C 477 8.86 -25.07 58.16
C THR C 477 7.68 -25.62 57.37
N TYR C 478 7.97 -26.32 56.29
CA TYR C 478 6.94 -26.70 55.33
C TYR C 478 7.22 -28.08 54.77
N GLU C 479 6.15 -28.76 54.39
CA GLU C 479 6.22 -30.09 53.77
C GLU C 479 5.47 -30.02 52.44
N ILE C 480 6.20 -30.21 51.34
CA ILE C 480 5.61 -30.14 50.01
C ILE C 480 4.90 -31.45 49.73
N ARG C 481 3.73 -31.37 49.09
CA ARG C 481 2.90 -32.55 48.85
C ARG C 481 2.08 -32.33 47.59
N LEU C 482 2.32 -33.14 46.57
CA LEU C 482 1.54 -33.09 45.34
C LEU C 482 0.09 -33.47 45.63
N VAL C 483 -0.83 -32.96 44.81
CA VAL C 483 -2.21 -32.80 45.31
C VAL C 483 -2.98 -34.13 45.33
N GLU C 484 -3.52 -34.60 44.20
CA GLU C 484 -3.81 -36.02 43.98
C GLU C 484 -3.78 -36.29 42.49
N ASP C 485 -4.07 -35.25 41.72
CA ASP C 485 -4.66 -35.39 40.39
C ASP C 485 -3.82 -34.82 39.28
N GLY C 486 -3.20 -33.65 39.48
CA GLY C 486 -2.73 -32.85 38.37
C GLY C 486 -3.78 -31.89 37.88
N LYS C 487 -4.70 -31.49 38.75
CA LYS C 487 -5.77 -30.54 38.41
C LYS C 487 -5.62 -29.32 39.29
N TYR C 488 -5.76 -28.13 38.70
CA TYR C 488 -5.67 -26.90 39.46
C TYR C 488 -6.91 -26.71 40.32
N GLY C 489 -8.04 -26.54 39.67
CA GLY C 489 -9.31 -26.44 40.36
C GLY C 489 -10.43 -26.01 39.44
N ALA C 490 -11.58 -26.67 39.55
CA ALA C 490 -12.74 -26.34 38.74
C ALA C 490 -13.97 -26.84 39.47
N GLN C 491 -15.09 -26.20 39.18
CA GLN C 491 -16.35 -26.52 39.85
C GLN C 491 -17.16 -27.41 38.91
N ASP C 492 -17.32 -28.67 39.30
CA ASP C 492 -18.19 -29.58 38.57
C ASP C 492 -19.63 -29.11 38.76
N ASP C 493 -20.33 -28.87 37.65
CA ASP C 493 -21.66 -28.29 37.73
C ASP C 493 -22.68 -29.30 38.24
N VAL C 494 -22.42 -30.59 38.04
CA VAL C 494 -23.33 -31.62 38.54
C VAL C 494 -23.21 -31.76 40.05
N ASN C 495 -22.01 -32.05 40.53
CA ASN C 495 -21.81 -32.29 41.96
C ASN C 495 -21.85 -31.00 42.77
N GLY C 496 -21.53 -29.86 42.16
CA GLY C 496 -21.46 -28.60 42.87
C GLY C 496 -20.21 -28.40 43.71
N GLN C 497 -19.27 -29.34 43.68
CA GLN C 497 -18.07 -29.27 44.49
C GLN C 497 -16.84 -29.09 43.63
N TRP C 498 -15.74 -28.73 44.27
CA TRP C 498 -14.48 -28.41 43.62
C TRP C 498 -13.55 -29.62 43.62
N ASN C 499 -12.51 -29.56 42.80
CA ASN C 499 -11.48 -30.58 42.75
C ASN C 499 -10.11 -29.91 42.76
N GLY C 500 -9.07 -30.72 42.87
CA GLY C 500 -7.72 -30.21 42.74
C GLY C 500 -7.20 -29.47 43.95
N MET C 501 -6.40 -28.43 43.70
CA MET C 501 -5.75 -27.72 44.81
C MET C 501 -6.73 -26.84 45.57
N VAL C 502 -7.76 -26.31 44.89
CA VAL C 502 -8.73 -25.49 45.60
C VAL C 502 -9.64 -26.34 46.46
N ARG C 503 -9.69 -27.65 46.22
CA ARG C 503 -10.42 -28.54 47.13
C ARG C 503 -9.60 -28.83 48.37
N GLU C 504 -8.27 -28.93 48.23
CA GLU C 504 -7.40 -29.13 49.38
C GLU C 504 -7.41 -27.93 50.32
N LEU C 505 -7.61 -26.74 49.76
CA LEU C 505 -7.70 -25.53 50.55
C LEU C 505 -9.05 -25.39 51.24
N ILE C 506 -10.13 -25.68 50.52
CA ILE C 506 -11.45 -25.44 51.07
C ILE C 506 -11.83 -26.48 52.12
N ASP C 507 -11.14 -27.62 52.14
CA ASP C 507 -11.36 -28.63 53.16
C ASP C 507 -10.31 -28.57 54.27
N HIS C 508 -9.45 -27.55 54.25
CA HIS C 508 -8.41 -27.30 55.26
C HIS C 508 -7.41 -28.46 55.37
N LYS C 509 -7.27 -29.25 54.30
CA LYS C 509 -6.26 -30.30 54.31
C LYS C 509 -4.87 -29.72 54.15
N ALA C 510 -4.73 -28.74 53.26
CA ALA C 510 -3.53 -27.94 53.13
C ALA C 510 -3.85 -26.48 53.43
N ASP C 511 -2.81 -25.67 53.54
CA ASP C 511 -3.01 -24.24 53.78
C ASP C 511 -2.11 -23.34 52.95
N LEU C 512 -1.33 -23.90 52.03
CA LEU C 512 -0.63 -23.10 51.03
C LEU C 512 -0.79 -23.77 49.68
N ALA C 513 -0.86 -22.97 48.62
CA ALA C 513 -0.89 -23.48 47.25
C ALA C 513 0.06 -22.63 46.44
N VAL C 514 1.33 -23.01 46.42
CA VAL C 514 2.37 -22.26 45.72
C VAL C 514 2.49 -22.93 44.35
N ALA C 515 1.78 -22.38 43.38
CA ALA C 515 1.56 -23.05 42.11
C ALA C 515 1.09 -22.01 41.10
N PRO C 516 1.10 -22.33 39.80
CA PRO C 516 0.46 -21.42 38.83
C PRO C 516 -1.05 -21.41 38.95
N LEU C 517 -1.57 -20.81 40.01
CA LEU C 517 -2.98 -20.89 40.32
C LEU C 517 -3.52 -19.49 40.04
N ALA C 518 -4.17 -19.32 38.89
CA ALA C 518 -4.53 -17.99 38.43
C ALA C 518 -5.68 -17.42 39.25
N ILE C 519 -5.56 -16.14 39.59
CA ILE C 519 -6.59 -15.46 40.38
C ILE C 519 -7.80 -15.24 39.50
N THR C 520 -8.91 -15.88 39.86
CA THR C 520 -10.12 -15.89 39.05
C THR C 520 -11.27 -15.42 39.93
N TYR C 521 -12.29 -14.83 39.29
CA TYR C 521 -13.47 -14.36 40.02
C TYR C 521 -14.23 -15.52 40.66
N VAL C 522 -14.33 -16.65 39.97
CA VAL C 522 -15.01 -17.80 40.56
C VAL C 522 -14.16 -18.47 41.65
N ARG C 523 -12.83 -18.37 41.57
CA ARG C 523 -11.99 -18.95 42.60
C ARG C 523 -11.91 -18.08 43.85
N GLU C 524 -12.05 -16.77 43.70
CA GLU C 524 -11.90 -15.87 44.84
C GLU C 524 -13.07 -15.98 45.81
N LYS C 525 -14.21 -16.50 45.37
CA LYS C 525 -15.36 -16.67 46.25
C LYS C 525 -15.20 -17.83 47.22
N VAL C 526 -14.24 -18.72 47.03
CA VAL C 526 -14.18 -19.92 47.85
C VAL C 526 -12.87 -20.01 48.63
N ILE C 527 -11.82 -19.35 48.15
CA ILE C 527 -10.53 -19.31 48.83
C ILE C 527 -10.03 -17.88 48.85
N ASP C 528 -8.84 -17.69 49.42
CA ASP C 528 -8.21 -16.37 49.49
C ASP C 528 -6.83 -16.43 48.86
N PHE C 529 -6.63 -15.60 47.84
CA PHE C 529 -5.32 -15.45 47.25
C PHE C 529 -4.53 -14.37 47.99
N SER C 530 -3.23 -14.33 47.72
CA SER C 530 -2.43 -13.18 48.06
C SER C 530 -2.41 -12.24 46.87
N LYS C 531 -1.69 -11.14 47.00
CA LYS C 531 -1.44 -10.30 45.84
C LYS C 531 -0.47 -11.02 44.91
N PRO C 532 -0.50 -10.74 43.60
CA PRO C 532 0.21 -11.58 42.64
C PRO C 532 1.72 -11.54 42.77
N PHE C 533 2.33 -12.68 42.44
CA PHE C 533 3.77 -12.76 42.29
C PHE C 533 4.20 -12.87 40.83
N MET C 534 3.26 -12.88 39.90
CA MET C 534 3.59 -13.01 38.50
C MET C 534 2.44 -12.50 37.68
N THR C 535 2.74 -11.74 36.63
CA THR C 535 1.73 -11.09 35.79
C THR C 535 1.82 -11.69 34.40
N LEU C 536 0.66 -11.95 33.79
CA LEU C 536 0.64 -12.66 32.52
C LEU C 536 -0.64 -12.32 31.78
N GLY C 537 -0.78 -12.91 30.59
CA GLY C 537 -1.97 -12.73 29.79
C GLY C 537 -1.98 -13.72 28.65
N ILE C 538 -2.91 -13.52 27.73
CA ILE C 538 -3.05 -14.37 26.56
C ILE C 538 -2.26 -13.75 25.42
N SER C 539 -1.41 -14.55 24.78
CA SER C 539 -0.66 -14.11 23.62
C SER C 539 -0.67 -15.20 22.58
N ILE C 540 -0.06 -14.92 21.42
CA ILE C 540 -0.14 -15.79 20.25
C ILE C 540 1.23 -16.41 20.02
N LEU C 541 1.27 -17.73 19.88
CA LEU C 541 2.50 -18.45 19.60
C LEU C 541 2.50 -18.83 18.12
N TYR C 542 3.61 -18.52 17.44
CA TYR C 542 3.68 -18.71 16.00
C TYR C 542 5.13 -18.93 15.61
N ARG C 543 5.33 -19.65 14.50
CA ARG C 543 6.67 -19.98 14.04
C ARG C 543 7.38 -18.74 13.53
N LYS C 544 8.65 -18.61 13.89
CA LYS C 544 9.48 -17.51 13.41
C LYS C 544 9.62 -17.61 11.89
N PRO C 545 9.53 -16.51 11.16
CA PRO C 545 9.59 -16.56 9.69
C PRO C 545 10.95 -17.05 9.20
N ASN C 546 10.89 -18.07 8.34
CA ASN C 546 12.09 -18.80 7.89
C ASN C 546 12.94 -17.90 7.00
N GLY C 547 12.33 -17.05 6.22
CA GLY C 547 13.07 -16.04 5.51
C GLY C 547 12.61 -15.96 4.06
N THR C 548 13.56 -15.76 3.16
CA THR C 548 13.27 -15.64 1.75
C THR C 548 13.93 -16.73 0.91
N ASN C 549 15.24 -16.98 1.10
CA ASN C 549 16.11 -17.73 0.21
C ASN C 549 15.93 -17.21 -1.21
N PRO C 550 16.50 -16.04 -1.52
CA PRO C 550 16.12 -15.33 -2.76
C PRO C 550 16.48 -16.06 -4.04
N GLY C 551 17.44 -16.97 -3.99
CA GLY C 551 17.74 -17.73 -5.19
C GLY C 551 18.57 -16.95 -6.18
N VAL C 552 19.83 -16.68 -5.82
CA VAL C 552 20.87 -16.04 -6.63
C VAL C 552 20.85 -16.56 -8.05
N PHE C 553 20.84 -15.62 -9.01
CA PHE C 553 20.11 -15.57 -10.30
C PHE C 553 18.69 -15.06 -10.10
N SER C 554 18.44 -14.33 -9.00
CA SER C 554 17.12 -13.75 -8.76
C SER C 554 16.88 -12.48 -9.57
N PHE C 555 17.89 -11.96 -10.25
CA PHE C 555 17.70 -10.84 -11.16
C PHE C 555 16.98 -11.26 -12.43
N LEU C 556 16.87 -12.56 -12.69
CA LEU C 556 16.33 -13.09 -13.91
C LEU C 556 14.80 -13.18 -13.88
N ASN C 557 14.19 -12.79 -12.76
CA ASN C 557 12.78 -12.88 -12.43
C ASN C 557 11.77 -11.92 -13.08
N PRO C 558 12.06 -10.64 -13.37
CA PRO C 558 10.99 -9.76 -13.90
C PRO C 558 10.50 -10.12 -15.30
N LEU C 559 11.15 -11.04 -16.01
CA LEU C 559 10.65 -11.51 -17.28
C LEU C 559 10.46 -13.01 -17.22
N SER C 560 9.56 -13.52 -18.07
CA SER C 560 9.30 -14.94 -18.15
C SER C 560 10.49 -15.66 -18.75
N PRO C 561 10.65 -16.96 -18.48
CA PRO C 561 11.72 -17.73 -19.14
C PRO C 561 11.52 -17.89 -20.64
N ASP C 562 10.30 -17.72 -21.13
CA ASP C 562 10.10 -17.67 -22.57
C ASP C 562 10.48 -16.32 -23.14
N ILE C 563 10.36 -15.26 -22.35
CA ILE C 563 10.73 -13.93 -22.81
C ILE C 563 12.24 -13.80 -22.95
N TRP C 564 13.01 -14.36 -22.01
CA TRP C 564 14.46 -14.34 -22.13
C TRP C 564 14.95 -15.17 -23.31
N MET C 565 14.19 -16.19 -23.70
CA MET C 565 14.59 -16.99 -24.86
C MET C 565 14.17 -16.33 -26.17
N TYR C 566 13.03 -15.65 -26.17
CA TYR C 566 12.56 -15.01 -27.40
C TYR C 566 13.38 -13.77 -27.75
N VAL C 567 13.87 -13.05 -26.75
CA VAL C 567 14.79 -11.95 -27.01
C VAL C 567 16.13 -12.48 -27.54
N LEU C 568 16.56 -13.63 -27.03
CA LEU C 568 17.79 -14.24 -27.51
C LEU C 568 17.63 -14.79 -28.92
N LEU C 569 16.42 -15.23 -29.29
CA LEU C 569 16.18 -15.66 -30.66
C LEU C 569 15.94 -14.47 -31.58
N ALA C 570 15.46 -13.35 -31.04
CA ALA C 570 15.26 -12.17 -31.87
C ALA C 570 16.57 -11.51 -32.24
N CYS C 571 17.56 -11.53 -31.33
CA CYS C 571 18.85 -10.94 -31.63
C CYS C 571 19.62 -11.75 -32.66
N LEU C 572 19.49 -13.07 -32.64
CA LEU C 572 20.07 -13.89 -33.70
C LEU C 572 19.30 -13.73 -35.01
N GLY C 573 18.01 -13.45 -34.94
CA GLY C 573 17.21 -13.34 -36.14
C GLY C 573 17.42 -12.05 -36.89
N VAL C 574 17.38 -10.92 -36.17
CA VAL C 574 17.60 -9.60 -36.76
C VAL C 574 19.01 -9.48 -37.33
N SER C 575 19.98 -10.11 -36.68
CA SER C 575 21.36 -10.06 -37.17
C SER C 575 21.53 -10.87 -38.45
N CYS C 576 20.75 -11.92 -38.64
CA CYS C 576 20.77 -12.63 -39.91
C CYS C 576 20.00 -11.90 -41.00
N VAL C 577 18.95 -11.16 -40.62
CA VAL C 577 18.23 -10.35 -41.60
C VAL C 577 19.09 -9.16 -42.02
N LEU C 578 19.76 -8.51 -41.06
CA LEU C 578 20.60 -7.35 -41.37
C LEU C 578 21.80 -7.72 -42.22
N PHE C 579 22.28 -8.96 -42.10
CA PHE C 579 23.37 -9.40 -42.96
C PHE C 579 22.92 -9.54 -44.41
N VAL C 580 21.70 -10.03 -44.63
CA VAL C 580 21.23 -10.26 -45.99
C VAL C 580 20.79 -8.96 -46.64
N ILE C 581 20.09 -8.09 -45.90
CA ILE C 581 19.59 -6.84 -46.46
C ILE C 581 20.74 -5.90 -46.80
N ALA C 582 21.73 -5.78 -45.92
CA ALA C 582 22.86 -4.91 -46.20
C ALA C 582 23.78 -5.47 -47.27
N ARG C 583 23.72 -6.77 -47.54
CA ARG C 583 24.51 -7.32 -48.63
C ARG C 583 23.86 -7.00 -49.97
N PHE C 584 22.57 -7.31 -50.13
CA PHE C 584 21.90 -7.14 -51.41
C PHE C 584 21.59 -5.69 -51.74
N SER C 585 21.62 -4.79 -50.77
CA SER C 585 21.30 -3.40 -51.08
C SER C 585 22.49 -2.71 -51.72
N PRO C 586 22.29 -1.98 -52.81
CA PRO C 586 23.44 -1.30 -53.46
C PRO C 586 23.91 -0.08 -52.71
N TYR C 587 23.06 0.55 -51.90
CA TYR C 587 23.42 1.79 -51.23
C TYR C 587 24.26 1.58 -49.99
N GLU C 588 24.61 0.35 -49.65
CA GLU C 588 25.53 0.09 -48.57
C GLU C 588 26.97 -0.04 -49.04
N TRP C 589 27.17 -0.50 -50.27
CA TRP C 589 28.50 -0.57 -50.86
C TRP C 589 29.02 0.83 -51.17
N TYR C 590 29.56 1.50 -50.17
CA TYR C 590 30.11 2.83 -50.35
C TYR C 590 31.57 2.72 -50.80
N ASN C 591 32.23 3.87 -50.91
CA ASN C 591 33.63 3.90 -51.29
C ASN C 591 34.50 3.94 -50.04
N PRO C 592 35.24 2.88 -49.73
CA PRO C 592 36.21 2.96 -48.65
C PRO C 592 37.38 3.80 -49.08
N HIS C 593 38.19 4.16 -48.08
CA HIS C 593 39.30 5.09 -48.21
C HIS C 593 38.86 6.40 -48.88
N PRO C 594 38.01 7.21 -48.22
CA PRO C 594 37.63 8.48 -48.85
C PRO C 594 38.74 9.50 -48.83
N CYS C 595 39.79 9.26 -48.05
CA CYS C 595 40.96 10.11 -48.03
C CYS C 595 41.71 10.09 -49.36
N ASN C 596 41.58 8.99 -50.11
CA ASN C 596 42.03 8.93 -51.50
C ASN C 596 40.78 8.85 -52.38
N PRO C 597 40.27 9.99 -52.85
CA PRO C 597 39.05 9.95 -53.68
C PRO C 597 39.35 9.43 -55.08
N ASP C 598 38.26 9.15 -55.80
CA ASP C 598 38.26 8.72 -57.20
C ASP C 598 38.98 7.39 -57.44
N SER C 599 39.16 6.59 -56.40
CA SER C 599 39.59 5.22 -56.58
C SER C 599 38.38 4.36 -56.94
N ASP C 600 38.63 3.09 -57.27
CA ASP C 600 37.54 2.18 -57.64
C ASP C 600 37.63 0.91 -56.81
N VAL C 601 37.11 0.99 -55.59
CA VAL C 601 36.90 -0.13 -54.69
C VAL C 601 35.61 0.15 -53.92
N VAL C 602 34.88 -0.91 -53.57
CA VAL C 602 33.74 -0.79 -52.68
C VAL C 602 33.88 -1.81 -51.57
N GLU C 603 33.39 -1.46 -50.39
CA GLU C 603 33.51 -2.30 -49.21
C GLU C 603 32.20 -2.28 -48.44
N ASN C 604 31.81 -3.45 -47.96
CA ASN C 604 30.66 -3.62 -47.08
C ASN C 604 31.17 -3.89 -45.67
N ASN C 605 30.83 -3.01 -44.73
CA ASN C 605 31.21 -3.24 -43.34
C ASN C 605 30.36 -4.30 -42.67
N PHE C 606 29.13 -4.50 -43.13
CA PHE C 606 28.24 -5.50 -42.54
C PHE C 606 28.66 -6.88 -42.99
N THR C 607 29.64 -7.42 -42.29
CA THR C 607 29.99 -8.83 -42.42
C THR C 607 29.08 -9.64 -41.50
N LEU C 608 29.36 -10.92 -41.34
CA LEU C 608 28.53 -11.72 -40.46
C LEU C 608 28.85 -11.42 -39.00
N LEU C 609 30.13 -11.27 -38.68
CA LEU C 609 30.52 -10.96 -37.31
C LEU C 609 30.13 -9.55 -36.92
N ASN C 610 30.18 -8.61 -37.85
CA ASN C 610 29.77 -7.23 -37.56
C ASN C 610 28.26 -7.09 -37.42
N SER C 611 27.48 -8.01 -37.97
CA SER C 611 26.02 -7.89 -37.86
C SER C 611 25.51 -8.35 -36.51
N PHE C 612 26.13 -9.37 -35.92
CA PHE C 612 25.80 -9.73 -34.54
C PHE C 612 26.23 -8.63 -33.59
N TRP C 613 27.37 -8.00 -33.85
CA TRP C 613 27.89 -6.98 -32.96
C TRP C 613 27.08 -5.70 -33.02
N PHE C 614 26.36 -5.45 -34.12
CA PHE C 614 25.38 -4.37 -34.13
C PHE C 614 24.20 -4.71 -33.24
N GLY C 615 23.69 -5.93 -33.35
CA GLY C 615 22.51 -6.31 -32.61
C GLY C 615 22.75 -6.50 -31.13
N VAL C 616 23.95 -6.95 -30.75
CA VAL C 616 24.28 -7.06 -29.34
C VAL C 616 24.51 -5.68 -28.73
N GLY C 617 25.20 -4.80 -29.45
CA GLY C 617 25.48 -3.49 -28.91
C GLY C 617 24.27 -2.58 -28.85
N ALA C 618 23.31 -2.79 -29.74
CA ALA C 618 22.05 -2.06 -29.66
C ALA C 618 21.17 -2.60 -28.54
N LEU C 619 21.26 -3.90 -28.27
CA LEU C 619 20.46 -4.51 -27.22
C LEU C 619 20.89 -4.06 -25.84
N MET C 620 22.18 -3.76 -25.66
CA MET C 620 22.72 -3.44 -24.35
C MET C 620 22.77 -1.94 -24.08
N GLN C 621 22.05 -1.14 -24.88
CA GLN C 621 22.01 0.31 -24.84
C GLN C 621 23.37 0.96 -25.07
N GLN C 622 24.32 0.23 -25.62
CA GLN C 622 25.59 0.80 -26.01
C GLN C 622 25.49 1.17 -27.49
N GLY C 623 26.62 1.48 -28.10
CA GLY C 623 26.57 1.75 -29.52
C GLY C 623 27.80 1.24 -30.23
N SER C 624 27.62 0.38 -31.22
CA SER C 624 28.76 -0.13 -31.97
C SER C 624 29.31 0.96 -32.89
N GLU C 625 30.48 0.70 -33.45
CA GLU C 625 31.17 1.71 -34.24
C GLU C 625 30.65 1.81 -35.67
N LEU C 626 29.71 0.97 -36.06
CA LEU C 626 29.22 0.90 -37.42
C LEU C 626 27.73 1.24 -37.46
N MET C 627 27.34 2.03 -38.45
CA MET C 627 25.97 2.52 -38.54
C MET C 627 25.40 2.23 -39.92
N PRO C 628 24.11 1.92 -40.00
CA PRO C 628 23.49 1.69 -41.31
C PRO C 628 23.36 2.98 -42.10
N LYS C 629 23.57 2.90 -43.41
CA LYS C 629 23.48 4.05 -44.29
C LYS C 629 22.37 3.99 -45.31
N ALA C 630 22.02 2.80 -45.81
CA ALA C 630 20.88 2.68 -46.70
C ALA C 630 19.59 2.76 -45.90
N LEU C 631 18.50 3.11 -46.59
CA LEU C 631 17.22 3.21 -45.91
C LEU C 631 16.68 1.85 -45.50
N SER C 632 17.00 0.80 -46.26
CA SER C 632 16.51 -0.54 -45.93
C SER C 632 17.16 -1.07 -44.66
N THR C 633 18.41 -0.72 -44.41
CA THR C 633 19.08 -1.12 -43.17
C THR C 633 18.83 -0.16 -42.03
N ARG C 634 18.39 1.07 -42.32
CA ARG C 634 17.96 1.96 -41.25
C ARG C 634 16.54 1.69 -40.80
N ILE C 635 15.80 0.82 -41.49
CA ILE C 635 14.52 0.35 -40.96
C ILE C 635 14.77 -0.82 -40.00
N VAL C 636 15.71 -1.71 -40.34
CA VAL C 636 16.08 -2.81 -39.45
C VAL C 636 16.68 -2.27 -38.17
N GLY C 637 17.61 -1.32 -38.29
CA GLY C 637 18.21 -0.72 -37.11
C GLY C 637 17.24 0.12 -36.31
N GLY C 638 16.32 0.81 -36.98
CA GLY C 638 15.38 1.65 -36.27
C GLY C 638 14.28 0.91 -35.56
N ILE C 639 13.89 -0.26 -36.07
CA ILE C 639 12.87 -1.05 -35.40
C ILE C 639 13.47 -1.93 -34.32
N TRP C 640 14.76 -2.25 -34.42
CA TRP C 640 15.43 -2.97 -33.35
C TRP C 640 15.77 -2.05 -32.20
N TRP C 641 15.88 -0.75 -32.45
CA TRP C 641 16.07 0.20 -31.37
C TRP C 641 14.79 0.41 -30.57
N PHE C 642 13.64 0.35 -31.22
CA PHE C 642 12.39 0.48 -30.51
C PHE C 642 12.05 -0.78 -29.72
N PHE C 643 12.52 -1.93 -30.21
CA PHE C 643 12.32 -3.19 -29.49
C PHE C 643 13.05 -3.18 -28.15
N THR C 644 14.33 -2.79 -28.17
CA THR C 644 15.13 -2.79 -26.96
C THR C 644 14.77 -1.67 -26.01
N LEU C 645 14.17 -0.59 -26.50
CA LEU C 645 13.72 0.46 -25.61
C LEU C 645 12.55 0.00 -24.76
N ILE C 646 11.69 -0.84 -25.32
CA ILE C 646 10.54 -1.34 -24.57
C ILE C 646 10.96 -2.47 -23.63
N ILE C 647 11.88 -3.32 -24.07
CA ILE C 647 12.35 -4.45 -23.26
C ILE C 647 13.05 -3.97 -21.99
N ILE C 648 13.94 -3.00 -22.14
CA ILE C 648 14.72 -2.55 -21.00
C ILE C 648 13.89 -1.66 -20.08
N SER C 649 12.94 -0.92 -20.62
CA SER C 649 12.02 -0.19 -19.76
C SER C 649 11.04 -1.13 -19.07
N SER C 650 10.75 -2.28 -19.67
CA SER C 650 9.88 -3.25 -19.02
C SER C 650 10.61 -4.02 -17.93
N TYR C 651 11.91 -4.28 -18.13
CA TYR C 651 12.70 -4.94 -17.09
C TYR C 651 12.85 -4.06 -15.87
N THR C 652 13.13 -2.77 -16.08
CA THR C 652 13.36 -1.87 -14.96
C THR C 652 12.08 -1.58 -14.20
N ALA C 653 10.97 -1.41 -14.92
CA ALA C 653 9.70 -1.09 -14.26
C ALA C 653 9.13 -2.28 -13.54
N ASN C 654 9.32 -3.49 -14.06
CA ASN C 654 8.79 -4.66 -13.37
C ASN C 654 9.69 -5.07 -12.20
N LEU C 655 11.00 -4.85 -12.31
CA LEU C 655 11.87 -5.09 -11.17
C LEU C 655 11.60 -4.09 -10.05
N ALA C 656 11.15 -2.89 -10.39
CA ALA C 656 10.71 -1.94 -9.38
C ALA C 656 9.45 -2.42 -8.68
N ALA C 657 8.60 -3.17 -9.40
CA ALA C 657 7.37 -3.67 -8.80
C ALA C 657 7.65 -4.81 -7.83
N PHE C 658 8.54 -5.73 -8.20
CA PHE C 658 8.96 -6.81 -7.31
C PHE C 658 9.56 -6.29 -6.02
N LEU C 659 10.38 -5.25 -6.11
CA LEU C 659 11.06 -4.76 -4.93
C LEU C 659 10.19 -3.82 -4.11
N THR C 660 9.10 -3.29 -4.68
CA THR C 660 8.23 -2.43 -3.91
C THR C 660 7.23 -3.23 -3.12
N VAL C 661 6.69 -4.32 -3.70
CA VAL C 661 5.67 -5.08 -3.01
C VAL C 661 6.23 -5.91 -1.87
N GLU C 662 7.54 -6.16 -1.83
CA GLU C 662 8.09 -6.89 -0.71
C GLU C 662 8.53 -5.98 0.42
N ARG C 663 8.66 -4.67 0.17
CA ARG C 663 8.76 -3.73 1.27
C ARG C 663 7.40 -3.43 1.87
N MET C 664 6.33 -3.61 1.09
CA MET C 664 4.99 -3.52 1.64
C MET C 664 4.55 -4.80 2.31
N GLU C 665 5.27 -5.90 2.13
CA GLU C 665 5.01 -7.12 2.88
C GLU C 665 5.43 -6.91 4.33
N SER C 666 4.46 -6.76 5.19
CA SER C 666 4.73 -6.71 6.61
C SER C 666 4.24 -8.01 7.26
N PRO C 667 5.02 -8.59 8.16
CA PRO C 667 4.57 -9.80 8.84
C PRO C 667 3.46 -9.48 9.83
N ILE C 668 2.74 -10.53 10.21
CA ILE C 668 1.68 -10.42 11.20
C ILE C 668 2.25 -10.05 12.55
N ASP C 669 1.66 -9.04 13.19
CA ASP C 669 2.15 -8.51 14.46
C ASP C 669 1.04 -8.22 15.47
N SER C 670 -0.17 -8.75 15.25
CA SER C 670 -1.29 -8.46 16.14
C SER C 670 -2.32 -9.57 16.00
N ALA C 671 -3.26 -9.59 16.95
CA ALA C 671 -4.40 -10.49 16.83
C ALA C 671 -5.37 -10.01 15.77
N ASP C 672 -5.42 -8.70 15.54
CA ASP C 672 -6.25 -8.16 14.47
C ASP C 672 -5.71 -8.51 13.10
N ASP C 673 -4.40 -8.67 12.98
CA ASP C 673 -3.81 -9.11 11.71
C ASP C 673 -4.16 -10.58 11.43
N LEU C 674 -4.41 -11.37 12.47
CA LEU C 674 -4.94 -12.72 12.27
C LEU C 674 -6.41 -12.70 11.90
N ALA C 675 -7.13 -11.63 12.26
CA ALA C 675 -8.58 -11.61 12.05
C ALA C 675 -8.94 -11.46 10.59
N LYS C 676 -8.11 -10.74 9.82
CA LYS C 676 -8.41 -10.52 8.42
C LYS C 676 -8.01 -11.72 7.56
N GLN C 677 -7.23 -12.63 8.11
CA GLN C 677 -6.66 -13.71 7.32
C GLN C 677 -7.44 -15.01 7.52
N THR C 678 -7.44 -15.85 6.49
CA THR C 678 -7.94 -17.21 6.61
C THR C 678 -6.87 -18.21 6.18
N LYS C 679 -5.74 -17.74 5.64
CA LYS C 679 -4.67 -18.64 5.22
C LYS C 679 -3.97 -19.25 6.42
N ILE C 680 -3.57 -18.43 7.37
CA ILE C 680 -3.06 -18.91 8.65
C ILE C 680 -4.23 -19.11 9.60
N GLU C 681 -4.33 -20.31 10.16
CA GLU C 681 -5.48 -20.67 10.99
C GLU C 681 -5.12 -20.63 12.47
N TYR C 682 -6.15 -20.43 13.29
CA TYR C 682 -6.00 -20.27 14.73
C TYR C 682 -5.81 -21.61 15.42
N GLY C 683 -5.92 -21.60 16.73
CA GLY C 683 -5.96 -22.80 17.53
C GLY C 683 -5.83 -22.53 19.02
N ALA C 684 -6.49 -23.34 19.84
CA ALA C 684 -6.40 -23.20 21.29
C ALA C 684 -6.64 -24.57 21.91
N VAL C 685 -6.57 -24.61 23.24
CA VAL C 685 -6.90 -25.82 23.97
C VAL C 685 -8.38 -25.81 24.27
N GLU C 686 -9.06 -26.90 23.92
CA GLU C 686 -10.49 -27.02 24.19
C GLU C 686 -10.75 -27.15 25.69
N ASP C 687 -11.72 -26.37 26.16
CA ASP C 687 -12.12 -26.27 27.57
C ASP C 687 -10.95 -25.85 28.45
N GLY C 688 -10.32 -24.73 28.06
CA GLY C 688 -9.30 -24.11 28.85
C GLY C 688 -9.68 -22.68 29.20
N ALA C 689 -8.79 -22.02 29.93
CA ALA C 689 -9.02 -20.63 30.29
C ALA C 689 -8.86 -19.70 29.10
N THR C 690 -8.09 -20.11 28.09
CA THR C 690 -7.92 -19.28 26.90
C THR C 690 -9.13 -19.36 25.99
N MET C 691 -9.71 -20.56 25.83
CA MET C 691 -10.91 -20.72 25.02
C MET C 691 -12.11 -20.00 25.64
N THR C 692 -12.17 -19.97 26.98
CA THR C 692 -13.28 -19.36 27.69
C THR C 692 -13.32 -17.85 27.47
N PHE C 693 -12.15 -17.24 27.23
CA PHE C 693 -12.10 -15.80 27.02
C PHE C 693 -12.78 -15.40 25.70
N PHE C 694 -12.59 -16.19 24.65
CA PHE C 694 -13.14 -15.82 23.36
C PHE C 694 -14.63 -16.10 23.25
N LYS C 695 -15.18 -16.96 24.10
CA LYS C 695 -16.62 -17.15 24.12
C LYS C 695 -17.31 -15.96 24.77
N LYS C 696 -16.82 -15.53 25.92
CA LYS C 696 -17.41 -14.41 26.66
C LYS C 696 -17.05 -13.05 26.08
N SER C 697 -16.25 -13.00 25.02
CA SER C 697 -15.75 -11.72 24.53
C SER C 697 -16.80 -10.98 23.73
N LYS C 698 -16.73 -9.65 23.80
CA LYS C 698 -17.62 -8.78 23.04
C LYS C 698 -16.84 -7.83 22.13
N ILE C 699 -15.52 -7.97 22.10
CA ILE C 699 -14.71 -7.26 21.12
C ILE C 699 -14.94 -7.90 19.76
N SER C 700 -15.20 -7.06 18.75
CA SER C 700 -15.53 -7.55 17.42
C SER C 700 -14.38 -8.28 16.76
N THR C 701 -13.14 -7.91 17.11
CA THR C 701 -11.98 -8.64 16.61
C THR C 701 -11.91 -10.04 17.21
N TYR C 702 -12.18 -10.15 18.50
CA TYR C 702 -12.09 -11.44 19.17
C TYR C 702 -13.32 -12.29 18.89
N ASP C 703 -14.43 -11.66 18.49
CA ASP C 703 -15.63 -12.41 18.15
C ASP C 703 -15.45 -13.14 16.82
N LYS C 704 -14.80 -12.48 15.85
CA LYS C 704 -14.42 -13.15 14.62
C LYS C 704 -13.43 -14.28 14.86
N MET C 705 -12.56 -14.13 15.87
CA MET C 705 -11.64 -15.20 16.22
C MET C 705 -12.35 -16.41 16.80
N TRP C 706 -13.48 -16.20 17.49
CA TRP C 706 -14.28 -17.33 17.92
C TRP C 706 -15.26 -17.80 16.84
N ALA C 707 -15.68 -16.91 15.94
CA ALA C 707 -16.49 -17.34 14.82
C ALA C 707 -15.71 -18.22 13.86
N PHE C 708 -14.39 -18.05 13.81
CA PHE C 708 -13.53 -19.01 13.13
C PHE C 708 -13.54 -20.34 13.88
N MET C 709 -13.13 -20.32 15.15
CA MET C 709 -12.77 -21.54 15.86
C MET C 709 -13.98 -22.37 16.23
N SER C 710 -15.15 -21.76 16.39
CA SER C 710 -16.35 -22.54 16.67
C SER C 710 -16.80 -23.32 15.43
N SER C 711 -16.46 -22.83 14.24
CA SER C 711 -16.78 -23.57 13.02
C SER C 711 -15.89 -24.80 12.87
N ARG C 712 -14.59 -24.63 13.10
CA ARG C 712 -13.59 -25.68 12.88
C ARG C 712 -13.19 -26.38 14.16
N ARG C 713 -14.10 -26.55 15.12
CA ARG C 713 -13.70 -27.11 16.41
C ARG C 713 -13.62 -28.63 16.41
N GLN C 714 -12.94 -29.18 15.41
CA GLN C 714 -12.45 -30.55 15.41
C GLN C 714 -11.02 -30.64 14.94
N SER C 715 -10.54 -29.66 14.15
CA SER C 715 -9.16 -29.61 13.70
C SER C 715 -8.32 -28.68 14.55
N VAL C 716 -8.77 -27.44 14.76
CA VAL C 716 -7.89 -26.43 15.32
C VAL C 716 -7.90 -26.43 16.85
N LEU C 717 -9.03 -26.73 17.49
CA LEU C 717 -9.05 -26.77 18.96
C LEU C 717 -8.35 -28.06 19.40
N VAL C 718 -7.07 -27.93 19.72
CA VAL C 718 -6.21 -29.06 20.01
C VAL C 718 -6.43 -29.48 21.46
N LYS C 719 -5.92 -30.64 21.84
CA LYS C 719 -6.22 -31.20 23.16
C LYS C 719 -5.34 -30.59 24.25
N SER C 720 -4.04 -30.44 24.01
CA SER C 720 -3.11 -30.06 25.05
C SER C 720 -2.15 -28.99 24.52
N ASN C 721 -1.37 -28.43 25.45
CA ASN C 721 -0.34 -27.48 25.06
C ASN C 721 0.80 -28.16 24.31
N GLU C 722 1.08 -29.42 24.62
CA GLU C 722 2.16 -30.14 23.94
C GLU C 722 1.80 -30.43 22.50
N GLU C 723 0.53 -30.75 22.24
CA GLU C 723 0.09 -31.00 20.88
C GLU C 723 -0.07 -29.70 20.09
N GLY C 724 -0.37 -28.60 20.77
CA GLY C 724 -0.52 -27.34 20.08
C GLY C 724 0.79 -26.74 19.63
N ILE C 725 1.87 -26.97 20.39
CA ILE C 725 3.18 -26.48 19.99
C ILE C 725 3.70 -27.27 18.79
N GLN C 726 3.45 -28.58 18.77
CA GLN C 726 3.87 -29.42 17.65
C GLN C 726 3.16 -29.04 16.36
N ARG C 727 1.93 -28.55 16.45
CA ARG C 727 1.24 -28.11 15.24
C ARG C 727 1.71 -26.75 14.75
N VAL C 728 2.29 -25.92 15.61
CA VAL C 728 2.86 -24.66 15.13
C VAL C 728 4.09 -24.97 14.27
N LEU C 729 4.81 -26.02 14.61
CA LEU C 729 5.98 -26.42 13.85
C LEU C 729 5.58 -27.00 12.49
N THR C 730 4.86 -28.10 12.51
CA THR C 730 4.54 -28.85 11.28
C THR C 730 3.15 -28.49 10.73
N SER C 731 2.88 -27.19 10.57
CA SER C 731 1.70 -26.66 9.89
C SER C 731 1.91 -25.16 9.69
N ASP C 732 0.83 -24.46 9.34
CA ASP C 732 0.78 -23.00 9.28
C ASP C 732 -0.15 -22.49 10.37
N TYR C 733 0.03 -23.05 11.57
CA TYR C 733 -0.86 -22.96 12.70
C TYR C 733 -0.38 -21.90 13.68
N ALA C 734 -1.32 -21.13 14.21
CA ALA C 734 -1.02 -20.10 15.20
C ALA C 734 -1.80 -20.44 16.46
N PHE C 735 -1.11 -20.50 17.59
CA PHE C 735 -1.67 -21.09 18.81
C PHE C 735 -1.84 -20.02 19.88
N LEU C 736 -2.92 -20.15 20.64
CA LEU C 736 -3.33 -19.18 21.64
C LEU C 736 -3.19 -19.81 23.02
N MET C 737 -2.25 -19.30 23.82
CA MET C 737 -2.02 -19.83 25.15
C MET C 737 -1.53 -18.68 26.02
N GLU C 738 -1.22 -18.99 27.27
CA GLU C 738 -0.80 -17.98 28.21
C GLU C 738 0.64 -17.53 27.94
N SER C 739 0.96 -16.33 28.42
CA SER C 739 2.20 -15.66 28.04
C SER C 739 3.43 -16.29 28.68
N THR C 740 3.28 -16.88 29.87
CA THR C 740 4.45 -17.42 30.57
C THR C 740 4.97 -18.68 29.90
N THR C 741 4.09 -19.43 29.25
CA THR C 741 4.53 -20.61 28.52
C THR C 741 5.05 -20.27 27.14
N ILE C 742 4.57 -19.17 26.54
CA ILE C 742 5.18 -18.68 25.31
C ILE C 742 6.59 -18.15 25.60
N GLU C 743 6.75 -17.43 26.71
CA GLU C 743 8.07 -16.94 27.07
C GLU C 743 9.01 -18.03 27.54
N PHE C 744 8.52 -19.24 27.77
CA PHE C 744 9.40 -20.34 28.16
C PHE C 744 9.82 -21.19 26.97
N VAL C 745 8.93 -21.44 26.01
CA VAL C 745 9.29 -22.31 24.90
C VAL C 745 10.03 -21.56 23.80
N THR C 746 9.90 -20.24 23.72
CA THR C 746 10.64 -19.48 22.72
C THR C 746 12.07 -19.17 23.15
N GLN C 747 12.41 -19.42 24.41
CA GLN C 747 13.79 -19.35 24.84
C GLN C 747 14.54 -20.65 24.58
N ARG C 748 13.81 -21.72 24.24
CA ARG C 748 14.39 -23.04 24.06
C ARG C 748 14.07 -23.63 22.69
N ASN C 749 13.52 -22.84 21.78
CA ASN C 749 13.25 -23.25 20.42
C ASN C 749 13.25 -21.97 19.60
N CYS C 750 14.37 -21.70 18.91
CA CYS C 750 14.51 -20.49 18.11
C CYS C 750 13.74 -20.55 16.80
N ASN C 751 13.05 -21.66 16.51
CA ASN C 751 12.14 -21.71 15.39
C ASN C 751 10.83 -20.98 15.72
N LEU C 752 10.57 -20.73 17.00
CA LEU C 752 9.32 -20.15 17.47
C LEU C 752 9.52 -18.71 17.89
N THR C 753 8.42 -17.96 17.91
CA THR C 753 8.46 -16.57 18.33
C THR C 753 7.10 -16.17 18.88
N GLN C 754 7.05 -14.98 19.47
CA GLN C 754 5.82 -14.41 19.99
C GLN C 754 5.40 -13.22 19.17
N ILE C 755 4.19 -13.28 18.63
CA ILE C 755 3.54 -12.19 17.91
C ILE C 755 2.62 -11.43 18.86
N GLY C 756 2.82 -10.12 18.95
CA GLY C 756 1.87 -9.27 19.62
C GLY C 756 2.18 -9.08 21.09
N GLY C 757 1.38 -8.21 21.69
CA GLY C 757 1.45 -7.99 23.12
C GLY C 757 0.58 -8.98 23.86
N LEU C 758 -0.15 -8.51 24.86
CA LEU C 758 -1.00 -9.36 25.69
C LEU C 758 -2.45 -9.02 25.43
N ILE C 759 -3.29 -10.05 25.36
CA ILE C 759 -4.72 -9.86 25.13
C ILE C 759 -5.49 -9.77 26.44
N ASP C 760 -5.32 -10.74 27.31
CA ASP C 760 -5.94 -10.73 28.62
C ASP C 760 -4.94 -10.17 29.63
N SER C 761 -5.34 -10.11 30.90
CA SER C 761 -4.45 -9.61 31.95
C SER C 761 -4.88 -10.26 33.26
N LYS C 762 -4.07 -11.21 33.73
CA LYS C 762 -4.37 -11.96 34.94
C LYS C 762 -3.06 -12.21 35.68
N GLY C 763 -3.13 -12.92 36.80
CA GLY C 763 -1.95 -13.10 37.62
C GLY C 763 -2.00 -14.37 38.44
N TYR C 764 -0.82 -14.78 38.91
CA TYR C 764 -0.66 -15.94 39.75
C TYR C 764 -0.48 -15.50 41.20
N GLY C 765 -1.22 -16.13 42.10
CA GLY C 765 -1.06 -15.85 43.51
C GLY C 765 -1.14 -17.14 44.31
N VAL C 766 -0.50 -17.12 45.48
CA VAL C 766 -0.54 -18.29 46.34
C VAL C 766 -1.93 -18.43 46.94
N GLY C 767 -2.30 -19.66 47.27
CA GLY C 767 -3.63 -19.97 47.74
C GLY C 767 -3.62 -20.22 49.23
N THR C 768 -4.67 -19.74 49.91
CA THR C 768 -4.90 -19.95 51.32
C THR C 768 -6.37 -20.30 51.52
N PRO C 769 -6.71 -20.98 52.61
CA PRO C 769 -8.11 -21.13 52.97
C PRO C 769 -8.74 -19.79 53.32
N MET C 770 -10.06 -19.72 53.18
CA MET C 770 -10.76 -18.47 53.42
C MET C 770 -10.74 -18.12 54.90
N GLY C 771 -10.22 -16.93 55.22
CA GLY C 771 -10.05 -16.50 56.58
C GLY C 771 -8.72 -16.85 57.20
N SER C 772 -7.76 -17.33 56.41
CA SER C 772 -6.47 -17.73 56.95
C SER C 772 -5.65 -16.50 57.35
N PRO C 773 -4.89 -16.57 58.45
CA PRO C 773 -3.99 -15.48 58.83
C PRO C 773 -2.63 -15.54 58.13
N TYR C 774 -2.66 -15.76 56.83
CA TYR C 774 -1.45 -15.79 56.02
C TYR C 774 -1.58 -15.06 54.70
N ARG C 775 -2.79 -14.69 54.26
CA ARG C 775 -2.92 -13.94 53.01
C ARG C 775 -2.35 -12.53 53.13
N ASP C 776 -2.17 -12.03 54.35
CA ASP C 776 -1.58 -10.72 54.57
C ASP C 776 -0.09 -10.77 54.87
N LYS C 777 0.38 -11.81 55.57
CA LYS C 777 1.80 -11.93 55.84
C LYS C 777 2.58 -12.28 54.58
N ILE C 778 1.96 -12.99 53.65
CA ILE C 778 2.62 -13.33 52.40
C ILE C 778 2.57 -12.15 51.43
N THR C 779 1.49 -11.36 51.48
CA THR C 779 1.42 -10.13 50.70
C THR C 779 2.51 -9.14 51.10
N ILE C 780 2.81 -9.06 52.40
CA ILE C 780 3.98 -8.32 52.87
C ILE C 780 5.26 -8.95 52.34
N ALA C 781 5.30 -10.28 52.29
CA ALA C 781 6.51 -10.98 51.88
C ALA C 781 6.76 -10.85 50.38
N ILE C 782 5.72 -10.95 49.57
CA ILE C 782 5.88 -10.83 48.12
C ILE C 782 6.24 -9.41 47.73
N LEU C 783 5.63 -8.42 48.39
CA LEU C 783 6.00 -7.03 48.14
C LEU C 783 7.41 -6.72 48.60
N GLN C 784 7.91 -7.44 49.61
CA GLN C 784 9.29 -7.24 50.03
C GLN C 784 10.27 -7.83 49.01
N LEU C 785 9.94 -8.97 48.43
CA LEU C 785 10.79 -9.58 47.43
C LEU C 785 10.69 -8.88 46.07
N GLN C 786 9.69 -8.03 45.88
CA GLN C 786 9.57 -7.27 44.64
C GLN C 786 10.37 -5.98 44.71
N GLU C 787 10.44 -5.36 45.89
CA GLU C 787 11.28 -4.19 46.07
C GLU C 787 12.75 -4.54 45.97
N GLU C 788 13.12 -5.75 46.38
CA GLU C 788 14.51 -6.20 46.37
C GLU C 788 14.88 -6.90 45.08
N GLY C 789 13.98 -6.92 44.10
CA GLY C 789 14.29 -7.48 42.80
C GLY C 789 14.46 -8.98 42.75
N LYS C 790 14.01 -9.70 43.78
CA LYS C 790 14.25 -11.13 43.83
C LYS C 790 13.28 -11.91 42.95
N LEU C 791 12.06 -11.41 42.79
CA LEU C 791 11.13 -12.01 41.84
C LEU C 791 11.62 -11.91 40.41
N HIS C 792 12.31 -10.82 40.06
CA HIS C 792 12.86 -10.71 38.72
C HIS C 792 14.04 -11.65 38.52
N MET C 793 14.88 -11.79 39.55
CA MET C 793 16.06 -12.65 39.42
C MET C 793 15.68 -14.12 39.39
N MET C 794 14.59 -14.50 40.06
CA MET C 794 14.11 -15.87 40.02
C MET C 794 13.48 -16.22 38.69
N LYS C 795 12.93 -15.24 37.98
CA LYS C 795 12.34 -15.53 36.69
C LYS C 795 13.39 -15.59 35.60
N GLU C 796 14.46 -14.80 35.71
CA GLU C 796 15.58 -14.94 34.79
C GLU C 796 16.27 -16.29 34.96
N LYS C 797 16.27 -16.82 36.18
CA LYS C 797 16.95 -18.08 36.48
C LYS C 797 16.29 -19.27 35.80
N TRP C 798 14.96 -19.25 35.68
CA TRP C 798 14.22 -20.42 35.22
C TRP C 798 13.56 -20.26 33.87
N TRP C 799 13.51 -19.05 33.30
CA TRP C 799 12.94 -18.87 31.97
C TRP C 799 13.96 -18.61 30.89
N ARG C 800 15.13 -18.07 31.20
CA ARG C 800 16.20 -18.03 30.21
C ARG C 800 16.97 -19.35 30.26
N GLY C 801 17.05 -20.03 29.13
CA GLY C 801 17.93 -21.17 29.02
C GLY C 801 18.65 -21.22 27.70
N ASN C 802 19.99 -21.13 27.75
CA ASN C 802 20.91 -21.33 26.61
C ASN C 802 20.58 -20.37 25.46
N GLY C 803 20.90 -19.09 25.70
CA GLY C 803 20.60 -17.95 24.85
C GLY C 803 20.75 -18.13 23.35
N CYS C 804 19.82 -17.56 22.60
CA CYS C 804 19.58 -17.97 21.23
C CYS C 804 20.70 -17.52 20.29
N PRO C 805 20.94 -18.28 19.21
CA PRO C 805 21.86 -17.84 18.14
C PRO C 805 21.26 -16.81 17.17
N GLU C 806 20.26 -16.07 17.65
CA GLU C 806 19.26 -15.28 16.91
C GLU C 806 19.79 -14.51 15.71
N GLU C 807 20.69 -13.54 15.95
CA GLU C 807 21.44 -12.80 14.92
C GLU C 807 20.49 -12.11 13.92
N GLU C 808 19.76 -11.12 14.41
CA GLU C 808 18.76 -10.46 13.58
C GLU C 808 19.44 -9.47 12.64
N SER C 809 19.76 -9.95 11.44
CA SER C 809 20.12 -9.10 10.31
C SER C 809 18.97 -9.06 9.31
N LYS C 810 17.74 -9.06 9.84
CA LYS C 810 16.53 -9.23 9.05
C LYS C 810 16.16 -7.97 8.28
N GLU C 811 16.76 -6.82 8.62
CA GLU C 811 16.32 -5.54 8.07
C GLU C 811 16.59 -5.45 6.56
N ALA C 812 17.74 -5.99 6.11
CA ALA C 812 18.05 -6.50 4.76
C ALA C 812 17.44 -5.75 3.58
N SER C 813 17.50 -4.42 3.60
CA SER C 813 16.77 -3.64 2.61
C SER C 813 17.55 -3.42 1.33
N ALA C 814 18.86 -3.20 1.43
CA ALA C 814 19.67 -3.00 0.25
C ALA C 814 19.88 -4.32 -0.49
N LEU C 815 20.11 -4.21 -1.80
CA LEU C 815 20.44 -5.39 -2.59
C LEU C 815 21.85 -5.84 -2.27
N GLY C 816 22.02 -7.14 -2.06
CA GLY C 816 23.30 -7.66 -1.63
C GLY C 816 23.79 -8.82 -2.46
N VAL C 817 24.78 -9.54 -1.95
CA VAL C 817 25.36 -10.66 -2.67
C VAL C 817 24.35 -11.80 -2.77
N GLN C 818 23.48 -11.95 -1.79
CA GLN C 818 22.42 -12.95 -1.85
C GLN C 818 21.29 -12.55 -2.78
N ASN C 819 21.25 -11.29 -3.23
CA ASN C 819 20.18 -10.81 -4.10
C ASN C 819 20.56 -10.87 -5.58
N ILE C 820 21.62 -10.17 -5.98
CA ILE C 820 21.94 -10.17 -7.40
C ILE C 820 22.85 -11.35 -7.64
N GLY C 821 24.07 -11.28 -7.12
CA GLY C 821 24.94 -12.43 -6.96
C GLY C 821 25.44 -13.08 -8.22
N GLY C 822 24.51 -13.57 -9.02
CA GLY C 822 24.77 -14.36 -10.20
C GLY C 822 25.18 -13.59 -11.40
N ILE C 823 25.09 -12.26 -11.34
CA ILE C 823 25.64 -11.45 -12.42
C ILE C 823 27.17 -11.44 -12.37
N PHE C 824 27.76 -11.83 -11.24
CA PHE C 824 29.20 -12.04 -11.14
C PHE C 824 29.61 -13.42 -11.60
N ILE C 825 28.72 -14.41 -11.49
CA ILE C 825 28.99 -15.74 -12.02
C ILE C 825 28.99 -15.73 -13.54
N VAL C 826 27.96 -15.12 -14.13
CA VAL C 826 27.90 -15.05 -15.59
C VAL C 826 28.90 -14.06 -16.14
N LEU C 827 29.39 -13.14 -15.33
CA LEU C 827 30.55 -12.35 -15.73
C LEU C 827 31.79 -13.23 -15.81
N ALA C 828 32.12 -13.92 -14.72
CA ALA C 828 33.32 -14.73 -14.66
C ALA C 828 33.23 -15.95 -15.58
N ALA C 829 32.03 -16.42 -15.88
CA ALA C 829 31.89 -17.44 -16.92
C ALA C 829 32.17 -16.87 -18.30
N GLY C 830 31.93 -15.58 -18.48
CA GLY C 830 32.22 -14.96 -19.77
C GLY C 830 33.68 -14.56 -19.92
N LEU C 831 34.36 -14.29 -18.82
CA LEU C 831 35.78 -13.98 -18.91
C LEU C 831 36.60 -15.24 -19.20
N VAL C 832 36.13 -16.39 -18.70
CA VAL C 832 36.85 -17.65 -18.96
C VAL C 832 36.61 -18.11 -20.39
N LEU C 833 35.40 -17.91 -20.90
CA LEU C 833 35.06 -18.30 -22.27
C LEU C 833 35.87 -17.52 -23.30
N SER C 834 36.17 -16.25 -23.02
CA SER C 834 36.93 -15.43 -23.95
C SER C 834 38.41 -15.79 -23.99
N VAL C 835 38.94 -16.40 -22.94
CA VAL C 835 40.33 -16.85 -22.97
C VAL C 835 40.48 -18.04 -23.89
N PHE C 836 39.47 -18.91 -23.93
CA PHE C 836 39.51 -20.06 -24.83
C PHE C 836 39.34 -19.63 -26.29
N VAL C 837 38.68 -18.51 -26.53
CA VAL C 837 38.57 -18.00 -27.89
C VAL C 837 39.86 -17.31 -28.30
N ALA C 838 40.53 -16.63 -27.36
CA ALA C 838 41.79 -15.96 -27.67
C ALA C 838 42.90 -16.96 -27.96
N VAL C 839 42.86 -18.14 -27.34
CA VAL C 839 43.77 -19.21 -27.72
C VAL C 839 43.44 -19.71 -29.12
N GLY C 840 42.15 -19.82 -29.44
CA GLY C 840 41.76 -20.28 -30.77
C GLY C 840 42.11 -19.28 -31.86
N GLU C 841 42.09 -17.99 -31.54
CA GLU C 841 42.53 -16.99 -32.50
C GLU C 841 44.04 -17.00 -32.66
N PHE C 842 44.76 -17.31 -31.58
CA PHE C 842 46.22 -17.36 -31.65
C PHE C 842 46.71 -18.57 -32.43
N LEU C 843 45.94 -19.66 -32.43
CA LEU C 843 46.36 -20.86 -33.13
C LEU C 843 45.91 -20.86 -34.58
N TYR C 844 44.73 -20.31 -34.86
CA TYR C 844 44.22 -20.31 -36.23
C TYR C 844 45.01 -19.34 -37.11
N LYS C 845 45.45 -18.23 -36.56
CA LYS C 845 46.26 -17.30 -37.33
C LYS C 845 47.66 -17.84 -37.56
N SER C 846 48.23 -18.51 -36.55
CA SER C 846 49.57 -19.06 -36.69
C SER C 846 49.60 -20.26 -37.62
N LYS C 847 48.52 -21.04 -37.66
CA LYS C 847 48.45 -22.16 -38.59
C LYS C 847 48.32 -21.67 -40.03
N LYS C 848 47.57 -20.58 -40.22
CA LYS C 848 47.56 -19.93 -41.53
C LYS C 848 48.89 -19.23 -41.80
N ASN C 849 49.59 -18.80 -40.76
CA ASN C 849 50.91 -18.21 -40.95
C ASN C 849 51.95 -19.29 -41.25
N ALA C 850 51.80 -20.47 -40.66
CA ALA C 850 52.67 -21.60 -40.96
C ALA C 850 52.21 -22.40 -42.17
N GLN C 851 51.16 -21.95 -42.86
CA GLN C 851 50.80 -22.57 -44.13
C GLN C 851 51.74 -22.12 -45.25
N LEU C 852 52.35 -20.95 -45.11
CA LEU C 852 53.09 -20.34 -46.20
C LEU C 852 54.60 -20.43 -46.02
N GLU C 853 55.12 -20.11 -44.83
CA GLU C 853 56.57 -20.08 -44.62
C GLU C 853 57.05 -21.15 -43.66
N LYS C 854 56.53 -21.17 -42.43
CA LYS C 854 57.06 -22.00 -41.37
C LYS C 854 56.40 -23.37 -41.42
N ARG C 855 56.73 -24.27 -40.48
CA ARG C 855 56.07 -25.57 -40.52
C ARG C 855 54.90 -25.71 -39.56
N SER C 856 55.17 -25.74 -38.25
CA SER C 856 54.08 -25.93 -37.30
C SER C 856 54.15 -25.02 -36.07
N PHE C 857 55.35 -24.82 -35.54
CA PHE C 857 55.51 -24.32 -34.17
C PHE C 857 56.43 -23.12 -34.05
N CYS C 858 57.43 -22.99 -34.90
CA CYS C 858 58.32 -21.83 -34.83
C CYS C 858 57.65 -20.56 -35.34
N SER C 859 56.56 -20.68 -36.09
CA SER C 859 55.71 -19.53 -36.34
C SER C 859 55.01 -19.07 -35.07
N ALA C 860 54.60 -20.02 -34.23
CA ALA C 860 53.93 -19.67 -32.98
C ALA C 860 54.90 -19.13 -31.94
N MET C 861 56.17 -19.56 -32.00
CA MET C 861 57.15 -19.09 -31.03
C MET C 861 57.54 -17.64 -31.29
N VAL C 862 57.65 -17.25 -32.56
CA VAL C 862 58.00 -15.87 -32.87
C VAL C 862 56.78 -14.94 -32.78
N GLU C 863 55.57 -15.50 -32.70
CA GLU C 863 54.39 -14.65 -32.54
C GLU C 863 54.18 -14.27 -31.09
N GLU C 864 54.63 -15.10 -30.15
CA GLU C 864 54.66 -14.71 -28.75
C GLU C 864 55.68 -13.62 -28.50
N LEU C 865 56.70 -13.52 -29.35
CA LEU C 865 57.75 -12.52 -29.18
C LEU C 865 57.25 -11.12 -29.54
N ARG C 866 56.58 -10.99 -30.69
CA ARG C 866 56.10 -9.68 -31.14
C ARG C 866 54.99 -9.13 -30.24
N MET C 867 54.24 -10.02 -29.61
CA MET C 867 53.25 -9.61 -28.61
C MET C 867 53.90 -9.24 -27.29
N SER C 868 55.14 -9.67 -27.05
CA SER C 868 55.88 -9.30 -25.87
C SER C 868 56.65 -8.00 -26.02
N LEU C 869 56.63 -7.39 -27.21
CA LEU C 869 57.20 -6.05 -27.39
C LEU C 869 56.40 -5.04 -26.60
N LYS C 870 57.10 -4.16 -25.88
CA LYS C 870 56.47 -3.23 -24.94
C LYS C 870 56.14 -1.89 -25.62
N CYS C 871 55.54 -2.02 -26.80
CA CYS C 871 55.23 -0.85 -27.63
C CYS C 871 54.21 -1.26 -28.68
N GLN C 872 53.74 -0.26 -29.43
CA GLN C 872 52.78 -0.47 -30.51
C GLN C 872 53.45 -0.73 -31.86
N ARG C 873 54.44 -1.62 -31.87
CA ARG C 873 55.15 -2.01 -33.07
C ARG C 873 55.18 -3.53 -33.16
N ARG C 874 54.82 -4.06 -34.31
CA ARG C 874 54.53 -5.48 -34.56
C ARG C 874 53.55 -6.04 -33.54
N SER D 429 -50.81 -19.04 28.42
CA SER D 429 -50.08 -20.09 27.73
C SER D 429 -51.02 -21.07 27.05
N ASN D 430 -51.41 -20.74 25.81
CA ASN D 430 -52.30 -21.58 25.02
C ASN D 430 -51.48 -22.67 24.32
N ARG D 431 -52.12 -23.33 23.35
CA ARG D 431 -51.45 -24.40 22.61
C ARG D 431 -50.35 -23.84 21.72
N SER D 432 -49.52 -24.75 21.20
CA SER D 432 -48.33 -24.36 20.46
C SER D 432 -48.70 -23.86 19.07
N LEU D 433 -47.78 -23.08 18.49
CA LEU D 433 -47.99 -22.54 17.15
C LEU D 433 -47.27 -23.40 16.13
N ILE D 434 -47.93 -23.66 15.01
CA ILE D 434 -47.38 -24.43 13.91
C ILE D 434 -46.76 -23.45 12.93
N VAL D 435 -45.44 -23.48 12.81
CA VAL D 435 -44.71 -22.54 11.97
C VAL D 435 -44.28 -23.28 10.70
N THR D 436 -44.96 -23.00 9.59
CA THR D 436 -44.56 -23.59 8.32
C THR D 436 -43.34 -22.86 7.76
N THR D 437 -42.48 -23.60 7.07
CA THR D 437 -41.13 -23.15 6.76
C THR D 437 -40.56 -24.00 5.64
N ILE D 438 -39.88 -23.37 4.68
CA ILE D 438 -39.19 -24.06 3.60
C ILE D 438 -37.69 -24.02 3.93
N LEU D 439 -36.92 -24.87 3.24
CA LEU D 439 -35.48 -24.93 3.44
C LEU D 439 -34.78 -24.02 2.43
N GLU D 440 -34.05 -23.03 2.93
CA GLU D 440 -33.18 -22.20 2.10
C GLU D 440 -31.93 -21.87 2.88
N GLU D 441 -30.82 -21.85 2.21
CA GLU D 441 -29.60 -21.40 2.85
C GLU D 441 -29.39 -19.92 2.54
N PRO D 442 -29.04 -19.07 3.52
CA PRO D 442 -28.79 -19.30 4.94
C PRO D 442 -29.99 -19.01 5.82
N TYR D 443 -31.19 -19.37 5.36
CA TYR D 443 -32.39 -19.02 6.11
C TYR D 443 -32.75 -20.12 7.11
N VAL D 444 -33.00 -21.34 6.61
CA VAL D 444 -33.29 -22.50 7.43
C VAL D 444 -32.59 -23.70 6.81
N LEU D 445 -31.76 -24.38 7.59
CA LEU D 445 -31.00 -25.53 7.10
C LEU D 445 -30.79 -26.50 8.26
N PHE D 446 -30.56 -27.76 7.90
CA PHE D 446 -30.30 -28.80 8.91
C PHE D 446 -28.94 -28.59 9.55
N LYS D 447 -28.86 -28.89 10.84
CA LYS D 447 -27.58 -28.84 11.53
C LYS D 447 -26.74 -30.05 11.18
N LYS D 448 -25.42 -29.85 11.13
CA LYS D 448 -24.47 -30.89 10.76
C LYS D 448 -23.96 -31.54 12.04
N SER D 449 -24.63 -32.62 12.45
CA SER D 449 -24.23 -33.36 13.64
C SER D 449 -24.77 -34.78 13.53
N ASP D 450 -24.32 -35.62 14.47
CA ASP D 450 -24.79 -36.99 14.57
C ASP D 450 -25.97 -37.03 15.54
N LYS D 451 -26.38 -38.24 15.96
CA LYS D 451 -27.50 -38.55 16.86
C LYS D 451 -28.79 -38.00 16.27
N PRO D 452 -29.35 -38.63 15.23
CA PRO D 452 -30.42 -38.00 14.43
C PRO D 452 -31.73 -37.81 15.18
N LEU D 453 -32.63 -37.06 14.52
CA LEU D 453 -33.98 -36.73 14.99
C LEU D 453 -33.93 -36.03 16.34
N TYR D 454 -33.40 -34.81 16.34
CA TYR D 454 -33.47 -33.95 17.51
C TYR D 454 -34.91 -33.59 17.84
N GLY D 455 -35.60 -32.92 16.92
CA GLY D 455 -36.94 -32.42 17.16
C GLY D 455 -36.87 -31.00 17.69
N ASN D 456 -37.24 -30.02 16.85
CA ASN D 456 -37.17 -28.57 17.07
C ASN D 456 -35.72 -28.05 17.22
N ASP D 457 -34.73 -28.93 17.15
CA ASP D 457 -33.33 -28.52 17.17
C ASP D 457 -32.64 -29.05 15.92
N ARG D 458 -33.39 -29.62 14.99
CA ARG D 458 -32.88 -30.08 13.71
C ARG D 458 -32.58 -28.95 12.74
N PHE D 459 -32.90 -27.70 13.10
CA PHE D 459 -32.84 -26.58 12.18
C PHE D 459 -32.00 -25.45 12.76
N GLU D 460 -31.35 -24.69 11.89
CA GLU D 460 -30.70 -23.45 12.26
C GLU D 460 -30.67 -22.54 11.04
N GLY D 461 -30.31 -21.28 11.28
CA GLY D 461 -30.18 -20.32 10.20
C GLY D 461 -30.66 -18.95 10.63
N TYR D 462 -31.02 -18.13 9.64
CA TYR D 462 -31.50 -16.78 9.93
C TYR D 462 -32.90 -16.80 10.50
N CYS D 463 -33.82 -17.51 9.85
CA CYS D 463 -35.20 -17.54 10.29
C CYS D 463 -35.40 -18.28 11.60
N ILE D 464 -34.46 -19.16 11.97
CA ILE D 464 -34.53 -19.81 13.26
C ILE D 464 -34.10 -18.84 14.36
N ASP D 465 -33.06 -18.05 14.10
CA ASP D 465 -32.65 -17.03 15.06
C ASP D 465 -33.67 -15.90 15.13
N LEU D 466 -34.41 -15.65 14.04
CA LEU D 466 -35.48 -14.66 14.07
C LEU D 466 -36.65 -15.16 14.91
N LEU D 467 -36.98 -16.44 14.78
CA LEU D 467 -38.05 -17.03 15.59
C LEU D 467 -37.71 -17.05 17.07
N ARG D 468 -36.43 -17.15 17.41
CA ARG D 468 -36.02 -17.23 18.81
C ARG D 468 -36.30 -15.94 19.56
N GLU D 469 -36.03 -14.80 18.93
CA GLU D 469 -36.27 -13.52 19.57
C GLU D 469 -37.68 -13.00 19.34
N LEU D 470 -38.48 -13.68 18.50
CA LEU D 470 -39.91 -13.45 18.52
C LEU D 470 -40.57 -14.15 19.70
N SER D 471 -40.04 -15.31 20.10
CA SER D 471 -40.50 -16.03 21.28
C SER D 471 -39.98 -15.42 22.58
N THR D 472 -39.07 -14.46 22.50
CA THR D 472 -38.64 -13.72 23.67
C THR D 472 -39.48 -12.47 23.89
N ILE D 473 -39.78 -11.74 22.81
CA ILE D 473 -40.64 -10.55 22.93
C ILE D 473 -42.08 -10.97 23.16
N LEU D 474 -42.64 -11.73 22.23
CA LEU D 474 -43.93 -12.37 22.45
C LEU D 474 -43.74 -13.64 23.26
N GLY D 475 -44.83 -14.32 23.56
CA GLY D 475 -44.75 -15.62 24.21
C GLY D 475 -45.53 -16.67 23.47
N PHE D 476 -44.82 -17.65 22.90
CA PHE D 476 -45.44 -18.74 22.14
C PHE D 476 -44.44 -19.87 22.02
N THR D 477 -44.87 -20.94 21.37
CA THR D 477 -44.05 -22.16 21.24
C THR D 477 -44.17 -22.74 19.84
N TYR D 478 -43.25 -23.66 19.56
CA TYR D 478 -42.89 -24.26 18.27
C TYR D 478 -43.65 -25.54 17.98
N GLU D 479 -42.94 -26.52 17.37
CA GLU D 479 -43.31 -27.47 16.31
C GLU D 479 -43.23 -26.71 14.99
N ILE D 480 -42.03 -26.21 14.75
CA ILE D 480 -41.57 -25.85 13.41
C ILE D 480 -41.80 -27.04 12.50
N ARG D 481 -42.61 -26.87 11.48
CA ARG D 481 -42.96 -27.95 10.58
C ARG D 481 -42.64 -27.55 9.14
N LEU D 482 -41.96 -28.44 8.44
CA LEU D 482 -41.66 -28.18 7.05
C LEU D 482 -42.92 -28.31 6.20
N VAL D 483 -42.93 -27.62 5.10
CA VAL D 483 -44.04 -27.73 4.16
C VAL D 483 -43.89 -29.03 3.41
N GLU D 484 -45.01 -29.70 3.15
CA GLU D 484 -45.00 -31.00 2.48
C GLU D 484 -44.96 -30.87 0.96
N ASP D 485 -44.74 -29.68 0.44
CA ASP D 485 -44.64 -29.45 -1.00
C ASP D 485 -43.30 -28.89 -1.43
N GLY D 486 -42.56 -28.24 -0.55
CA GLY D 486 -41.30 -27.64 -0.93
C GLY D 486 -41.45 -26.44 -1.82
N LYS D 487 -42.58 -25.76 -1.76
CA LYS D 487 -42.86 -24.60 -2.58
C LYS D 487 -43.23 -23.42 -1.69
N TYR D 488 -43.32 -22.24 -2.30
CA TYR D 488 -43.73 -21.04 -1.58
C TYR D 488 -45.24 -20.82 -1.69
N GLY D 489 -45.75 -20.73 -2.92
CA GLY D 489 -47.16 -20.55 -3.16
C GLY D 489 -47.43 -19.76 -4.41
N ALA D 490 -48.39 -20.22 -5.21
CA ALA D 490 -48.71 -19.56 -6.47
C ALA D 490 -50.13 -19.91 -6.85
N GLN D 491 -50.53 -19.46 -8.03
CA GLN D 491 -51.90 -19.64 -8.51
C GLN D 491 -51.93 -20.66 -9.64
N ASP D 492 -52.87 -21.59 -9.55
CA ASP D 492 -52.98 -22.68 -10.52
C ASP D 492 -53.62 -22.24 -11.84
N ASP D 493 -54.31 -21.09 -11.82
CA ASP D 493 -54.83 -20.34 -12.98
C ASP D 493 -56.01 -21.00 -13.68
N VAL D 494 -56.36 -22.22 -13.28
CA VAL D 494 -57.58 -22.89 -13.74
C VAL D 494 -58.39 -23.39 -12.56
N ASN D 495 -57.72 -24.08 -11.63
CA ASN D 495 -58.41 -24.62 -10.46
C ASN D 495 -58.79 -23.51 -9.48
N GLY D 496 -58.08 -22.40 -9.49
CA GLY D 496 -58.14 -21.47 -8.39
C GLY D 496 -57.43 -21.98 -7.16
N GLN D 497 -56.41 -22.82 -7.33
CA GLN D 497 -55.78 -23.53 -6.23
C GLN D 497 -54.47 -22.87 -5.86
N TRP D 498 -54.20 -22.83 -4.56
CA TRP D 498 -52.96 -22.29 -4.03
C TRP D 498 -52.05 -23.43 -3.58
N ASN D 499 -50.75 -23.19 -3.70
CA ASN D 499 -49.72 -24.18 -3.39
C ASN D 499 -48.87 -23.69 -2.23
N GLY D 500 -47.79 -24.42 -1.96
CA GLY D 500 -46.70 -23.99 -1.10
C GLY D 500 -47.10 -23.75 0.33
N MET D 501 -46.43 -22.76 0.94
CA MET D 501 -46.73 -22.41 2.32
C MET D 501 -48.08 -21.72 2.45
N VAL D 502 -48.44 -20.87 1.47
CA VAL D 502 -49.62 -20.03 1.62
C VAL D 502 -50.91 -20.84 1.51
N ARG D 503 -50.85 -22.06 0.97
CA ARG D 503 -52.00 -22.96 1.05
C ARG D 503 -52.18 -23.45 2.48
N GLU D 504 -51.10 -23.59 3.24
CA GLU D 504 -51.18 -23.93 4.64
C GLU D 504 -51.50 -22.74 5.53
N LEU D 505 -51.58 -21.54 4.98
CA LEU D 505 -52.06 -20.38 5.73
C LEU D 505 -53.54 -20.12 5.49
N ILE D 506 -54.03 -20.40 4.29
CA ILE D 506 -55.45 -20.25 4.00
C ILE D 506 -56.27 -21.24 4.80
N ASP D 507 -56.04 -22.53 4.57
CA ASP D 507 -56.56 -23.56 5.45
C ASP D 507 -55.68 -23.58 6.70
N HIS D 508 -56.29 -23.41 7.86
CA HIS D 508 -55.54 -23.12 9.08
C HIS D 508 -54.80 -24.35 9.61
N LYS D 509 -53.82 -24.82 8.85
CA LYS D 509 -52.95 -25.92 9.28
C LYS D 509 -51.64 -25.44 9.86
N ALA D 510 -51.28 -24.18 9.65
CA ALA D 510 -50.12 -23.56 10.28
C ALA D 510 -50.55 -22.23 10.86
N ASP D 511 -49.63 -21.59 11.58
CA ASP D 511 -49.92 -20.32 12.23
C ASP D 511 -49.02 -19.20 11.76
N LEU D 512 -47.72 -19.44 11.65
CA LEU D 512 -46.78 -18.46 11.13
C LEU D 512 -46.02 -19.06 9.96
N ALA D 513 -45.38 -18.20 9.18
CA ALA D 513 -44.69 -18.61 7.96
C ALA D 513 -43.33 -17.93 7.87
N VAL D 514 -42.54 -18.02 8.94
CA VAL D 514 -41.24 -17.34 8.99
C VAL D 514 -40.30 -18.04 8.01
N ALA D 515 -40.09 -17.40 6.85
CA ALA D 515 -39.40 -17.95 5.69
C ALA D 515 -39.15 -16.80 4.71
N PRO D 516 -38.34 -16.98 3.64
CA PRO D 516 -38.31 -15.97 2.59
C PRO D 516 -39.59 -15.93 1.76
N LEU D 517 -40.64 -15.36 2.32
CA LEU D 517 -41.93 -15.26 1.65
C LEU D 517 -42.10 -13.79 1.29
N ALA D 518 -41.96 -13.47 0.02
CA ALA D 518 -41.94 -12.08 -0.41
C ALA D 518 -43.34 -11.48 -0.41
N ILE D 519 -43.43 -10.21 -0.05
CA ILE D 519 -44.71 -9.51 -0.01
C ILE D 519 -45.11 -9.16 -1.43
N THR D 520 -46.21 -9.74 -1.89
CA THR D 520 -46.64 -9.61 -3.27
C THR D 520 -48.09 -9.14 -3.25
N TYR D 521 -48.54 -8.55 -4.36
CA TYR D 521 -49.91 -8.08 -4.48
C TYR D 521 -50.91 -9.22 -4.43
N VAL D 522 -50.62 -10.32 -5.13
CA VAL D 522 -51.56 -11.44 -5.17
C VAL D 522 -51.55 -12.25 -3.89
N ARG D 523 -50.50 -12.15 -3.08
CA ARG D 523 -50.47 -12.87 -1.81
C ARG D 523 -51.17 -12.11 -0.71
N GLU D 524 -51.02 -10.78 -0.68
CA GLU D 524 -51.64 -9.94 0.34
C GLU D 524 -53.16 -9.93 0.21
N LYS D 525 -53.70 -10.22 -0.97
CA LYS D 525 -55.14 -10.31 -1.14
C LYS D 525 -55.74 -11.58 -0.56
N VAL D 526 -54.92 -12.54 -0.14
CA VAL D 526 -55.45 -13.79 0.39
C VAL D 526 -54.88 -14.16 1.76
N ILE D 527 -53.70 -13.68 2.16
CA ILE D 527 -53.18 -13.83 3.50
C ILE D 527 -52.75 -12.45 4.00
N ASP D 528 -52.17 -12.41 5.19
CA ASP D 528 -51.64 -11.20 5.75
C ASP D 528 -50.15 -11.34 6.01
N PHE D 529 -49.40 -10.28 5.72
CA PHE D 529 -47.99 -10.19 6.01
C PHE D 529 -47.74 -9.17 7.10
N SER D 530 -46.65 -9.35 7.82
CA SER D 530 -46.21 -8.35 8.77
C SER D 530 -45.39 -7.31 8.01
N LYS D 531 -44.81 -6.37 8.72
CA LYS D 531 -43.91 -5.45 8.05
C LYS D 531 -42.57 -6.15 7.81
N PRO D 532 -41.82 -5.74 6.78
CA PRO D 532 -40.66 -6.53 6.36
C PRO D 532 -39.52 -6.56 7.38
N PHE D 533 -38.87 -7.71 7.46
CA PHE D 533 -37.64 -7.87 8.22
C PHE D 533 -36.41 -7.89 7.33
N MET D 534 -36.59 -7.79 6.01
CA MET D 534 -35.45 -7.78 5.10
C MET D 534 -35.89 -7.17 3.79
N THR D 535 -35.10 -6.22 3.29
CA THR D 535 -35.33 -5.62 1.98
C THR D 535 -34.42 -6.29 0.96
N LEU D 536 -34.88 -6.31 -0.29
CA LEU D 536 -34.14 -6.96 -1.36
C LEU D 536 -34.56 -6.37 -2.69
N GLY D 537 -34.01 -6.92 -3.75
CA GLY D 537 -34.34 -6.47 -5.09
C GLY D 537 -33.61 -7.31 -6.11
N ILE D 538 -33.74 -6.92 -7.36
CA ILE D 538 -33.09 -7.61 -8.46
C ILE D 538 -31.74 -6.95 -8.72
N SER D 539 -30.69 -7.77 -8.84
CA SER D 539 -29.37 -7.27 -9.19
C SER D 539 -28.72 -8.27 -10.13
N ILE D 540 -27.41 -8.11 -10.37
CA ILE D 540 -26.71 -8.84 -11.43
C ILE D 540 -25.52 -9.56 -10.84
N LEU D 541 -25.41 -10.87 -11.13
CA LEU D 541 -24.15 -11.59 -10.99
C LEU D 541 -23.34 -11.49 -12.26
N TYR D 542 -22.02 -11.39 -12.09
CA TYR D 542 -21.08 -11.46 -13.20
C TYR D 542 -19.74 -11.87 -12.60
N ARG D 543 -18.89 -12.47 -13.42
CA ARG D 543 -17.59 -12.92 -12.96
C ARG D 543 -16.70 -11.72 -12.67
N LYS D 544 -15.95 -11.81 -11.57
CA LYS D 544 -15.09 -10.72 -11.14
C LYS D 544 -13.96 -10.52 -12.15
N PRO D 545 -13.57 -9.27 -12.45
CA PRO D 545 -12.48 -9.04 -13.40
C PRO D 545 -11.15 -9.56 -12.89
N ASN D 546 -10.30 -9.93 -13.83
CA ASN D 546 -9.17 -10.80 -13.49
C ASN D 546 -7.82 -10.23 -13.87
N GLY D 547 -7.71 -9.58 -15.02
CA GLY D 547 -6.43 -9.07 -15.46
C GLY D 547 -5.50 -10.17 -15.96
N THR D 548 -6.06 -11.15 -16.66
CA THR D 548 -5.28 -12.24 -17.22
C THR D 548 -4.85 -11.98 -18.66
N ASN D 549 -5.75 -11.45 -19.49
CA ASN D 549 -5.42 -11.04 -20.85
C ASN D 549 -5.60 -9.53 -20.96
N PRO D 550 -4.57 -8.73 -20.69
CA PRO D 550 -4.67 -7.29 -20.92
C PRO D 550 -4.51 -6.91 -22.38
N GLY D 551 -4.14 -7.85 -23.24
CA GLY D 551 -3.85 -7.57 -24.63
C GLY D 551 -2.43 -7.96 -24.96
N VAL D 552 -2.17 -8.37 -26.20
CA VAL D 552 -0.80 -8.68 -26.60
C VAL D 552 0.00 -7.39 -26.76
N PHE D 553 -0.69 -6.27 -26.95
CA PHE D 553 -0.17 -4.92 -26.78
C PHE D 553 -0.34 -4.53 -25.31
N SER D 554 -0.44 -3.23 -25.05
CA SER D 554 -0.72 -2.62 -23.75
C SER D 554 0.53 -2.69 -22.88
N PHE D 555 1.68 -2.72 -23.55
CA PHE D 555 2.90 -2.09 -23.06
C PHE D 555 2.75 -0.61 -23.36
N LEU D 556 1.84 -0.32 -24.29
CA LEU D 556 1.58 1.00 -24.82
C LEU D 556 0.62 1.79 -23.94
N ASN D 557 0.20 1.24 -22.79
CA ASN D 557 -0.72 1.94 -21.90
C ASN D 557 -0.18 3.25 -21.30
N PRO D 558 1.04 3.29 -20.60
CA PRO D 558 1.32 4.41 -19.67
C PRO D 558 1.35 5.82 -20.26
N LEU D 559 1.37 5.94 -21.58
CA LEU D 559 1.17 7.21 -22.24
C LEU D 559 -0.15 7.17 -22.98
N SER D 560 -0.87 8.29 -22.95
CA SER D 560 -2.14 8.38 -23.65
C SER D 560 -1.90 8.39 -25.16
N PRO D 561 -2.89 7.96 -25.96
CA PRO D 561 -2.66 7.90 -27.42
C PRO D 561 -2.49 9.25 -28.09
N ASP D 562 -2.81 10.36 -27.42
CA ASP D 562 -2.42 11.65 -27.93
C ASP D 562 -0.92 11.86 -27.80
N ILE D 563 -0.33 11.36 -26.71
CA ILE D 563 1.10 11.53 -26.47
C ILE D 563 1.92 10.67 -27.44
N TRP D 564 1.45 9.47 -27.75
CA TRP D 564 2.14 8.64 -28.74
C TRP D 564 2.09 9.26 -30.13
N MET D 565 1.03 10.01 -30.45
CA MET D 565 0.99 10.68 -31.73
C MET D 565 1.78 11.98 -31.73
N TYR D 566 1.81 12.70 -30.61
CA TYR D 566 2.51 13.97 -30.57
C TYR D 566 4.01 13.81 -30.57
N VAL D 567 4.54 12.63 -30.25
CA VAL D 567 5.98 12.43 -30.34
C VAL D 567 6.43 11.97 -31.72
N LEU D 568 5.50 11.49 -32.56
CA LEU D 568 5.82 11.36 -33.98
C LEU D 568 5.85 12.71 -34.65
N LEU D 569 4.85 13.56 -34.37
CA LEU D 569 4.81 14.89 -34.93
C LEU D 569 5.94 15.77 -34.42
N ALA D 570 6.46 15.49 -33.22
CA ALA D 570 7.66 16.18 -32.77
C ALA D 570 8.89 15.64 -33.48
N CYS D 571 8.97 14.32 -33.66
CA CYS D 571 10.15 13.73 -34.31
C CYS D 571 10.20 14.07 -35.79
N LEU D 572 9.04 14.10 -36.45
CA LEU D 572 9.00 14.56 -37.83
C LEU D 572 9.24 16.06 -37.92
N GLY D 573 8.80 16.81 -36.92
CA GLY D 573 8.90 18.26 -36.96
C GLY D 573 10.30 18.78 -36.72
N VAL D 574 10.97 18.23 -35.70
CA VAL D 574 12.34 18.62 -35.37
C VAL D 574 13.29 18.24 -36.51
N SER D 575 13.04 17.09 -37.14
CA SER D 575 13.87 16.63 -38.26
C SER D 575 13.73 17.55 -39.47
N CYS D 576 12.56 18.16 -39.66
CA CYS D 576 12.39 19.11 -40.76
C CYS D 576 13.06 20.44 -40.45
N VAL D 577 13.04 20.88 -39.19
CA VAL D 577 13.66 22.14 -38.84
C VAL D 577 15.18 21.99 -38.84
N LEU D 578 15.68 20.83 -38.38
CA LEU D 578 17.11 20.57 -38.39
C LEU D 578 17.67 20.54 -39.81
N PHE D 579 16.87 20.11 -40.78
CA PHE D 579 17.28 20.18 -42.17
C PHE D 579 17.36 21.63 -42.66
N VAL D 580 16.42 22.46 -42.24
CA VAL D 580 16.38 23.84 -42.72
C VAL D 580 17.47 24.68 -42.07
N ILE D 581 17.67 24.50 -40.76
CA ILE D 581 18.66 25.28 -40.03
C ILE D 581 20.07 24.95 -40.49
N ALA D 582 20.34 23.67 -40.77
CA ALA D 582 21.69 23.26 -41.15
C ALA D 582 22.08 23.74 -42.55
N ARG D 583 21.10 23.84 -43.45
CA ARG D 583 21.40 24.39 -44.77
C ARG D 583 21.57 25.90 -44.69
N PHE D 584 20.77 26.57 -43.85
CA PHE D 584 20.83 28.01 -43.73
C PHE D 584 22.04 28.49 -42.93
N SER D 585 22.62 27.64 -42.11
CA SER D 585 23.73 28.08 -41.27
C SER D 585 25.04 27.97 -42.03
N PRO D 586 25.92 28.98 -41.93
CA PRO D 586 27.21 28.88 -42.64
C PRO D 586 28.17 27.91 -42.00
N TYR D 587 28.17 27.81 -40.67
CA TYR D 587 29.17 27.05 -39.94
C TYR D 587 28.96 25.55 -39.99
N GLU D 588 27.87 25.08 -40.61
CA GLU D 588 27.68 23.66 -40.79
C GLU D 588 28.35 23.15 -42.07
N TRP D 589 28.40 23.98 -43.10
CA TRP D 589 29.14 23.68 -44.31
C TRP D 589 30.63 23.69 -44.00
N TYR D 590 31.24 22.52 -43.93
CA TYR D 590 32.64 22.39 -43.54
C TYR D 590 33.44 21.78 -44.69
N ASN D 591 34.74 21.65 -44.46
CA ASN D 591 35.64 21.08 -45.44
C ASN D 591 35.81 19.59 -45.13
N PRO D 592 35.37 18.69 -46.00
CA PRO D 592 35.61 17.27 -45.78
C PRO D 592 37.05 16.92 -46.09
N HIS D 593 37.39 15.65 -45.85
CA HIS D 593 38.67 15.00 -46.15
C HIS D 593 39.84 15.75 -45.55
N PRO D 594 40.07 15.68 -44.23
CA PRO D 594 41.18 16.43 -43.63
C PRO D 594 42.55 15.87 -43.97
N CYS D 595 42.60 14.66 -44.56
CA CYS D 595 43.82 14.12 -45.16
C CYS D 595 44.44 15.10 -46.13
N ASN D 596 43.62 15.74 -46.97
CA ASN D 596 44.05 16.67 -47.99
C ASN D 596 43.48 18.04 -47.66
N PRO D 597 44.19 18.86 -46.89
CA PRO D 597 43.73 20.22 -46.64
C PRO D 597 44.00 21.10 -47.87
N ASP D 598 43.53 22.34 -47.78
CA ASP D 598 43.60 23.35 -48.86
C ASP D 598 42.97 22.83 -50.14
N SER D 599 41.69 22.51 -50.06
CA SER D 599 40.90 22.07 -51.19
C SER D 599 39.77 23.08 -51.40
N ASP D 600 38.85 22.75 -52.30
CA ASP D 600 37.72 23.61 -52.59
C ASP D 600 36.41 22.81 -52.49
N VAL D 601 36.46 21.67 -51.81
CA VAL D 601 35.28 20.85 -51.58
C VAL D 601 34.65 21.26 -50.26
N VAL D 602 33.33 21.39 -50.25
CA VAL D 602 32.56 21.77 -49.06
C VAL D 602 31.34 20.88 -49.01
N GLU D 603 31.16 20.17 -47.89
CA GLU D 603 30.04 19.25 -47.74
C GLU D 603 29.11 19.68 -46.61
N ASN D 604 27.91 19.13 -46.65
CA ASN D 604 26.93 19.24 -45.58
C ASN D 604 26.43 17.83 -45.29
N ASN D 605 26.63 17.37 -44.05
CA ASN D 605 26.20 16.03 -43.70
C ASN D 605 24.71 15.91 -43.49
N PHE D 606 24.03 17.01 -43.16
CA PHE D 606 22.60 16.94 -42.89
C PHE D 606 21.84 16.99 -44.21
N THR D 607 21.56 15.80 -44.74
CA THR D 607 20.62 15.66 -45.84
C THR D 607 19.22 15.58 -45.24
N LEU D 608 18.23 15.24 -46.06
CA LEU D 608 16.90 15.04 -45.49
C LEU D 608 16.81 13.67 -44.84
N LEU D 609 17.46 12.67 -45.42
CA LEU D 609 17.46 11.33 -44.86
C LEU D 609 18.26 11.28 -43.56
N ASN D 610 19.38 11.99 -43.50
CA ASN D 610 20.20 12.00 -42.30
C ASN D 610 19.58 12.81 -41.17
N SER D 611 18.64 13.71 -41.46
CA SER D 611 18.03 14.50 -40.41
C SER D 611 16.93 13.73 -39.68
N PHE D 612 16.21 12.86 -40.38
CA PHE D 612 15.31 11.94 -39.68
C PHE D 612 16.08 10.93 -38.86
N TRP D 613 17.23 10.50 -39.36
CA TRP D 613 18.03 9.50 -38.67
C TRP D 613 18.71 10.04 -37.42
N PHE D 614 18.95 11.35 -37.36
CA PHE D 614 19.38 11.94 -36.10
C PHE D 614 18.26 11.94 -35.08
N GLY D 615 17.05 12.32 -35.50
CA GLY D 615 15.96 12.43 -34.56
C GLY D 615 15.41 11.09 -34.10
N VAL D 616 15.48 10.07 -34.96
CA VAL D 616 15.08 8.74 -34.55
C VAL D 616 16.11 8.12 -33.62
N GLY D 617 17.39 8.28 -33.95
CA GLY D 617 18.44 7.71 -33.12
C GLY D 617 18.60 8.37 -31.78
N ALA D 618 18.33 9.68 -31.70
CA ALA D 618 18.34 10.35 -30.41
C ALA D 618 17.14 9.95 -29.58
N LEU D 619 16.00 9.68 -30.23
CA LEU D 619 14.79 9.30 -29.51
C LEU D 619 14.91 7.93 -28.88
N MET D 620 15.72 7.05 -29.44
CA MET D 620 15.84 5.68 -28.98
C MET D 620 17.02 5.47 -28.04
N GLN D 621 17.63 6.56 -27.55
CA GLN D 621 18.80 6.54 -26.67
C GLN D 621 19.97 5.79 -27.29
N GLN D 622 20.19 6.01 -28.58
CA GLN D 622 21.22 5.27 -29.30
C GLN D 622 22.30 6.15 -29.91
N GLY D 623 21.94 7.30 -30.46
CA GLY D 623 22.93 8.16 -31.08
C GLY D 623 23.30 7.73 -32.49
N SER D 624 23.42 8.67 -33.40
CA SER D 624 23.77 8.38 -34.78
C SER D 624 25.24 8.66 -35.01
N GLU D 625 25.69 8.41 -36.24
CA GLU D 625 27.08 8.61 -36.61
C GLU D 625 27.43 10.07 -36.87
N LEU D 626 26.44 10.92 -37.06
CA LEU D 626 26.67 12.33 -37.35
C LEU D 626 26.22 13.17 -36.16
N MET D 627 26.91 14.28 -35.93
CA MET D 627 26.66 15.10 -34.76
C MET D 627 26.70 16.56 -35.19
N PRO D 628 25.76 17.38 -34.71
CA PRO D 628 25.73 18.79 -35.13
C PRO D 628 26.92 19.57 -34.59
N LYS D 629 27.58 20.28 -35.50
CA LYS D 629 28.43 21.42 -35.17
C LYS D 629 27.53 22.65 -35.18
N ALA D 630 28.12 23.86 -35.27
CA ALA D 630 27.39 25.06 -35.68
C ALA D 630 26.24 25.44 -34.76
N LEU D 631 26.55 26.05 -33.61
CA LEU D 631 25.75 26.24 -32.39
C LEU D 631 24.23 26.34 -32.54
N SER D 632 23.76 26.97 -33.63
CA SER D 632 22.34 26.99 -33.94
C SER D 632 21.76 25.59 -34.11
N THR D 633 22.53 24.66 -34.65
CA THR D 633 22.05 23.29 -34.77
C THR D 633 22.28 22.46 -33.52
N ARG D 634 23.21 22.87 -32.65
CA ARG D 634 23.39 22.19 -31.39
C ARG D 634 22.31 22.52 -30.37
N ILE D 635 21.66 23.67 -30.51
CA ILE D 635 20.52 23.97 -29.65
C ILE D 635 19.33 23.09 -30.04
N VAL D 636 19.18 22.81 -31.34
CA VAL D 636 18.13 21.89 -31.79
C VAL D 636 18.41 20.48 -31.27
N GLY D 637 19.63 20.00 -31.43
CA GLY D 637 19.98 18.68 -30.93
C GLY D 637 20.02 18.59 -29.43
N GLY D 638 20.31 19.71 -28.75
CA GLY D 638 20.34 19.69 -27.30
C GLY D 638 18.98 19.78 -26.65
N ILE D 639 18.03 20.45 -27.29
CA ILE D 639 16.69 20.53 -26.73
C ILE D 639 15.88 19.30 -27.09
N TRP D 640 16.27 18.57 -28.14
CA TRP D 640 15.63 17.31 -28.45
C TRP D 640 16.15 16.18 -27.57
N TRP D 641 17.34 16.33 -27.02
CA TRP D 641 17.84 15.36 -26.06
C TRP D 641 17.16 15.51 -24.72
N PHE D 642 16.82 16.73 -24.33
CA PHE D 642 16.10 16.93 -23.07
C PHE D 642 14.65 16.52 -23.19
N PHE D 643 14.04 16.69 -24.37
CA PHE D 643 12.71 16.16 -24.64
C PHE D 643 12.69 14.65 -24.50
N THR D 644 13.70 13.99 -25.06
CA THR D 644 13.75 12.54 -25.10
C THR D 644 13.94 11.94 -23.71
N LEU D 645 14.76 12.59 -22.89
CA LEU D 645 15.08 12.10 -21.56
C LEU D 645 13.86 12.12 -20.65
N ILE D 646 13.00 13.13 -20.79
CA ILE D 646 11.80 13.22 -19.95
C ILE D 646 10.75 12.21 -20.41
N ILE D 647 10.61 12.00 -21.72
CA ILE D 647 9.59 11.10 -22.25
C ILE D 647 9.86 9.65 -21.85
N ILE D 648 11.12 9.22 -21.95
CA ILE D 648 11.44 7.84 -21.65
C ILE D 648 11.46 7.59 -20.16
N SER D 649 11.86 8.59 -19.36
CA SER D 649 11.79 8.45 -17.91
C SER D 649 10.34 8.44 -17.43
N SER D 650 9.45 9.17 -18.12
CA SER D 650 8.05 9.16 -17.74
C SER D 650 7.36 7.87 -18.17
N TYR D 651 7.82 7.24 -19.26
CA TYR D 651 7.27 5.95 -19.64
C TYR D 651 7.67 4.88 -18.66
N THR D 652 8.91 4.89 -18.19
CA THR D 652 9.37 3.86 -17.26
C THR D 652 8.75 4.03 -15.89
N ALA D 653 8.56 5.27 -15.47
CA ALA D 653 8.00 5.52 -14.14
C ALA D 653 6.53 5.21 -14.08
N ASN D 654 5.78 5.52 -15.14
CA ASN D 654 4.35 5.24 -15.12
C ASN D 654 4.07 3.76 -15.37
N LEU D 655 4.96 3.07 -16.07
CA LEU D 655 4.80 1.63 -16.23
C LEU D 655 5.07 0.90 -14.92
N ALA D 656 5.99 1.42 -14.11
CA ALA D 656 6.23 0.84 -12.80
C ALA D 656 5.07 1.08 -11.86
N ALA D 657 4.33 2.17 -12.08
CA ALA D 657 3.12 2.41 -11.29
C ALA D 657 2.02 1.43 -11.69
N PHE D 658 1.92 1.08 -12.97
CA PHE D 658 0.89 0.15 -13.41
C PHE D 658 1.18 -1.25 -12.92
N LEU D 659 2.44 -1.64 -12.89
CA LEU D 659 2.78 -3.00 -12.52
C LEU D 659 2.81 -3.20 -11.01
N THR D 660 2.85 -2.12 -10.23
CA THR D 660 2.84 -2.22 -8.79
C THR D 660 1.41 -2.18 -8.24
N VAL D 661 0.60 -1.25 -8.73
CA VAL D 661 -0.76 -1.09 -8.27
C VAL D 661 -1.67 -1.55 -9.40
N GLU D 662 -2.12 -2.80 -9.33
CA GLU D 662 -3.01 -3.35 -10.33
C GLU D 662 -4.43 -2.92 -10.00
N ARG D 663 -5.00 -2.05 -10.84
CA ARG D 663 -6.34 -1.52 -10.63
C ARG D 663 -7.21 -1.98 -11.79
N MET D 664 -8.04 -2.99 -11.52
CA MET D 664 -8.85 -3.66 -12.52
C MET D 664 -10.22 -2.98 -12.64
N GLU D 665 -10.94 -3.33 -13.71
CA GLU D 665 -12.25 -2.74 -13.94
C GLU D 665 -13.11 -3.74 -14.68
N SER D 666 -14.42 -3.50 -14.63
CA SER D 666 -15.38 -4.40 -15.26
C SER D 666 -15.84 -3.84 -16.59
N PRO D 667 -16.22 -4.72 -17.54
CA PRO D 667 -16.79 -4.25 -18.80
C PRO D 667 -18.14 -3.56 -18.61
N ILE D 668 -19.02 -4.18 -17.84
CA ILE D 668 -20.33 -3.66 -17.56
C ILE D 668 -20.33 -3.03 -16.17
N ASP D 669 -21.20 -2.05 -15.97
CA ASP D 669 -21.28 -1.32 -14.72
C ASP D 669 -22.70 -1.18 -14.19
N SER D 670 -23.72 -1.32 -15.04
CA SER D 670 -25.11 -1.16 -14.62
C SER D 670 -25.97 -2.02 -15.54
N ALA D 671 -27.28 -1.80 -15.48
CA ALA D 671 -28.19 -2.56 -16.33
C ALA D 671 -28.22 -1.99 -17.74
N ASP D 672 -28.19 -0.67 -17.88
CA ASP D 672 -28.16 -0.05 -19.20
C ASP D 672 -26.85 -0.30 -19.92
N ASP D 673 -25.75 -0.49 -19.20
CA ASP D 673 -24.51 -0.92 -19.82
C ASP D 673 -24.60 -2.34 -20.33
N LEU D 674 -25.47 -3.15 -19.74
CA LEU D 674 -25.75 -4.48 -20.26
C LEU D 674 -26.83 -4.42 -21.33
N ALA D 675 -27.59 -3.32 -21.38
CA ALA D 675 -28.66 -3.18 -22.36
C ALA D 675 -28.13 -2.85 -23.75
N LYS D 676 -26.83 -2.57 -23.88
CA LYS D 676 -26.28 -2.18 -25.17
C LYS D 676 -25.36 -3.25 -25.74
N GLN D 677 -24.57 -3.90 -24.88
CA GLN D 677 -23.60 -4.87 -25.34
C GLN D 677 -24.27 -6.18 -25.71
N THR D 678 -23.78 -6.82 -26.77
CA THR D 678 -24.28 -8.09 -27.23
C THR D 678 -23.32 -9.24 -26.95
N LYS D 679 -22.07 -8.93 -26.57
CA LYS D 679 -21.08 -9.97 -26.28
C LYS D 679 -21.42 -10.71 -25.00
N ILE D 680 -21.45 -9.99 -23.87
CA ILE D 680 -22.01 -10.56 -22.65
C ILE D 680 -23.51 -10.76 -22.82
N GLU D 681 -24.03 -11.84 -22.24
CA GLU D 681 -25.42 -12.22 -22.46
C GLU D 681 -26.17 -12.34 -21.14
N TYR D 682 -27.48 -12.11 -21.23
CA TYR D 682 -28.40 -11.92 -20.11
C TYR D 682 -28.72 -13.27 -19.47
N GLY D 683 -29.70 -13.27 -18.58
CA GLY D 683 -30.20 -14.53 -18.06
C GLY D 683 -30.92 -14.47 -16.73
N ALA D 684 -32.03 -15.21 -16.64
CA ALA D 684 -32.79 -15.32 -15.41
C ALA D 684 -33.46 -16.68 -15.37
N VAL D 685 -33.94 -17.06 -14.19
CA VAL D 685 -34.67 -18.30 -14.05
C VAL D 685 -36.01 -18.19 -14.75
N GLU D 686 -36.33 -19.15 -15.61
CA GLU D 686 -37.60 -19.14 -16.32
C GLU D 686 -38.75 -19.40 -15.36
N ASP D 687 -39.82 -18.62 -15.53
CA ASP D 687 -41.04 -18.66 -14.71
C ASP D 687 -40.72 -18.41 -13.23
N GLY D 688 -40.03 -17.31 -12.99
CA GLY D 688 -39.70 -16.88 -11.64
C GLY D 688 -40.16 -15.46 -11.40
N ALA D 689 -39.88 -15.00 -10.18
CA ALA D 689 -40.24 -13.63 -9.81
C ALA D 689 -39.40 -12.60 -10.53
N THR D 690 -38.19 -12.96 -10.97
CA THR D 690 -37.34 -12.03 -11.67
C THR D 690 -37.73 -11.93 -13.14
N MET D 691 -38.15 -13.04 -13.75
CA MET D 691 -38.55 -13.03 -15.15
C MET D 691 -39.86 -12.28 -15.34
N THR D 692 -40.74 -12.31 -14.34
CA THR D 692 -42.05 -11.66 -14.46
C THR D 692 -41.91 -10.14 -14.40
N PHE D 693 -40.84 -9.65 -13.77
CA PHE D 693 -40.58 -8.22 -13.73
C PHE D 693 -40.24 -7.70 -15.11
N PHE D 694 -39.35 -8.39 -15.82
CA PHE D 694 -38.93 -7.93 -17.15
C PHE D 694 -40.01 -8.13 -18.19
N LYS D 695 -40.90 -9.12 -17.99
CA LYS D 695 -42.01 -9.29 -18.91
C LYS D 695 -43.02 -8.16 -18.77
N LYS D 696 -43.36 -7.80 -17.54
CA LYS D 696 -44.39 -6.79 -17.29
C LYS D 696 -43.88 -5.36 -17.36
N SER D 697 -42.59 -5.15 -17.61
CA SER D 697 -42.02 -3.82 -17.49
C SER D 697 -42.40 -2.95 -18.67
N LYS D 698 -42.26 -1.64 -18.47
CA LYS D 698 -42.49 -0.65 -19.50
C LYS D 698 -41.37 0.37 -19.61
N ILE D 699 -40.33 0.25 -18.79
CA ILE D 699 -39.16 1.10 -18.93
C ILE D 699 -38.40 0.68 -20.17
N SER D 700 -37.93 1.66 -20.94
CA SER D 700 -37.32 1.42 -22.25
C SER D 700 -36.04 0.61 -22.15
N THR D 701 -35.29 0.75 -21.06
CA THR D 701 -34.12 -0.10 -20.85
C THR D 701 -34.53 -1.53 -20.58
N TYR D 702 -35.52 -1.73 -19.70
CA TYR D 702 -35.93 -3.06 -19.31
C TYR D 702 -36.83 -3.71 -20.35
N ASP D 703 -37.37 -2.92 -21.29
CA ASP D 703 -38.09 -3.49 -22.41
C ASP D 703 -37.13 -4.10 -23.42
N LYS D 704 -35.97 -3.46 -23.61
CA LYS D 704 -34.93 -4.04 -24.45
C LYS D 704 -34.34 -5.30 -23.83
N MET D 705 -34.32 -5.38 -22.50
CA MET D 705 -33.75 -6.55 -21.84
C MET D 705 -34.66 -7.76 -21.94
N TRP D 706 -35.94 -7.57 -22.25
CA TRP D 706 -36.84 -8.70 -22.44
C TRP D 706 -36.94 -9.15 -23.89
N ALA D 707 -36.70 -8.24 -24.85
CA ALA D 707 -36.65 -8.63 -26.25
C ALA D 707 -35.51 -9.59 -26.54
N PHE D 708 -34.44 -9.52 -25.74
CA PHE D 708 -33.39 -10.53 -25.77
C PHE D 708 -33.94 -11.89 -25.33
N MET D 709 -34.55 -11.93 -24.14
CA MET D 709 -34.85 -13.19 -23.48
C MET D 709 -36.04 -13.88 -24.14
N SER D 710 -36.96 -13.10 -24.72
CA SER D 710 -38.05 -13.70 -25.47
C SER D 710 -37.54 -14.35 -26.74
N SER D 711 -36.52 -13.76 -27.36
CA SER D 711 -35.91 -14.37 -28.54
C SER D 711 -35.09 -15.59 -28.16
N ARG D 712 -34.06 -15.39 -27.33
CA ARG D 712 -33.09 -16.44 -27.06
C ARG D 712 -33.48 -17.30 -25.86
N ARG D 713 -34.70 -17.80 -25.86
CA ARG D 713 -35.10 -18.77 -24.85
C ARG D 713 -34.43 -20.11 -25.17
N GLN D 714 -34.30 -20.96 -24.14
CA GLN D 714 -33.55 -22.22 -24.08
C GLN D 714 -32.05 -22.02 -24.19
N SER D 715 -31.57 -20.79 -24.13
CA SER D 715 -30.14 -20.53 -24.26
C SER D 715 -29.66 -19.59 -23.17
N VAL D 716 -30.53 -18.74 -22.64
CA VAL D 716 -30.13 -17.87 -21.54
C VAL D 716 -31.07 -18.06 -20.34
N LEU D 717 -32.29 -18.51 -20.59
CA LEU D 717 -33.27 -18.67 -19.51
C LEU D 717 -33.03 -20.02 -18.84
N VAL D 718 -32.27 -20.00 -17.75
CA VAL D 718 -31.92 -21.17 -16.97
C VAL D 718 -33.15 -21.60 -16.16
N LYS D 719 -33.11 -22.76 -15.53
CA LYS D 719 -34.27 -23.26 -14.79
C LYS D 719 -34.03 -23.44 -13.30
N SER D 720 -32.88 -23.00 -12.77
CA SER D 720 -32.66 -22.98 -11.32
C SER D 720 -31.57 -21.96 -11.01
N ASN D 721 -31.53 -21.54 -9.75
CA ASN D 721 -30.47 -20.63 -9.31
C ASN D 721 -29.12 -21.32 -9.24
N GLU D 722 -29.09 -22.60 -8.89
CA GLU D 722 -27.83 -23.31 -8.75
C GLU D 722 -27.18 -23.58 -10.10
N GLU D 723 -27.99 -23.76 -11.14
CA GLU D 723 -27.44 -23.95 -12.47
C GLU D 723 -26.96 -22.64 -13.07
N GLY D 724 -27.69 -21.55 -12.84
CA GLY D 724 -27.34 -20.27 -13.44
C GLY D 724 -26.10 -19.62 -12.90
N ILE D 725 -25.69 -19.97 -11.67
CA ILE D 725 -24.43 -19.50 -11.14
C ILE D 725 -23.27 -20.15 -11.89
N GLN D 726 -23.46 -21.41 -12.32
CA GLN D 726 -22.41 -22.12 -13.05
C GLN D 726 -22.14 -21.49 -14.41
N ARG D 727 -23.18 -20.99 -15.08
CA ARG D 727 -22.97 -20.40 -16.39
C ARG D 727 -22.28 -19.05 -16.31
N VAL D 728 -22.45 -18.32 -15.21
CA VAL D 728 -21.58 -17.17 -14.94
C VAL D 728 -20.17 -17.65 -14.71
N LEU D 729 -20.04 -18.78 -14.01
CA LEU D 729 -18.75 -19.25 -13.55
C LEU D 729 -17.96 -19.91 -14.66
N THR D 730 -18.64 -20.57 -15.60
CA THR D 730 -17.99 -21.19 -16.74
C THR D 730 -18.03 -20.29 -17.97
N SER D 731 -19.22 -19.94 -18.45
CA SER D 731 -19.35 -19.19 -19.69
C SER D 731 -19.17 -17.70 -19.45
N ASP D 732 -19.45 -16.90 -20.49
CA ASP D 732 -19.43 -15.45 -20.42
C ASP D 732 -20.87 -14.97 -20.38
N TYR D 733 -21.32 -14.55 -19.20
CA TYR D 733 -22.74 -14.62 -18.88
C TYR D 733 -23.00 -13.72 -17.68
N ALA D 734 -24.17 -13.08 -17.67
CA ALA D 734 -24.60 -12.25 -16.55
C ALA D 734 -25.99 -12.70 -16.12
N PHE D 735 -26.16 -12.95 -14.83
CA PHE D 735 -27.36 -13.61 -14.31
C PHE D 735 -28.14 -12.68 -13.41
N LEU D 736 -29.46 -12.75 -13.51
CA LEU D 736 -30.38 -11.87 -12.80
C LEU D 736 -31.16 -12.67 -11.77
N MET D 737 -30.81 -12.48 -10.50
CA MET D 737 -31.53 -13.09 -9.39
C MET D 737 -31.79 -12.06 -8.30
N GLU D 738 -32.21 -12.49 -7.12
CA GLU D 738 -32.46 -11.59 -6.01
C GLU D 738 -31.15 -11.16 -5.37
N SER D 739 -31.17 -9.98 -4.75
CA SER D 739 -29.93 -9.40 -4.25
C SER D 739 -29.44 -10.04 -2.96
N THR D 740 -30.34 -10.63 -2.17
CA THR D 740 -29.90 -11.29 -0.95
C THR D 740 -29.19 -12.60 -1.26
N THR D 741 -29.54 -13.24 -2.37
CA THR D 741 -28.83 -14.44 -2.78
C THR D 741 -27.47 -14.09 -3.39
N ILE D 742 -27.39 -12.96 -4.09
CA ILE D 742 -26.09 -12.48 -4.58
C ILE D 742 -25.16 -12.14 -3.42
N GLU D 743 -25.69 -11.49 -2.38
CA GLU D 743 -24.88 -11.14 -1.23
C GLU D 743 -24.44 -12.36 -0.42
N PHE D 744 -25.07 -13.50 -0.62
CA PHE D 744 -24.64 -14.73 0.02
C PHE D 744 -23.63 -15.50 -0.80
N VAL D 745 -23.85 -15.60 -2.11
CA VAL D 745 -22.97 -16.38 -2.97
C VAL D 745 -21.63 -15.68 -3.14
N THR D 746 -21.65 -14.34 -3.28
CA THR D 746 -20.41 -13.61 -3.48
C THR D 746 -19.55 -13.50 -2.21
N GLN D 747 -20.04 -13.95 -1.07
CA GLN D 747 -19.18 -14.12 0.09
C GLN D 747 -18.55 -15.51 0.13
N ARG D 748 -19.23 -16.50 -0.44
CA ARG D 748 -18.69 -17.85 -0.50
C ARG D 748 -17.65 -17.96 -1.60
N ASN D 749 -18.02 -17.61 -2.82
CA ASN D 749 -17.10 -17.71 -3.95
C ASN D 749 -16.46 -16.37 -4.24
N CYS D 750 -15.18 -16.41 -4.60
CA CYS D 750 -14.41 -15.21 -4.86
C CYS D 750 -14.26 -14.93 -6.34
N ASN D 751 -14.74 -15.82 -7.20
CA ASN D 751 -14.77 -15.54 -8.63
C ASN D 751 -15.83 -14.54 -9.01
N LEU D 752 -16.78 -14.26 -8.14
CA LEU D 752 -18.06 -13.62 -8.47
C LEU D 752 -18.15 -12.23 -7.85
N THR D 753 -18.96 -11.38 -8.47
CA THR D 753 -19.18 -10.04 -7.96
C THR D 753 -20.59 -9.59 -8.32
N GLN D 754 -21.00 -8.48 -7.73
CA GLN D 754 -22.30 -7.87 -7.98
C GLN D 754 -22.12 -6.63 -8.83
N ILE D 755 -22.94 -6.50 -9.88
CA ILE D 755 -22.84 -5.40 -10.82
C ILE D 755 -24.00 -4.44 -10.58
N GLY D 756 -23.67 -3.18 -10.33
CA GLY D 756 -24.68 -2.16 -10.19
C GLY D 756 -25.40 -2.22 -8.86
N GLY D 757 -26.42 -1.38 -8.75
CA GLY D 757 -27.24 -1.34 -7.55
C GLY D 757 -28.39 -2.32 -7.62
N LEU D 758 -29.58 -1.87 -7.26
CA LEU D 758 -30.78 -2.69 -7.29
C LEU D 758 -31.70 -2.20 -8.38
N ILE D 759 -32.60 -3.09 -8.81
CA ILE D 759 -33.53 -2.81 -9.88
C ILE D 759 -34.97 -2.82 -9.38
N ASP D 760 -35.36 -3.87 -8.67
CA ASP D 760 -36.68 -3.96 -8.07
C ASP D 760 -36.59 -3.50 -6.62
N SER D 761 -37.69 -3.58 -5.88
CA SER D 761 -37.68 -3.28 -4.46
C SER D 761 -38.76 -4.12 -3.80
N LYS D 762 -38.36 -5.14 -3.05
CA LYS D 762 -39.27 -6.10 -2.46
C LYS D 762 -38.93 -6.26 -0.98
N GLY D 763 -39.71 -7.08 -0.29
CA GLY D 763 -39.47 -7.32 1.12
C GLY D 763 -39.95 -8.70 1.53
N TYR D 764 -39.29 -9.24 2.55
CA TYR D 764 -39.65 -10.51 3.16
C TYR D 764 -40.46 -10.23 4.41
N GLY D 765 -41.68 -10.76 4.45
CA GLY D 765 -42.57 -10.55 5.58
C GLY D 765 -43.06 -11.88 6.13
N VAL D 766 -43.31 -11.90 7.44
CA VAL D 766 -43.80 -13.11 8.10
C VAL D 766 -45.24 -13.34 7.69
N GLY D 767 -45.52 -14.50 7.09
CA GLY D 767 -46.87 -14.84 6.73
C GLY D 767 -47.72 -15.13 7.94
N THR D 768 -49.03 -15.05 7.73
CA THR D 768 -50.05 -15.01 8.79
C THR D 768 -51.40 -15.22 8.13
N PRO D 769 -52.31 -15.97 8.73
CA PRO D 769 -53.65 -16.11 8.15
C PRO D 769 -54.42 -14.80 8.20
N MET D 770 -55.38 -14.67 7.28
CA MET D 770 -56.16 -13.44 7.19
C MET D 770 -57.08 -13.30 8.39
N GLY D 771 -56.98 -12.17 9.08
CA GLY D 771 -57.76 -11.90 10.26
C GLY D 771 -57.11 -12.32 11.55
N SER D 772 -55.92 -12.89 11.50
CA SER D 772 -55.26 -13.33 12.71
C SER D 772 -54.74 -12.13 13.50
N PRO D 773 -54.79 -12.17 14.83
CA PRO D 773 -54.28 -11.06 15.63
C PRO D 773 -52.77 -11.05 15.77
N TYR D 774 -52.07 -12.09 15.31
CA TYR D 774 -50.63 -12.16 15.45
C TYR D 774 -49.88 -11.28 14.45
N ARG D 775 -50.56 -10.71 13.46
CA ARG D 775 -49.89 -9.84 12.50
C ARG D 775 -49.36 -8.57 13.15
N ASP D 776 -50.24 -7.87 13.87
CA ASP D 776 -49.87 -6.58 14.45
C ASP D 776 -48.92 -6.73 15.62
N LYS D 777 -48.85 -7.91 16.24
CA LYS D 777 -47.96 -8.11 17.36
C LYS D 777 -46.53 -8.36 16.90
N ILE D 778 -46.35 -9.10 15.80
CA ILE D 778 -45.02 -9.32 15.26
C ILE D 778 -44.49 -8.06 14.60
N THR D 779 -45.39 -7.23 14.04
CA THR D 779 -45.03 -5.92 13.52
C THR D 779 -44.43 -5.03 14.60
N ILE D 780 -44.99 -5.08 15.82
CA ILE D 780 -44.37 -4.45 16.98
C ILE D 780 -43.01 -5.07 17.27
N ALA D 781 -42.92 -6.39 17.16
CA ALA D 781 -41.72 -7.10 17.61
C ALA D 781 -40.54 -6.88 16.65
N ILE D 782 -40.81 -6.86 15.35
CA ILE D 782 -39.75 -6.65 14.37
C ILE D 782 -39.20 -5.24 14.48
N LEU D 783 -40.08 -4.26 14.68
CA LEU D 783 -39.64 -2.88 14.85
C LEU D 783 -38.87 -2.65 16.14
N GLN D 784 -39.08 -3.49 17.16
CA GLN D 784 -38.29 -3.37 18.37
C GLN D 784 -36.87 -3.86 18.15
N LEU D 785 -36.71 -5.02 17.52
CA LEU D 785 -35.41 -5.58 17.26
C LEU D 785 -34.63 -4.81 16.20
N GLN D 786 -35.33 -4.02 15.38
CA GLN D 786 -34.65 -3.15 14.43
C GLN D 786 -34.05 -1.94 15.11
N GLU D 787 -34.77 -1.35 16.07
CA GLU D 787 -34.23 -0.22 16.82
C GLU D 787 -33.06 -0.64 17.71
N GLU D 788 -33.11 -1.88 18.23
CA GLU D 788 -32.01 -2.38 19.04
C GLU D 788 -30.80 -2.70 18.17
N GLY D 789 -31.02 -3.00 16.90
CA GLY D 789 -29.97 -3.33 15.99
C GLY D 789 -29.66 -4.80 15.88
N LYS D 790 -30.63 -5.68 16.13
CA LYS D 790 -30.36 -7.11 16.16
C LYS D 790 -30.59 -7.79 14.82
N LEU D 791 -31.46 -7.24 13.96
CA LEU D 791 -31.59 -7.77 12.61
C LEU D 791 -30.34 -7.55 11.79
N HIS D 792 -29.62 -6.45 12.03
CA HIS D 792 -28.33 -6.26 11.38
C HIS D 792 -27.31 -7.25 11.91
N MET D 793 -27.37 -7.59 13.20
CA MET D 793 -26.42 -8.53 13.76
C MET D 793 -26.70 -9.97 13.34
N MET D 794 -27.98 -10.33 13.16
CA MET D 794 -28.31 -11.66 12.65
C MET D 794 -27.82 -11.83 11.22
N LYS D 795 -28.02 -10.80 10.39
CA LYS D 795 -27.64 -10.89 8.98
C LYS D 795 -26.13 -10.97 8.82
N GLU D 796 -25.38 -10.20 9.61
CA GLU D 796 -23.92 -10.29 9.56
C GLU D 796 -23.42 -11.65 10.03
N LYS D 797 -24.20 -12.34 10.87
CA LYS D 797 -23.76 -13.65 11.34
C LYS D 797 -23.94 -14.71 10.25
N TRP D 798 -25.00 -14.61 9.46
CA TRP D 798 -25.33 -15.67 8.51
C TRP D 798 -24.97 -15.36 7.06
N TRP D 799 -24.54 -14.14 6.76
CA TRP D 799 -24.15 -13.81 5.39
C TRP D 799 -22.66 -13.56 5.20
N ARG D 800 -21.93 -13.17 6.23
CA ARG D 800 -20.49 -13.03 6.09
C ARG D 800 -19.84 -14.41 5.97
N GLY D 801 -18.97 -14.54 4.98
CA GLY D 801 -18.18 -15.75 4.81
C GLY D 801 -16.72 -15.46 5.13
N ASN D 802 -15.81 -16.02 4.33
CA ASN D 802 -14.41 -15.70 4.51
C ASN D 802 -14.12 -14.27 4.05
N GLY D 803 -14.78 -13.83 2.98
CA GLY D 803 -14.79 -12.45 2.58
C GLY D 803 -13.90 -12.16 1.40
N CYS D 804 -12.69 -12.72 1.43
CA CYS D 804 -11.57 -12.58 0.50
C CYS D 804 -11.36 -11.22 -0.17
N PRO D 805 -11.08 -10.13 0.55
CA PRO D 805 -10.53 -8.95 -0.12
C PRO D 805 -9.06 -9.11 -0.48
N GLU D 806 -8.39 -10.06 0.19
CA GLU D 806 -7.06 -10.61 0.00
C GLU D 806 -5.93 -9.67 0.43
N GLU D 807 -6.25 -8.38 0.63
CA GLU D 807 -5.47 -7.27 1.21
C GLU D 807 -3.97 -7.39 0.95
N GLU D 808 -3.61 -7.60 -0.31
CA GLU D 808 -2.25 -7.98 -0.61
C GLU D 808 -1.64 -6.94 -1.53
N SER D 809 -0.40 -6.53 -1.22
CA SER D 809 0.36 -5.71 -2.14
C SER D 809 0.61 -6.58 -3.36
N LYS D 810 -0.13 -6.29 -4.44
CA LYS D 810 -0.48 -7.19 -5.54
C LYS D 810 0.71 -7.96 -6.07
N GLU D 811 0.64 -9.29 -5.94
CA GLU D 811 1.75 -10.20 -6.12
C GLU D 811 2.32 -10.12 -7.53
N ALA D 812 3.55 -9.63 -7.62
CA ALA D 812 4.16 -9.36 -8.91
C ALA D 812 4.50 -10.67 -9.60
N SER D 813 4.00 -10.82 -10.82
CA SER D 813 4.32 -11.99 -11.62
C SER D 813 5.33 -11.61 -12.70
N ALA D 814 5.98 -12.63 -13.26
CA ALA D 814 6.92 -12.39 -14.34
C ALA D 814 6.18 -11.90 -15.57
N LEU D 815 6.81 -10.98 -16.29
CA LEU D 815 6.16 -10.34 -17.41
C LEU D 815 6.29 -11.25 -18.62
N GLY D 816 5.19 -11.49 -19.32
CA GLY D 816 5.18 -12.55 -20.31
C GLY D 816 4.57 -12.20 -21.65
N VAL D 817 4.28 -13.24 -22.44
CA VAL D 817 3.77 -13.05 -23.80
C VAL D 817 2.33 -12.55 -23.83
N GLN D 818 1.64 -12.56 -22.70
CA GLN D 818 0.32 -11.96 -22.60
C GLN D 818 0.37 -10.51 -22.16
N ASN D 819 1.53 -10.03 -21.72
CA ASN D 819 1.72 -8.64 -21.30
C ASN D 819 2.42 -7.82 -22.35
N ILE D 820 3.63 -8.24 -22.74
CA ILE D 820 4.31 -7.72 -23.92
C ILE D 820 4.17 -8.80 -24.97
N GLY D 821 4.55 -8.51 -26.20
CA GLY D 821 4.30 -9.45 -27.27
C GLY D 821 3.87 -8.73 -28.52
N GLY D 822 3.32 -7.53 -28.35
CA GLY D 822 3.10 -6.65 -29.47
C GLY D 822 4.38 -6.11 -30.06
N ILE D 823 5.44 -6.02 -29.26
CA ILE D 823 6.75 -5.65 -29.79
C ILE D 823 7.32 -6.77 -30.64
N PHE D 824 6.97 -8.02 -30.36
CA PHE D 824 7.36 -9.09 -31.26
C PHE D 824 6.57 -9.05 -32.55
N ILE D 825 5.37 -8.47 -32.53
CA ILE D 825 4.61 -8.30 -33.76
C ILE D 825 5.19 -7.17 -34.60
N VAL D 826 5.48 -6.03 -33.98
CA VAL D 826 5.97 -4.89 -34.74
C VAL D 826 7.43 -5.03 -35.12
N LEU D 827 8.16 -5.96 -34.50
CA LEU D 827 9.50 -6.28 -34.96
C LEU D 827 9.44 -7.07 -36.26
N ALA D 828 8.58 -8.09 -36.31
CA ALA D 828 8.43 -8.86 -37.53
C ALA D 828 7.75 -8.05 -38.62
N ALA D 829 6.93 -7.07 -38.25
CA ALA D 829 6.33 -6.19 -39.25
C ALA D 829 7.38 -5.29 -39.88
N GLY D 830 8.26 -4.70 -39.08
CA GLY D 830 9.31 -3.84 -39.61
C GLY D 830 10.38 -4.59 -40.37
N LEU D 831 10.56 -5.88 -40.11
CA LEU D 831 11.50 -6.66 -40.90
C LEU D 831 10.89 -7.14 -42.21
N VAL D 832 9.57 -7.12 -42.32
CA VAL D 832 8.93 -7.38 -43.61
C VAL D 832 8.92 -6.10 -44.45
N LEU D 833 8.66 -4.95 -43.82
CA LEU D 833 8.71 -3.66 -44.50
C LEU D 833 10.08 -3.36 -45.06
N SER D 834 11.14 -3.76 -44.36
CA SER D 834 12.49 -3.52 -44.81
C SER D 834 12.89 -4.34 -46.03
N VAL D 835 12.25 -5.49 -46.25
CA VAL D 835 12.55 -6.26 -47.45
C VAL D 835 11.92 -5.60 -48.67
N PHE D 836 10.75 -4.99 -48.50
CA PHE D 836 10.10 -4.27 -49.61
C PHE D 836 10.88 -3.02 -49.99
N VAL D 837 11.49 -2.34 -49.02
CA VAL D 837 12.28 -1.15 -49.34
C VAL D 837 13.61 -1.57 -49.96
N ALA D 838 14.12 -2.75 -49.60
CA ALA D 838 15.38 -3.23 -50.17
C ALA D 838 15.22 -3.58 -51.64
N VAL D 839 14.05 -4.09 -52.03
CA VAL D 839 13.78 -4.32 -53.45
C VAL D 839 13.61 -3.00 -54.17
N GLY D 840 12.91 -2.05 -53.55
CA GLY D 840 12.73 -0.73 -54.16
C GLY D 840 14.01 0.07 -54.28
N GLU D 841 14.99 -0.21 -53.42
CA GLU D 841 16.32 0.34 -53.63
C GLU D 841 17.05 -0.39 -54.73
N PHE D 842 16.79 -1.69 -54.90
CA PHE D 842 17.48 -2.47 -55.91
C PHE D 842 16.97 -2.15 -57.31
N LEU D 843 15.68 -1.83 -57.44
CA LEU D 843 15.13 -1.53 -58.75
C LEU D 843 15.46 -0.11 -59.19
N TYR D 844 15.44 0.85 -58.24
CA TYR D 844 15.76 2.23 -58.57
C TYR D 844 17.22 2.41 -58.91
N LYS D 845 18.11 1.62 -58.31
CA LYS D 845 19.51 1.68 -58.68
C LYS D 845 19.75 0.99 -60.02
N SER D 846 19.10 -0.15 -60.24
CA SER D 846 19.26 -0.85 -61.52
C SER D 846 18.59 -0.09 -62.66
N LYS D 847 17.62 0.77 -62.37
CA LYS D 847 17.07 1.65 -63.40
C LYS D 847 18.10 2.70 -63.81
N LYS D 848 18.87 3.20 -62.85
CA LYS D 848 19.87 4.21 -63.17
C LYS D 848 21.10 3.60 -63.83
N ASN D 849 21.44 2.36 -63.51
CA ASN D 849 22.53 1.66 -64.20
C ASN D 849 22.10 1.30 -65.61
N ALA D 850 20.81 0.98 -65.80
CA ALA D 850 20.31 0.68 -67.13
C ALA D 850 20.13 1.92 -68.00
N GLN D 851 20.22 3.12 -67.40
CA GLN D 851 20.23 4.34 -68.20
C GLN D 851 21.51 4.45 -69.01
N LEU D 852 22.59 3.83 -68.54
CA LEU D 852 23.84 3.71 -69.29
C LEU D 852 24.07 2.30 -69.81
N GLU D 853 23.00 1.51 -69.95
CA GLU D 853 23.09 0.11 -70.34
C GLU D 853 21.81 -0.22 -71.11
N LYS D 854 21.43 -1.49 -71.20
CA LYS D 854 20.25 -1.96 -71.94
C LYS D 854 18.98 -1.63 -71.15
N ARG D 855 17.84 -2.17 -71.58
CA ARG D 855 16.54 -1.68 -71.11
C ARG D 855 16.24 -1.91 -69.62
N SER D 856 15.99 -3.15 -69.20
CA SER D 856 15.69 -3.37 -67.78
C SER D 856 16.30 -4.63 -67.18
N PHE D 857 16.58 -5.67 -67.97
CA PHE D 857 16.98 -6.96 -67.41
C PHE D 857 18.49 -7.18 -67.52
N CYS D 858 19.22 -6.26 -68.13
CA CYS D 858 20.67 -6.33 -68.13
C CYS D 858 21.23 -6.09 -66.73
N SER D 859 20.90 -4.94 -66.14
CA SER D 859 21.44 -4.57 -64.83
C SER D 859 20.85 -5.40 -63.70
N ALA D 860 19.72 -6.06 -63.92
CA ALA D 860 19.23 -7.02 -62.93
C ALA D 860 20.12 -8.24 -62.86
N MET D 861 20.76 -8.60 -63.97
CA MET D 861 21.70 -9.72 -63.97
C MET D 861 23.11 -9.28 -63.62
N VAL D 862 23.44 -8.01 -63.83
CA VAL D 862 24.77 -7.51 -63.48
C VAL D 862 24.92 -7.40 -61.98
N GLU D 863 23.93 -6.82 -61.30
CA GLU D 863 24.07 -6.51 -59.88
C GLU D 863 23.97 -7.75 -59.00
N GLU D 864 23.06 -8.69 -59.31
CA GLU D 864 22.84 -9.86 -58.47
C GLU D 864 24.03 -10.81 -58.44
N LEU D 865 24.94 -10.73 -59.41
CA LEU D 865 26.12 -11.57 -59.37
C LEU D 865 27.13 -11.04 -58.37
N ARG D 866 27.15 -9.72 -58.15
CA ARG D 866 28.18 -9.09 -57.32
C ARG D 866 28.05 -9.52 -55.86
N MET D 867 26.82 -9.72 -55.39
CA MET D 867 26.63 -10.24 -54.04
C MET D 867 26.96 -11.72 -53.97
N SER D 868 26.84 -12.43 -55.09
CA SER D 868 27.22 -13.84 -55.17
C SER D 868 28.72 -14.03 -55.41
N LEU D 869 29.49 -12.96 -55.52
CA LEU D 869 30.95 -13.08 -55.47
C LEU D 869 31.43 -13.51 -54.08
N LYS D 870 30.65 -13.19 -53.04
CA LYS D 870 30.90 -13.55 -51.64
C LYS D 870 32.22 -12.98 -51.10
N CYS D 871 32.71 -11.89 -51.70
CA CYS D 871 33.98 -11.29 -51.30
C CYS D 871 33.76 -9.85 -50.85
N GLN D 872 34.75 -9.32 -50.14
CA GLN D 872 34.61 -8.03 -49.49
C GLN D 872 34.74 -6.87 -50.48
N ARG D 873 35.56 -7.04 -51.51
CA ARG D 873 35.86 -5.96 -52.45
C ARG D 873 35.16 -6.19 -53.78
N ARG D 874 34.81 -5.09 -54.45
CA ARG D 874 34.13 -5.06 -55.75
C ARG D 874 32.84 -5.87 -55.79
C1 NAG E . -12.59 22.69 -5.45
C2 NAG E . -11.42 22.91 -4.47
C3 NAG E . -11.95 23.35 -3.10
C4 NAG E . -12.89 24.55 -3.22
C5 NAG E . -14.00 24.23 -4.22
C6 NAG E . -14.91 25.39 -4.50
C7 NAG E . -9.30 21.70 -4.13
C8 NAG E . -8.65 20.35 -4.01
N2 NAG E . -10.62 21.70 -4.34
O3 NAG E . -10.86 23.65 -2.25
O4 NAG E . -13.54 24.84 -1.98
O5 NAG E . -13.41 23.87 -5.49
O6 NAG E . -14.65 25.98 -5.76
O7 NAG E . -8.67 22.75 -4.04
C1 NAG E . -12.92 25.89 -1.19
C2 NAG E . -13.87 27.09 -0.98
C3 NAG E . -13.25 28.10 0.00
C4 NAG E . -12.85 27.41 1.30
C5 NAG E . -11.91 26.25 0.99
C6 NAG E . -11.54 25.45 2.22
C7 NAG E . -15.33 28.37 -2.49
C8 NAG E . -15.47 29.00 -3.84
N2 NAG E . -14.18 27.74 -2.24
O3 NAG E . -14.19 29.13 0.29
O4 NAG E . -12.18 28.34 2.15
O5 NAG E . -12.55 25.33 0.09
O6 NAG E . -12.27 25.88 3.36
O7 NAG E . -16.23 28.44 -1.64
C1 NAG F . -19.66 23.17 -9.34
C2 NAG F . -20.67 24.25 -9.76
C3 NAG F . -20.45 25.56 -9.00
C4 NAG F . -19.08 25.69 -8.32
C5 NAG F . -17.96 25.01 -9.11
C6 NAG F . -16.67 24.89 -8.30
C7 NAG F . -21.72 24.44 -11.99
C8 NAG F . -23.03 24.13 -11.31
N2 NAG F . -20.64 24.48 -11.20
O3 NAG F . -21.47 25.70 -8.02
O4 NAG F . -18.82 27.08 -8.11
O5 NAG F . -18.28 23.67 -9.50
O6 NAG F . -16.58 25.89 -7.28
O7 NAG F . -21.64 24.64 -13.19
C1 NAG F . -18.36 27.89 -9.25
C2 NAG F . -19.39 28.95 -9.81
C3 NAG F . -19.50 30.20 -8.93
C4 NAG F . -18.39 30.33 -7.90
C5 NAG F . -17.05 29.98 -8.55
C6 NAG F . -15.87 30.20 -7.62
C7 NAG F . -19.71 28.87 -12.27
C8 NAG F . -20.87 27.94 -12.03
N2 NAG F . -19.05 29.32 -11.19
O3 NAG F . -20.77 30.21 -8.27
O4 NAG F . -18.32 31.66 -7.40
O5 NAG F . -17.04 28.58 -8.91
O6 NAG F . -14.91 29.16 -7.75
O7 NAG F . -19.38 29.21 -13.40
C1 NAG G . 11.93 15.69 12.49
C2 NAG G . 11.27 16.93 13.07
C3 NAG G . 12.33 17.88 13.63
C4 NAG G . 13.25 17.16 14.60
C5 NAG G . 13.79 15.87 14.00
C6 NAG G . 14.55 15.01 14.99
C7 NAG G . 9.12 17.51 12.05
C8 NAG G . 8.44 18.28 10.96
N2 NAG G . 10.45 17.61 12.08
O3 NAG G . 11.67 18.95 14.27
O4 NAG G . 14.37 18.00 14.88
O5 NAG G . 12.71 15.05 13.52
O6 NAG G . 15.71 15.69 15.45
O7 NAG G . 8.49 16.84 12.85
C1 NAG G . 14.29 18.62 16.18
C2 NAG G . 15.67 19.15 16.52
C3 NAG G . 15.65 19.89 17.85
C4 NAG G . 14.50 20.89 17.97
C5 NAG G . 13.18 20.28 17.46
C6 NAG G . 12.07 21.29 17.30
C7 NAG G . 17.92 18.19 16.27
C8 NAG G . 18.76 16.95 16.37
N2 NAG G . 16.63 18.05 16.56
O3 NAG G . 16.90 20.57 18.03
O4 NAG G . 14.35 21.14 19.36
O5 NAG G . 13.37 19.68 16.18
O6 NAG G . 11.17 20.90 16.28
O7 NAG G . 18.40 19.27 15.93
C1 BMA G . 14.31 22.51 19.91
C2 BMA G . 15.73 22.90 20.53
C3 BMA G . 16.09 24.44 20.31
C4 BMA G . 14.86 25.41 20.11
C5 BMA G . 13.55 24.68 19.69
C6 BMA G . 12.61 25.52 18.85
O2 BMA G . 16.78 22.08 20.04
O3 BMA G . 17.08 24.67 19.27
O4 BMA G . 14.63 26.16 21.30
O5 BMA G . 13.91 23.50 18.97
O6 BMA G . 11.54 25.95 19.68
C1 BMA G . 18.39 24.86 19.87
C2 BMA G . 19.43 25.06 18.73
C3 BMA G . 20.57 26.04 19.16
C4 BMA G . 20.88 26.08 20.70
C5 BMA G . 19.62 25.89 21.58
C6 BMA G . 19.50 26.93 22.68
O2 BMA G . 18.81 25.63 17.58
O3 BMA G . 20.34 27.35 18.67
O4 BMA G . 21.83 25.08 21.02
O5 BMA G . 18.43 25.95 20.76
O6 BMA G . 19.60 26.26 23.93
C1 NAG H . 5.57 17.19 15.56
C2 NAG H . 4.25 17.94 15.69
C3 NAG H . 4.07 18.88 14.52
C4 NAG H . 5.27 19.82 14.37
C5 NAG H . 6.60 19.05 14.44
C6 NAG H . 7.80 19.95 14.62
C7 NAG H . 2.16 17.17 16.71
C8 NAG H . 1.06 16.15 16.69
N2 NAG H . 3.13 17.02 15.79
O3 NAG H . 2.88 19.64 14.72
O4 NAG H . 5.18 20.42 13.08
O5 NAG H . 6.63 18.13 15.53
O6 NAG H . 7.58 20.91 15.64
O7 NAG H . 2.18 18.09 17.53
C1 NAG H . 5.16 21.88 12.92
C2 NAG H . 4.15 22.58 13.89
C3 NAG H . 4.26 24.12 13.84
C4 NAG H . 5.72 24.56 13.96
C5 NAG H . 6.57 23.86 12.91
C6 NAG H . 8.03 24.24 13.00
C7 NAG H . 1.78 22.10 12.91
C8 NAG H . 2.06 22.69 11.54
N2 NAG H . 2.75 22.10 13.86
O3 NAG H . 3.48 24.68 14.89
O4 NAG H . 5.81 25.97 13.80
O5 NAG H . 6.49 22.44 13.10
O6 NAG H . 8.86 23.08 12.90
O7 NAG H . 0.68 21.61 13.16
C1 NAG I . 11.06 -23.02 7.02
C2 NAG I . 10.04 -23.20 5.87
C3 NAG I . 8.87 -24.08 6.32
C4 NAG I . 9.35 -25.39 6.95
C5 NAG I . 10.35 -25.08 8.06
C6 NAG I . 10.98 -26.32 8.65
C7 NAG I . 9.28 -21.69 4.09
C8 NAG I . 8.79 -20.30 3.76
N2 NAG I . 9.57 -21.93 5.37
O3 NAG I . 8.00 -24.34 5.22
O4 NAG I . 8.28 -26.10 7.57
O5 NAG I . 11.44 -24.30 7.53
O6 NAG I . 12.32 -26.50 8.20
O7 NAG I . 9.41 -22.55 3.23
C1 NAG I . 7.70 -27.18 6.78
C2 NAG I . 7.82 -28.55 7.48
C3 NAG I . 7.04 -29.62 6.70
C4 NAG I . 5.62 -29.18 6.46
C5 NAG I . 5.59 -27.83 5.76
C6 NAG I . 4.20 -27.27 5.59
C7 NAG I . 9.66 -29.72 8.64
C8 NAG I . 11.12 -30.03 8.62
N2 NAG I . 9.21 -28.94 7.63
O3 NAG I . 7.05 -30.85 7.42
O4 NAG I . 4.94 -30.14 5.65
O5 NAG I . 6.31 -26.87 6.55
O6 NAG I . 3.22 -28.10 6.20
O7 NAG I . 8.90 -30.15 9.50
C1 NAG J . 15.36 -24.14 13.76
C2 NAG J . 16.08 -25.26 14.54
C3 NAG J . 15.67 -26.67 14.06
C4 NAG J . 14.93 -26.69 12.73
C5 NAG J . 15.46 -25.65 11.73
C6 NAG J . 14.55 -25.50 10.52
C7 NAG J . 18.31 -25.12 15.59
C8 NAG J . 17.62 -25.31 16.91
N2 NAG J . 17.52 -25.11 14.50
O3 NAG J . 14.87 -27.27 15.06
O4 NAG J . 15.04 -28.03 12.21
O5 NAG J . 15.55 -24.35 12.31
O6 NAG J . 13.80 -26.68 10.27
O7 NAG J . 19.52 -24.99 15.50
C1 NAG J . 16.31 -28.43 11.57
C2 NAG J . 17.16 -29.51 12.35
C3 NAG J . 16.60 -30.94 12.22
C4 NAG J . 15.56 -31.07 11.11
C5 NAG J . 16.02 -30.32 9.88
C6 NAG J . 15.09 -30.52 8.70
C7 NAG J . 19.55 -28.89 12.66
C8 NAG J . 19.17 -28.29 13.99
N2 NAG J . 18.56 -29.46 11.94
O3 NAG J . 16.06 -31.34 13.47
O4 NAG J . 15.37 -32.44 10.79
O5 NAG J . 16.05 -28.91 10.15
O6 NAG J . 14.89 -29.29 7.99
O7 NAG J . 20.70 -28.88 12.25
C1 NAG K . -9.42 -15.15 -15.09
C2 NAG K . -9.65 -16.60 -14.70
C3 NAG K . -10.04 -17.42 -15.92
C4 NAG K . -11.21 -16.79 -16.67
C5 NAG K . -10.95 -15.30 -16.92
C6 NAG K . -12.16 -14.59 -17.48
C7 NAG K . -8.39 -17.38 -12.74
C8 NAG K . -7.10 -17.96 -12.25
N2 NAG K . -8.47 -17.16 -14.06
O3 NAG K . -10.37 -18.73 -15.50
O4 NAG K . -11.35 -17.43 -17.93
O5 NAG K . -10.61 -14.63 -15.69
O6 NAG K . -12.52 -15.10 -18.76
O7 NAG K . -9.30 -17.09 -11.98
C1 NAG K . -12.47 -18.35 -17.95
C2 NAG K . -12.77 -18.65 -19.42
C3 NAG K . -13.90 -19.68 -19.52
C4 NAG K . -13.72 -20.89 -18.60
C5 NAG K . -13.27 -20.46 -17.19
C6 NAG K . -12.81 -21.60 -16.33
C7 NAG K . -12.83 -17.22 -21.41
C8 NAG K . -13.27 -15.91 -21.98
N2 NAG K . -13.12 -17.44 -20.12
O3 NAG K . -14.01 -20.12 -20.87
O4 NAG K . -15.01 -21.48 -18.47
O5 NAG K . -12.17 -19.54 -17.27
O6 NAG K . -11.82 -21.16 -15.39
O7 NAG K . -12.23 -18.06 -22.09
C1 BMA K . -15.22 -22.92 -18.71
C2 BMA K . -15.85 -23.14 -20.16
C3 BMA K . -15.29 -24.47 -20.86
C4 BMA K . -14.83 -25.62 -19.87
C5 BMA K . -14.47 -25.09 -18.45
C6 BMA K . -13.38 -25.89 -17.75
O2 BMA K . -15.66 -22.02 -21.02
O3 BMA K . -14.29 -24.23 -21.86
O4 BMA K . -15.83 -26.61 -19.78
O5 BMA K . -14.06 -23.71 -18.55
O6 BMA K . -14.01 -26.75 -16.81
C1 BMA K . -14.88 -24.26 -23.19
C2 BMA K . -13.78 -23.94 -24.24
C3 BMA K . -14.04 -24.68 -25.59
C4 BMA K . -15.54 -25.03 -25.90
C5 BMA K . -16.36 -25.40 -24.62
C6 BMA K . -17.15 -26.68 -24.76
O2 BMA K . -12.51 -24.36 -23.78
O3 BMA K . -13.23 -25.84 -25.72
O4 BMA K . -16.16 -23.94 -26.57
O5 BMA K . -15.47 -25.51 -23.49
O6 BMA K . -18.54 -26.37 -24.63
C1 NAG L . -11.68 -18.70 -9.22
C2 NAG L . -11.56 -19.71 -8.09
C3 NAG L . -10.20 -20.37 -8.11
C4 NAG L . -9.90 -20.98 -9.48
C5 NAG L . -10.20 -19.99 -10.63
C6 NAG L . -10.23 -20.63 -12.00
C7 NAG L . -12.56 -19.70 -5.86
C8 NAG L . -12.74 -18.96 -4.58
N2 NAG L . -11.81 -19.11 -6.79
O3 NAG L . -10.15 -21.37 -7.11
O4 NAG L . -8.51 -21.28 -9.53
O5 NAG L . -11.48 -19.36 -10.46
O6 NAG L . -10.99 -21.82 -11.99
O7 NAG L . -13.10 -20.79 -6.06
C1 NAG L . -8.03 -22.64 -9.82
C2 NAG L . -8.76 -23.73 -8.95
C3 NAG L . -8.39 -25.16 -9.39
C4 NAG L . -8.50 -25.32 -10.90
C5 NAG L . -7.67 -24.24 -11.60
C6 NAG L . -7.77 -24.32 -13.11
C7 NAG L . -7.77 -23.52 -6.55
C8 NAG L . -6.33 -23.72 -6.97
N2 NAG L . -8.76 -23.54 -7.49
O3 NAG L . -9.23 -26.10 -8.74
O4 NAG L . -8.03 -26.61 -11.29
O5 NAG L . -8.17 -22.96 -11.23
O6 NAG L . -7.92 -23.04 -13.68
O7 NAG L . -8.05 -23.33 -5.37
CAG 2J9 M . -41.35 0.26 -3.23
CAH 2J9 M . -41.46 0.96 -2.03
CAN 2J9 M . -41.88 -0.36 -2.11
NAO 2J9 M . -42.41 -1.53 -1.47
CAI 2J9 M . -43.90 -1.90 -1.55
NAJ 2J9 M . -44.49 -2.27 -0.28
SAP 2J9 M . -43.65 -3.46 0.44
OAA 2J9 M . -43.95 -4.86 -0.39
OAB 2J9 M . -44.13 -3.60 2.00
CAM 2J9 M . -41.96 -3.15 0.40
CAL 2J9 M . -41.47 -2.26 -0.49
CAE 2J9 M . -40.09 -1.98 -0.55
CAD 2J9 M . -39.22 -2.62 0.33
CAK 2J9 M . -39.73 -3.53 1.24
FAC 2J9 M . -38.87 -4.17 2.09
CAF 2J9 M . -41.08 -3.81 1.29
N POV N . 6.94 25.23 -6.96
P POV N . 4.20 23.91 -10.57
C1 POV N . 5.77 25.34 -12.13
C2 POV N . 6.89 26.32 -11.72
C3 POV N . 6.78 27.55 -12.62
C210 POV N . 17.67 22.78 -16.05
C310 POV N . 14.96 22.87 -18.96
C11 POV N . 4.83 24.38 -8.06
O11 POV N . 5.71 24.33 -11.13
C211 POV N . 17.88 21.50 -16.89
C311 POV N . 15.84 23.74 -19.89
C12 POV N . 5.77 25.61 -7.81
O12 POV N . 3.97 24.71 -9.13
C212 POV N . 19.26 20.85 -16.62
C312 POV N . 15.96 23.09 -21.29
C13 POV N . 7.82 24.39 -7.80
O13 POV N . 4.13 22.42 -10.34
C213 POV N . 19.38 19.46 -17.29
C313 POV N . 17.08 22.02 -21.33
C14 POV N . 6.70 24.46 -5.71
O14 POV N . 3.15 24.33 -11.57
C214 POV N . 18.80 18.33 -16.43
C314 POV N . 18.45 22.63 -20.92
C15 POV N . 7.61 26.49 -6.58
C215 POV N . 19.14 16.94 -17.02
C315 POV N . 19.64 21.75 -21.34
C216 POV N . 19.01 15.81 -15.97
C316 POV N . 19.53 21.28 -22.81
C217 POV N . 17.55 15.65 -15.48
C218 POV N . 17.16 14.17 -15.26
C21 POV N . 9.07 25.89 -10.86
O21 POV N . 8.13 25.70 -11.91
C22 POV N . 10.22 24.87 -10.67
O22 POV N . 8.97 26.81 -10.13
C23 POV N . 11.60 25.56 -10.63
C24 POV N . 12.27 25.66 -12.02
C25 POV N . 13.72 25.11 -12.00
C26 POV N . 14.54 25.55 -13.24
C27 POV N . 14.74 24.39 -14.25
C28 POV N . 16.16 24.40 -14.86
C29 POV N . 16.41 23.12 -15.70
C31 POV N . 7.65 27.42 -14.80
O31 POV N . 6.58 27.10 -13.94
C32 POV N . 8.76 26.39 -15.06
O32 POV N . 7.69 28.49 -15.31
C33 POV N . 10.15 27.04 -15.20
C34 POV N . 10.51 27.30 -16.68
C35 POV N . 10.27 26.05 -17.58
C36 POV N . 11.33 24.96 -17.35
C37 POV N . 12.78 25.53 -17.31
C38 POV N . 13.64 25.03 -18.49
C39 POV N . 13.58 23.50 -18.65
N POV O . -1.61 29.54 -16.67
P POV O . 2.82 29.83 -17.25
C1 POV O . 5.38 29.60 -17.90
C2 POV O . 6.11 29.68 -19.25
C3 POV O . 7.62 29.63 -19.02
C210 POV O . 4.39 29.74 -25.82
C310 POV O . 19.06 24.55 -24.62
C11 POV O . 0.35 30.30 -18.05
O11 POV O . 4.21 30.41 -17.97
C211 POV O . 5.02 28.80 -26.87
C311 POV O . 20.61 24.50 -24.62
C12 POV O . -0.83 30.73 -17.14
O12 POV O . 1.55 30.87 -17.55
C212 POV O . 6.53 29.12 -27.10
C312 POV O . 21.15 23.34 -25.50
C13 POV O . -2.20 28.88 -17.86
O13 POV O . 3.04 29.73 -15.75
C213 POV O . 6.78 29.94 -28.40
C313 POV O . 22.64 23.03 -25.26
C14 POV O . -0.90 28.48 -15.91
O14 POV O . 2.49 28.48 -17.81
C214 POV O . 7.50 31.29 -28.12
C314 POV O . 23.59 23.93 -26.08
C15 POV O . -2.68 30.04 -15.78
C215 POV O . 8.58 31.20 -27.02
C315 POV O . 24.97 23.28 -26.31
C216 POV O . 9.79 32.13 -27.28
C316 POV O . 26.03 24.30 -26.77
C217 POV O . 10.93 31.91 -26.26
C218 POV O . 12.29 32.38 -26.79
C21 POV O . 5.12 30.69 -21.16
O21 POV O . 5.75 30.87 -19.89
C22 POV O . 3.58 30.70 -21.27
O22 POV O . 5.78 30.53 -22.13
C23 POV O . 3.01 29.33 -21.74
C24 POV O . 1.49 29.19 -21.45
C25 POV O . 0.64 29.10 -22.74
C26 POV O . 1.06 27.92 -23.66
C27 POV O . 0.90 28.25 -25.18
C28 POV O . 2.27 28.36 -25.91
C29 POV O . 3.13 29.53 -25.37
C31 POV O . 9.59 28.77 -20.04
O31 POV O . 8.19 28.69 -19.92
C32 POV O . 10.31 28.01 -21.17
O32 POV O . 10.23 29.42 -19.28
C33 POV O . 11.83 28.28 -21.20
C34 POV O . 12.58 27.26 -22.10
C35 POV O . 13.97 27.78 -22.56
C36 POV O . 14.73 26.70 -23.37
C37 POV O . 16.22 27.08 -23.60
C38 POV O . 16.95 25.99 -24.44
C39 POV O . 18.48 25.91 -24.16
N POV P . 10.69 30.19 -2.93
P POV P . 11.59 29.09 -7.45
C1 POV P . 14.02 29.05 -8.52
C2 POV P . 14.03 30.20 -9.55
C3 POV P . 13.18 29.77 -10.74
C210 POV P . 23.84 31.75 -13.88
C310 POV P . 17.42 28.56 -19.14
C11 POV P . 11.85 28.95 -4.83
O11 POV P . 13.22 29.45 -7.42
C211 POV P . 25.16 32.55 -13.92
C311 POV P . 17.79 27.06 -19.12
C12 POV P . 10.88 28.87 -3.61
O12 POV P . 11.15 28.47 -5.97
C212 POV P . 25.95 32.47 -12.58
C312 POV P . 18.36 26.59 -20.49
C13 POV P . 10.07 31.11 -3.92
O13 POV P . 11.29 28.08 -8.53
C213 POV P . 25.11 32.93 -11.37
C313 POV P . 19.88 26.87 -20.62
C14 POV P . 9.84 30.26 -1.72
O14 POV P . 10.81 30.37 -7.71
C214 POV P . 25.98 33.06 -10.08
C314 POV P . 20.71 25.55 -20.63
C15 POV P . 12.02 30.70 -2.52
C215 POV P . 26.20 31.71 -9.37
C315 POV P . 22.20 25.78 -20.95
C216 POV P . 25.72 31.71 -7.90
C316 POV P . 22.96 24.46 -21.19
C217 POV P . 24.24 32.13 -7.78
C218 POV P . 23.60 31.63 -6.47
C21 POV P . 15.71 31.80 -10.08
O21 POV P . 15.35 30.43 -9.97
C22 POV P . 17.17 32.24 -9.90
O22 POV P . 14.87 32.62 -10.30
C23 POV P . 17.71 33.00 -11.14
C24 POV P . 18.84 32.22 -11.86
C25 POV P . 18.32 31.49 -13.14
C26 POV P . 19.37 31.43 -14.29
C27 POV P . 20.83 31.21 -13.80
C28 POV P . 21.77 30.81 -14.97
C29 POV P . 23.10 31.62 -14.99
C31 POV P . 11.26 30.83 -11.62
O31 POV P . 12.64 30.93 -11.34
C32 POV P . 10.78 30.76 -13.09
O32 POV P . 10.47 30.80 -10.74
C33 POV P . 11.91 31.10 -14.10
C34 POV P . 12.76 29.86 -14.48
C35 POV P . 14.28 30.11 -14.28
C36 POV P . 15.10 29.90 -15.57
C37 POV P . 14.64 28.67 -16.38
C38 POV P . 15.77 28.02 -17.24
C39 POV P . 16.77 29.05 -17.81
C1 CLR Q . -1.13 24.19 -23.85
C2 CLR Q . -1.88 24.49 -22.55
C3 CLR Q . -3.37 24.25 -22.72
C4 CLR Q . -3.63 22.82 -23.15
C5 CLR Q . -2.83 22.44 -24.38
C6 CLR Q . -3.42 21.88 -25.41
C7 CLR Q . -2.74 21.49 -26.69
C8 CLR Q . -1.22 21.39 -26.53
C9 CLR Q . -0.69 22.59 -25.75
C10 CLR Q . -1.33 22.74 -24.33
C11 CLR Q . 0.84 22.63 -25.71
C12 CLR Q . 1.48 22.50 -27.09
C13 CLR Q . 1.00 21.26 -27.85
C14 CLR Q . -0.54 21.35 -27.90
C15 CLR Q . -0.93 20.26 -28.93
C16 CLR Q . 0.27 20.19 -29.91
C17 CLR Q . 1.31 21.20 -29.37
C18 CLR Q . 1.46 19.97 -27.15
C19 CLR Q . -0.67 21.79 -23.30
C20 CLR Q . 2.75 20.89 -29.85
C21 CLR Q . 3.63 22.14 -29.94
C22 CLR Q . 2.78 20.11 -31.17
C23 CLR Q . 3.95 19.15 -31.32
C24 CLR Q . 4.76 19.35 -32.59
C25 CLR Q . 5.68 20.57 -32.63
C26 CLR Q . 6.67 20.56 -31.49
C27 CLR Q . 6.40 20.68 -33.95
O1 CLR Q . -4.05 24.52 -21.48
C1 CLR R . 49.39 8.81 -24.91
C2 CLR R . 49.31 8.38 -26.37
C3 CLR R . 50.61 8.68 -27.10
C4 CLR R . 51.76 7.97 -26.41
C5 CLR R . 51.82 8.29 -24.94
C6 CLR R . 52.96 8.70 -24.38
C7 CLR R . 53.13 9.09 -22.95
C8 CLR R . 52.01 8.53 -22.06
C9 CLR R . 50.65 8.76 -22.74
C10 CLR R . 50.53 8.11 -24.14
C11 CLR R . 49.49 8.37 -21.80
C12 CLR R . 49.59 9.02 -20.42
C13 CLR R . 50.94 8.75 -19.71
C14 CLR R . 52.03 9.23 -20.69
C15 CLR R . 53.30 9.21 -19.85
C16 CLR R . 52.81 9.82 -18.54
C17 CLR R . 51.27 9.62 -18.48
C18 CLR R . 51.09 7.24 -19.40
C19 CLR R . 50.22 6.60 -24.05
C20 CLR R . 50.80 9.18 -17.07
C21 CLR R . 49.30 9.27 -16.87
C22 CLR R . 51.54 9.98 -15.97
C23 CLR R . 50.98 9.78 -14.56
C24 CLR R . 51.30 10.92 -13.61
C25 CLR R . 50.44 10.97 -12.35
C26 CLR R . 50.82 12.10 -11.43
C27 CLR R . 50.45 9.65 -11.61
O1 CLR R . 50.52 8.26 -28.46
N POV S . 14.17 11.41 -55.40
P POV S . 18.33 13.09 -57.40
C1 POV S . 20.09 14.74 -56.27
C2 POV S . 20.55 14.58 -54.82
C3 POV S . 21.47 15.73 -54.40
C210 POV S . 13.04 18.14 -49.94
C310 POV S . 14.77 23.47 -49.54
C11 POV S . 16.62 12.06 -55.65
O11 POV S . 18.75 14.29 -56.32
C211 POV S . 12.19 18.60 -48.72
C311 POV S . 14.36 24.62 -48.59
C12 POV S . 15.54 10.95 -55.82
O12 POV S . 17.69 11.80 -56.55
C212 POV S . 12.28 20.13 -48.52
C312 POV S . 12.85 24.60 -48.24
C13 POV S . 14.23 11.78 -53.98
O13 POV S . 19.54 12.65 -58.18
C213 POV S . 11.31 20.64 -47.43
C313 POV S . 12.38 25.95 -47.63
C14 POV S . 13.04 10.46 -55.54
O14 POV S . 17.27 13.63 -58.36
C214 POV S . 11.33 19.78 -46.15
C314 POV S . 11.31 25.76 -46.55
C15 POV S . 13.82 12.57 -56.25
C215 POV S . 10.26 20.24 -45.12
C315 POV S . 10.89 27.11 -45.90
C216 POV S . 10.68 21.55 -44.41
C316 POV S . 10.02 26.91 -44.64
C217 POV S . 9.53 22.13 -43.55
C218 POV S . 10.02 23.24 -42.60
C21 POV S . 20.46 12.42 -53.92
O21 POV S . 21.21 13.36 -54.67
C22 POV S . 20.04 12.76 -52.48
O22 POV S . 20.15 11.39 -54.41
C23 POV S . 18.53 12.56 -52.23
C24 POV S . 17.88 13.80 -51.56
C25 POV S . 16.51 14.16 -52.18
C26 POV S . 16.28 15.69 -52.25
C27 POV S . 15.35 16.18 -51.11
C28 POV S . 15.24 17.73 -51.06
C29 POV S . 14.37 18.19 -49.87
C31 POV S . 21.35 16.28 -52.10
O31 POV S . 20.81 16.45 -53.38
C32 POV S . 21.03 17.30 -50.98
O32 POV S . 22.06 15.36 -51.86
C33 POV S . 19.51 17.56 -50.85
C34 POV S . 19.04 18.77 -51.70
C35 POV S . 19.25 20.12 -50.98
C36 POV S . 18.10 21.11 -51.23
C37 POV S . 18.39 22.53 -50.71
C38 POV S . 17.11 23.40 -50.64
C39 POV S . 16.27 23.09 -49.37
NA NA T . 11.93 2.74 -12.23
NA NA U . 7.45 1.70 -7.60
NA NA V . -50.01 -0.19 15.05
CL CL W . -48.75 -3.74 7.76
N POV X . 37.84 38.16 -34.07
P POV X . 40.28 34.07 -33.30
C1 POV X . 40.63 31.70 -32.16
C2 POV X . 39.35 31.24 -31.48
C3 POV X . 39.30 29.70 -31.42
C210 POV X . 38.29 31.86 -21.80
C310 POV X . 44.12 30.41 -20.57
C11 POV X . 38.54 36.02 -32.87
O11 POV X . 40.68 33.11 -32.01
C211 POV X . 37.20 32.86 -21.36
C311 POV X . 42.79 31.21 -20.47
C12 POV X . 37.88 36.66 -34.12
O12 POV X . 38.73 34.63 -33.11
C212 POV X . 36.82 32.70 -19.87
C312 POV X . 42.49 31.69 -19.03
C13 POV X . 37.02 38.54 -32.90
O13 POV X . 40.38 33.26 -34.58
C213 POV X . 36.12 31.35 -19.57
C313 POV X . 42.63 30.55 -17.99
C14 POV X . 37.29 38.90 -35.22
O14 POV X . 41.23 35.26 -33.38
C214 POV X . 37.01 30.42 -18.70
C314 POV X . 43.65 30.89 -16.88
C15 POV X . 39.24 38.64 -33.92
C215 POV X . 36.68 30.51 -17.19
C315 POV X . 43.00 31.70 -15.73
C216 POV X . 37.66 29.68 -16.34
C316 POV X . 42.05 30.84 -14.89
C217 POV X . 37.20 29.52 -14.87
C218 POV X . 38.10 28.54 -14.08
C21 POV X . 37.17 32.27 -31.44
O21 POV X . 38.25 31.73 -32.20
C22 POV X . 37.29 32.56 -29.93
O22 POV X . 36.15 32.51 -32.00
C23 POV X . 37.22 34.07 -29.59
C24 POV X . 38.19 34.50 -28.46
C25 POV X . 38.38 33.43 -27.35
C26 POV X . 37.23 33.42 -26.31
C27 POV X . 37.48 32.39 -25.18
C28 POV X . 38.38 32.98 -24.06
C29 POV X . 38.84 31.90 -23.03
C31 POV X . 38.79 29.08 -29.18
O31 POV X . 39.78 29.28 -30.16
C32 POV X . 39.21 28.71 -27.74
O32 POV X . 37.64 29.20 -29.43
C33 POV X . 39.67 29.96 -26.94
C34 POV X . 41.10 30.41 -27.33
C35 POV X . 42.19 29.69 -26.50
C36 POV X . 42.43 30.38 -25.14
C37 POV X . 43.71 29.87 -24.44
C38 POV X . 44.02 30.64 -23.13
C39 POV X . 44.26 29.67 -21.94
CAG 2J9 Y . -6.94 -5.42 36.00
CAH 2J9 Y . -6.28 -6.10 34.98
CAN 2J9 Y . -6.48 -6.71 36.22
NAO 2J9 Y . -6.32 -7.84 37.10
CAI 2J9 Y . -7.46 -8.20 38.08
NAJ 2J9 Y . -7.02 -8.27 39.48
SAP 2J9 Y . -5.81 -9.31 39.66
OAA 2J9 Y . -6.41 -10.85 39.51
OAB 2J9 Y . -5.11 -9.15 41.14
CAM 2J9 Y . -4.61 -9.08 38.45
CAL 2J9 Y . -4.90 -8.40 37.32
CAE 2J9 Y . -3.90 -8.22 36.33
CAD 2J9 Y . -2.63 -8.72 36.54
CAK 2J9 Y . -2.34 -9.41 37.70
FAC 2J9 Y . -1.08 -9.91 37.90
CAF 2J9 Y . -3.31 -9.60 38.66
N POV Z . 25.74 3.22 6.66
P POV Z . 25.23 7.47 5.55
C1 POV Z . 27.78 7.66 4.95
C2 POV Z . 28.86 6.59 4.84
C3 POV Z . 30.23 7.26 4.90
C210 POV Z . 31.67 3.33 -6.02
C310 POV Z . 31.96 6.96 -5.68
C11 POV Z . 25.11 5.58 7.41
O11 POV Z . 26.54 7.06 4.63
C211 POV Z . 30.85 3.66 -7.28
C311 POV Z . 33.31 7.11 -6.42
C12 POV Z . 26.22 4.63 6.85
O12 POV Z . 25.50 6.91 7.10
C212 POV Z . 31.59 3.22 -8.58
C312 POV Z . 33.20 8.14 -7.58
C13 POV Z . 25.44 2.68 8.01
O13 POV Z . 23.97 6.82 5.00
C213 POV Z . 30.71 3.35 -9.84
C313 POV Z . 34.17 7.80 -8.74
C14 POV Z . 26.67 2.25 6.03
O14 POV Z . 25.05 8.97 5.56
C214 POV Z . 29.50 2.38 -9.82
C314 POV Z . 33.99 6.35 -9.24
C15 POV Z . 24.54 3.23 5.81
C215 POV Z . 28.61 2.53 -11.07
C315 POV Z . 33.48 6.33 -10.70
C216 POV Z . 27.30 1.73 -10.95
C316 POV Z . 34.36 7.16 -11.64
C217 POV Z . 26.25 2.45 -10.07
C218 POV Z . 24.84 1.86 -10.23
C21 POV Z . 28.85 4.49 3.73
O21 POV Z . 28.73 5.90 3.63
C22 POV Z . 28.33 3.61 2.56
O22 POV Z . 29.35 3.99 4.67
C23 POV Z . 29.34 2.48 2.19
C24 POV Z . 29.57 2.35 0.67
C25 POV Z . 30.89 3.03 0.22
C26 POV Z . 31.39 2.50 -1.15
C27 POV Z . 31.43 3.62 -2.22
C28 POV Z . 32.03 3.11 -3.56
C29 POV Z . 31.15 3.47 -4.78
C31 POV Z . 30.94 8.50 3.02
O31 POV Z . 30.15 8.48 4.19
C32 POV Z . 30.32 8.05 1.69
O32 POV Z . 32.07 8.86 3.06
C33 POV Z . 30.95 6.72 1.20
C34 POV Z . 32.19 6.95 0.31
C35 POV Z . 32.01 8.15 -0.64
C36 POV Z . 33.35 8.70 -1.15
C37 POV Z . 33.75 8.06 -2.51
C38 POV Z . 32.61 8.22 -3.55
C39 POV Z . 32.18 6.86 -4.14
N POV AA . 28.92 16.00 8.82
P POV AA . 31.52 13.52 5.69
C1 POV AA . 32.76 12.01 3.89
C2 POV AA . 33.54 12.51 2.67
C3 POV AA . 33.99 11.32 1.82
C210 POV AA . 34.46 19.81 -0.59
C310 POV AA . 37.41 9.21 -10.72
C11 POV AA . 29.48 14.99 6.56
O11 POV AA . 31.73 12.95 4.14
C211 POV AA . 35.75 19.73 -1.44
C311 POV AA . 37.98 8.06 -11.59
C12 POV AA . 30.02 15.48 7.94
O12 POV AA . 30.58 14.90 5.65
C212 POV AA . 36.61 18.49 -1.06
C312 POV AA . 37.68 8.24 -13.10
C13 POV AA . 28.71 17.42 8.46
O13 POV AA . 32.87 13.85 6.28
C213 POV AA . 38.12 18.74 -1.36
C313 POV AA . 38.18 7.03 -13.92
C14 POV AA . 27.58 15.35 8.78
O14 POV AA . 30.84 12.47 6.53
C214 POV AA . 38.85 17.45 -1.81
C314 POV AA . 39.22 7.43 -15.00
C15 POV AA . 29.41 15.87 10.21
C215 POV AA . 39.28 16.55 -0.63
C315 POV AA . 39.90 6.20 -15.64
C216 POV AA . 39.72 15.14 -1.09
C316 POV AA . 40.98 6.59 -16.65
C217 POV AA . 40.81 15.20 -2.18
C218 POV AA . 41.14 13.80 -2.76
C21 POV AA . 34.49 14.66 3.07
O21 POV AA . 34.66 13.24 3.08
C22 POV AA . 35.56 15.56 2.40
O22 POV AA . 33.54 15.17 3.58
C23 POV AA . 35.73 16.90 3.15
C24 POV AA . 34.89 18.03 2.51
C25 POV AA . 33.89 18.68 3.51
C26 POV AA . 33.31 20.01 2.97
C27 POV AA . 32.57 19.83 1.62
C28 POV AA . 32.72 21.08 0.69
C29 POV AA . 34.01 21.01 -0.17
C31 POV AA . 35.15 11.58 -0.24
O31 POV AA . 33.93 11.70 0.45
C32 POV AA . 35.23 11.98 -1.73
O32 POV AA . 36.13 11.17 0.30
C33 POV AA . 36.10 11.02 -2.56
C34 POV AA . 35.59 10.94 -4.02
C35 POV AA . 36.53 10.10 -4.93
C36 POV AA . 37.29 11.01 -5.92
C37 POV AA . 38.12 10.19 -6.94
C38 POV AA . 37.30 9.79 -8.20
C39 POV AA . 38.21 9.39 -9.39
N POV BA . 30.82 -1.64 9.78
P POV BA . 32.31 -2.07 5.71
C1 POV BA . 33.23 -1.86 3.21
C2 POV BA . 34.25 -0.76 3.55
C3 POV BA . 33.61 0.61 3.24
C210 POV BA . 41.62 -7.53 -1.75
C310 POV BA . 36.16 5.31 -3.18
C11 POV BA . 31.30 -3.25 7.86
O11 POV BA . 33.03 -2.69 4.35
C211 POV BA . 40.91 -7.59 -3.12
C311 POV BA . 37.26 6.08 -3.94
C12 POV BA . 30.52 -1.99 8.35
O12 POV BA . 31.35 -3.23 6.44
C212 POV BA . 40.62 -9.05 -3.55
C312 POV BA . 38.06 5.17 -4.90
C13 POV BA . 32.29 -1.45 9.92
O13 POV BA . 31.43 -0.89 5.33
C213 POV BA . 40.15 -9.92 -2.37
C313 POV BA . 37.31 4.95 -6.24
C14 POV BA . 30.21 -0.41 10.36
O14 POV BA . 33.38 -1.62 6.67
C214 POV BA . 38.61 -10.09 -2.32
C314 POV BA . 37.53 6.10 -7.24
C15 POV BA . 30.35 -2.76 10.62
C215 POV BA . 38.03 -9.90 -0.90
C315 POV BA . 38.63 5.78 -8.27
C216 POV BA . 38.45 -8.55 -0.27
C316 POV BA . 38.12 4.85 -9.39
C217 POV BA . 37.79 -8.32 1.10
C218 POV BA . 38.19 -6.97 1.73
C21 POV BA . 36.62 -0.88 3.51
O21 POV BA . 35.41 -0.91 2.78
C22 POV BA . 37.96 -1.23 2.79
O22 POV BA . 36.64 -0.59 4.66
C23 POV BA . 38.33 -0.20 1.71
C24 POV BA . 38.89 -0.87 0.42
C25 POV BA . 39.99 -1.93 0.71
C26 POV BA . 40.28 -2.84 -0.51
C27 POV BA . 40.22 -4.35 -0.14
C28 POV BA . 40.60 -5.26 -1.35
C29 POV BA . 41.48 -6.45 -0.93
C31 POV BA . 32.49 2.28 4.48
O31 POV BA . 33.57 1.37 4.43
C32 POV BA . 32.56 3.62 3.72
O32 POV BA . 31.52 2.01 5.11
C33 POV BA . 33.81 4.45 4.06
C34 POV BA . 35.02 4.09 3.16
C35 POV BA . 34.81 4.55 1.70
C36 POV BA . 35.87 3.93 0.75
C37 POV BA . 36.59 5.02 -0.10
C38 POV BA . 37.50 4.40 -1.19
C39 POV BA . 36.70 4.04 -2.47
C1 CLR CA . 26.28 20.79 2.12
C2 CLR CA . 25.56 20.35 3.39
C3 CLR CA . 24.92 21.53 4.08
C4 CLR CA . 23.94 22.21 3.14
C5 CLR CA . 24.59 22.58 1.83
C6 CLR CA . 24.47 23.81 1.34
C7 CLR CA . 25.00 24.27 0.01
C8 CLR CA . 25.46 23.11 -0.88
C9 CLR CA . 26.22 22.07 -0.04
C10 CLR CA . 25.35 21.47 1.11
C11 CLR CA . 26.86 20.99 -0.92
C12 CLR CA . 27.71 21.56 -2.05
C13 CLR CA . 26.93 22.55 -2.94
C14 CLR CA . 26.37 23.63 -1.99
C15 CLR CA . 25.87 24.72 -2.96
C16 CLR CA . 26.83 24.65 -4.15
C17 CLR CA . 27.75 23.43 -3.91
C18 CLR CA . 25.80 21.81 -3.69
C19 CLR CA . 24.33 20.44 0.58
C20 CLR CA . 28.29 22.82 -5.22
C21 CLR CA . 29.63 22.08 -5.04
C22 CLR CA . 28.42 23.87 -6.34
C23 CLR CA . 28.23 23.33 -7.75
C24 CLR CA . 29.26 23.84 -8.73
C25 CLR CA . 30.68 23.34 -8.53
C26 CLR CA . 30.74 21.83 -8.64
C27 CLR CA . 31.62 23.98 -9.54
O1 CLR CA . 24.23 21.10 5.26
C1 CLR DA . 38.76 -10.56 -39.24
C2 CLR DA . 38.75 -9.37 -40.19
C3 CLR DA . 39.37 -9.74 -41.52
C4 CLR DA . 38.61 -10.90 -42.13
C5 CLR DA . 38.52 -12.08 -41.19
C6 CLR DA . 38.86 -13.30 -41.60
C7 CLR DA . 38.81 -14.53 -40.75
C8 CLR DA . 37.99 -14.36 -39.49
C9 CLR DA . 38.29 -12.99 -38.84
C10 CLR DA . 38.01 -11.79 -39.79
C11 CLR DA . 37.62 -12.85 -37.47
C12 CLR DA . 37.92 -14.01 -36.53
C13 CLR DA . 37.58 -15.39 -37.13
C14 CLR DA . 38.33 -15.47 -38.48
C15 CLR DA . 38.17 -16.93 -38.89
C16 CLR DA . 38.43 -17.65 -37.57
C17 CLR DA . 38.17 -16.64 -36.42
C18 CLR DA . 36.06 -15.53 -37.33
C19 CLR DA . 36.50 -11.48 -39.88
C20 CLR DA . 37.42 -17.30 -35.24
C21 CLR DA . 37.43 -16.46 -33.96
C22 CLR DA . 38.00 -18.69 -34.95
C23 CLR DA . 37.00 -19.83 -34.88
C24 CLR DA . 36.31 -19.99 -33.52
C25 CLR DA . 37.10 -20.72 -32.44
C26 CLR DA . 37.76 -19.79 -31.44
C27 CLR DA . 36.25 -21.75 -31.72
O1 CLR DA . 39.35 -8.63 -42.41
NA NA EA . -1.86 -4.70 54.74
N POV FA . 55.71 4.73 -16.95
P POV FA . 57.88 4.52 -21.36
C1 POV FA . 56.93 3.21 -23.46
C2 POV FA . 55.42 3.19 -23.74
C3 POV FA . 55.09 2.25 -24.90
C210 POV FA . 52.00 -3.11 -17.14
C310 POV FA . 52.65 -7.88 -20.08
C11 POV FA . 56.03 4.71 -19.47
O11 POV FA . 57.08 3.25 -22.05
C211 POV FA . 50.98 -3.99 -16.40
C311 POV FA . 51.99 -9.28 -19.92
C12 POV FA . 55.95 5.57 -18.17
O12 POV FA . 56.81 5.40 -20.44
C212 POV FA . 51.11 -5.49 -16.80
C312 POV FA . 51.77 -9.66 -18.43
C13 POV FA . 54.41 4.05 -17.12
O13 POV FA . 58.48 5.40 -22.43
C213 POV FA . 50.21 -6.42 -15.95
C313 POV FA . 51.50 -11.17 -18.27
C14 POV FA . 55.64 5.42 -15.63
O14 POV FA . 58.99 4.00 -20.46
C214 POV FA . 48.77 -5.88 -15.79
C314 POV FA . 50.46 -11.47 -17.15
C15 POV FA . 56.81 3.76 -16.83
C215 POV FA . 47.93 -6.78 -14.84
C315 POV FA . 50.15 -12.98 -17.05
C216 POV FA . 47.48 -8.09 -15.54
C316 POV FA . 48.95 -13.26 -16.12
C217 POV FA . 46.85 -9.09 -14.56
C218 POV FA . 46.13 -10.25 -15.27
C21 POV FA . 54.06 4.98 -23.08
O21 POV FA . 54.98 4.49 -24.04
C22 POV FA . 52.74 4.20 -22.83
O22 POV FA . 54.29 5.98 -22.49
C23 POV FA . 52.53 3.87 -21.33
C24 POV FA . 52.31 2.36 -21.10
C25 POV FA . 53.07 1.85 -19.85
C26 POV FA . 53.45 0.34 -19.96
C27 POV FA . 52.50 -0.57 -19.15
C28 POV FA . 52.89 -2.06 -19.22
C29 POV FA . 51.87 -2.94 -18.46
C31 POV FA . 53.02 1.05 -24.88
O31 POV FA . 54.33 1.18 -24.35
C32 POV FA . 52.30 -0.31 -24.80
O32 POV FA . 52.48 1.98 -25.38
C33 POV FA . 52.28 -0.89 -23.36
C34 POV FA . 53.38 -1.95 -23.14
C35 POV FA . 52.95 -3.37 -23.60
C36 POV FA . 53.60 -4.49 -22.77
C37 POV FA . 53.38 -5.90 -23.38
C38 POV FA . 53.58 -7.01 -22.32
C39 POV FA . 52.32 -7.24 -21.45
CAG 2J9 GA . 5.69 -8.61 40.12
CAH 2J9 GA . 4.75 -9.62 40.22
CAN 2J9 GA . 4.55 -8.41 40.88
NAO 2J9 GA . 3.72 -7.56 41.69
CAI 2J9 GA . 3.80 -7.56 43.22
NAJ 2J9 GA . 2.50 -7.58 43.89
SAP 2J9 GA . 1.52 -6.42 43.33
OAA 2J9 GA . 2.05 -4.97 43.94
OAB 2J9 GA . -0.02 -6.71 43.83
CAM 2J9 GA . 1.54 -6.34 41.62
CAL 2J9 GA . 2.57 -6.88 40.95
CAE 2J9 GA . 2.61 -6.84 39.53
CAD 2J9 GA . 1.58 -6.24 38.83
CAK 2J9 GA . 0.53 -5.68 39.52
FAC 2J9 GA . -0.49 -5.08 38.84
CAF 2J9 GA . 0.49 -5.73 40.91
N POV HA . 11.99 -20.90 -12.42
P POV HA . 15.37 -19.43 -9.43
C1 POV HA . 17.10 -20.04 -11.32
C2 POV HA . 16.83 -20.81 -12.61
C3 POV HA . 17.97 -21.82 -12.80
C210 POV HA . 19.73 -14.16 -22.36
C310 POV HA . 22.70 -14.19 -19.74
C11 POV HA . 13.00 -20.32 -10.19
O11 POV HA . 15.91 -19.32 -10.99
C211 POV HA . 20.23 -12.70 -22.32
C311 POV HA . 23.68 -14.64 -20.85
C12 POV HA . 12.98 -21.31 -11.38
O12 POV HA . 14.16 -20.58 -9.42
C212 POV HA . 19.76 -11.89 -23.54
C312 POV HA . 24.94 -13.73 -20.87
C13 POV HA . 12.55 -19.70 -13.09
O13 POV HA . 14.80 -18.10 -8.98
C213 POV HA . 20.10 -10.38 -23.39
C313 POV HA . 24.71 -12.42 -21.65
C14 POV HA . 10.62 -20.54 -12.00
O14 POV HA . 16.50 -19.85 -8.52
C214 POV HA . 19.07 -9.62 -22.51
C314 POV HA . 24.40 -12.69 -23.14
C15 POV HA . 11.88 -22.02 -13.39
C215 POV HA . 19.33 -8.10 -22.51
C315 POV HA . 24.42 -11.40 -23.97
C216 POV HA . 18.07 -7.28 -22.15
C316 POV HA . 25.77 -10.66 -23.88
C217 POV HA . 17.63 -7.51 -20.69
C218 POV HA . 17.08 -6.25 -20.00
C21 POV HA . 15.77 -20.16 -14.65
O21 POV HA . 16.79 -19.92 -13.69
C22 POV HA . 15.30 -19.00 -15.57
O22 POV HA . 15.29 -21.24 -14.76
C23 POV HA . 15.34 -19.39 -17.07
C24 POV HA . 16.65 -18.95 -17.76
C25 POV HA . 16.36 -18.12 -19.04
C26 POV HA . 17.60 -18.04 -19.98
C27 POV HA . 18.33 -16.68 -19.88
C28 POV HA . 19.00 -16.29 -21.24
C29 POV HA . 19.50 -14.82 -21.21
C31 POV HA . 20.00 -21.05 -13.70
O31 POV HA . 19.18 -21.11 -12.56
C32 POV HA . 19.94 -19.83 -14.63
O32 POV HA . 20.76 -21.93 -13.93
C33 POV HA . 20.30 -20.16 -16.08
C34 POV HA . 21.78 -19.90 -16.39
C35 POV HA . 22.28 -18.54 -15.86
C36 POV HA . 21.77 -17.34 -16.70
C37 POV HA . 21.86 -17.61 -18.23
C38 POV HA . 22.85 -16.65 -18.95
C39 POV HA . 22.63 -15.17 -18.54
N POV IA . 22.90 -24.60 -5.10
P POV IA . 23.24 -23.80 -9.49
C1 POV IA . 23.74 -22.74 -11.87
C2 POV IA . 25.01 -22.45 -12.67
C3 POV IA . 24.65 -22.18 -14.13
C210 POV IA . 31.51 -21.45 -11.05
C310 POV IA . 28.33 -13.60 -24.17
C11 POV IA . 24.28 -24.57 -7.20
O11 POV IA . 24.00 -23.81 -10.97
C211 POV IA . 32.28 -20.18 -11.47
C311 POV IA . 28.27 -13.21 -25.67
C12 POV IA . 23.57 -25.46 -6.14
O12 POV IA . 23.88 -24.98 -8.50
C212 POV IA . 32.49 -20.11 -13.02
C312 POV IA . 28.76 -11.76 -25.91
C13 POV IA . 23.95 -23.83 -4.40
O13 POV IA . 21.76 -24.05 -9.68
C213 POV IA . 33.91 -20.52 -13.45
C313 POV IA . 28.37 -11.21 -27.30
C14 POV IA . 21.87 -23.62 -5.54
O14 POV IA . 23.44 -22.44 -8.85
C214 POV IA . 33.93 -21.71 -14.46
C314 POV IA . 29.35 -11.64 -28.41
C15 POV IA . 22.22 -25.52 -4.17
C215 POV IA . 32.76 -21.65 -15.48
C315 POV IA . 29.42 -10.60 -29.56
C216 POV IA . 33.16 -22.20 -16.87
C316 POV IA . 29.84 -11.24 -30.89
C217 POV IA . 32.04 -21.99 -17.92
C218 POV IA . 32.58 -22.01 -19.36
C21 POV IA . 27.11 -23.26 -11.96
O21 POV IA . 25.87 -23.56 -12.58
C22 POV IA . 27.34 -23.58 -10.46
O22 POV IA . 27.99 -22.77 -12.60
C23 POV IA . 27.54 -22.31 -9.61
C24 POV IA . 27.30 -22.55 -8.10
C25 POV IA . 28.58 -22.35 -7.25
C26 POV IA . 29.20 -20.94 -7.39
C27 POV IA . 30.75 -20.94 -7.32
C28 POV IA . 31.42 -20.58 -8.68
C29 POV IA . 31.12 -21.64 -9.78
C31 POV IA . 25.34 -20.72 -15.89
O31 POV IA . 25.21 -20.93 -14.51
C32 POV IA . 26.23 -19.57 -16.41
O32 POV IA . 24.77 -21.42 -16.66
C33 POV IA . 26.26 -19.50 -17.96
C34 POV IA . 26.86 -18.17 -18.46
C35 POV IA . 27.35 -18.25 -19.92
C36 POV IA . 27.86 -16.88 -20.44
C37 POV IA . 28.08 -16.85 -21.98
C38 POV IA . 28.62 -15.48 -22.45
C39 POV IA . 28.25 -15.13 -23.91
N POV JA . 8.94 -25.75 -17.15
P POV JA . 13.03 -23.46 -17.81
C1 POV JA . 13.93 -22.61 -20.16
C2 POV JA . 15.18 -23.46 -20.43
C3 POV JA . 16.30 -22.99 -19.51
C210 POV JA . 19.14 -21.84 -30.39
C310 POV JA . 23.98 -19.02 -23.45
C11 POV JA . 10.43 -23.87 -18.00
O11 POV JA . 12.98 -23.40 -19.47
C211 POV JA . 19.29 -22.27 -31.87
C311 POV JA . 23.62 -17.51 -23.45
C12 POV JA . 9.28 -24.29 -17.03
O12 POV JA . 11.48 -23.29 -17.23
C212 POV JA . 17.93 -22.35 -32.61
C312 POV JA . 24.80 -16.63 -23.92
C13 POV JA . 10.15 -26.51 -16.77
O13 POV JA . 13.89 -22.34 -17.27
C213 POV JA . 16.89 -23.25 -31.88
C313 POV JA . 24.90 -16.52 -25.45
C14 POV JA . 7.83 -26.28 -16.33
O14 POV JA . 13.59 -24.80 -17.36
C214 POV JA . 15.62 -23.47 -32.73
C314 POV JA . 24.46 -15.14 -25.98
C15 POV JA . 8.56 -26.02 -18.56
C215 POV JA . 14.61 -22.30 -32.63
C315 POV JA . 24.87 -14.90 -27.45
C216 POV JA . 13.22 -22.76 -32.11
C316 POV JA . 24.74 -13.42 -27.86
C217 POV JA . 13.31 -23.49 -30.75
C218 POV JA . 11.97 -23.45 -29.98
C21 POV JA . 15.95 -24.52 -22.41
O21 POV JA . 15.58 -23.32 -21.77
C22 POV JA . 15.77 -24.66 -23.95
O22 POV JA . 16.40 -25.43 -21.79
C23 POV JA . 17.11 -25.00 -24.66
C24 POV JA . 17.57 -23.87 -25.61
C25 POV JA . 18.67 -22.99 -24.96
C26 POV JA . 19.72 -22.46 -25.98
C27 POV JA . 19.12 -22.05 -27.36
C28 POV JA . 20.10 -21.16 -28.17
C29 POV JA . 20.23 -21.60 -29.65
C31 POV JA . 17.52 -24.21 -17.90
O31 POV JA . 17.17 -24.07 -19.26
C32 POV JA . 18.95 -23.92 -17.43
O32 POV JA . 16.69 -24.55 -17.11
C33 POV JA . 19.93 -23.78 -18.62
C34 POV JA . 20.00 -22.34 -19.17
C35 POV JA . 19.76 -22.28 -20.70
C36 POV JA . 20.92 -21.60 -21.48
C37 POV JA . 21.47 -20.35 -20.75
C38 POV JA . 22.10 -19.31 -21.71
C39 POV JA . 22.83 -19.93 -22.92
C1 CLR KA . 28.63 -17.83 -4.50
C2 CLR KA . 27.48 -18.58 -3.82
C3 CLR KA . 27.68 -18.64 -2.33
C4 CLR KA . 27.80 -17.24 -1.75
C5 CLR KA . 28.86 -16.43 -2.45
C6 CLR KA . 29.78 -15.77 -1.76
C7 CLR KA . 30.85 -14.90 -2.34
C8 CLR KA . 30.60 -14.56 -3.81
C9 CLR KA . 30.11 -15.80 -4.57
C10 CLR KA . 28.79 -16.39 -3.98
C11 CLR KA . 30.02 -15.55 -6.08
C12 CLR KA . 31.31 -14.99 -6.68
C13 CLR KA . 31.78 -13.71 -5.96
C14 CLR KA . 31.90 -14.05 -4.46
C15 CLR KA . 32.63 -12.83 -3.87
C16 CLR KA . 33.55 -12.34 -5.02
C17 CLR KA . 33.22 -13.23 -6.24
C18 CLR KA . 30.77 -12.57 -6.20
C19 CLR KA . 27.56 -15.56 -4.38
C20 CLR KA . 33.56 -12.54 -7.59
C21 CLR KA . 33.89 -13.52 -8.70
C22 CLR KA . 34.69 -11.51 -7.44
C23 CLR KA . 34.55 -10.26 -8.30
C24 CLR KA . 35.78 -9.96 -9.14
C25 CLR KA . 36.06 -10.92 -10.30
C26 CLR KA . 34.91 -10.97 -11.28
C27 CLR KA . 37.35 -10.55 -11.03
O1 CLR KA . 26.60 -19.33 -1.70
N POV LA . -7.25 0.88 -25.66
P POV LA . -5.13 -2.96 -26.08
C1 POV LA . -4.63 -2.41 -28.61
C2 POV LA . -4.91 -1.13 -29.41
C3 POV LA . -4.92 -1.45 -30.90
C210 POV LA . 4.68 5.19 -31.63
C310 POV LA . 5.15 1.69 -32.56
C11 POV LA . -7.39 -1.68 -25.56
O11 POV LA . -4.40 -2.05 -27.27
C211 POV LA . 6.04 5.02 -30.92
C311 POV LA . 5.80 1.94 -33.94
C12 POV LA . -7.15 -0.40 -26.44
O12 POV LA . -6.78 -2.77 -26.24
C212 POV LA . 7.12 5.96 -31.52
C312 POV LA . 7.22 1.31 -34.04
C13 POV LA . -8.64 0.99 -25.19
O13 POV LA . -4.70 -2.48 -24.72
C213 POV LA . 8.48 5.90 -30.78
C313 POV LA . 8.07 2.10 -35.06
C14 POV LA . -6.93 2.14 -26.35
O14 POV LA . -4.74 -4.42 -26.25
C214 POV LA . 8.40 6.44 -29.32
C314 POV LA . 8.36 3.53 -34.58
C15 POV LA . -6.31 0.80 -24.51
C215 POV LA . 9.74 6.25 -28.56
C315 POV LA . 9.81 3.67 -34.09
C216 POV LA . 9.64 6.73 -27.10
C316 POV LA . 10.84 3.17 -35.11
C217 POV LA . 8.87 5.73 -26.21
C218 POV LA . 9.06 6.02 -24.70
C21 POV LA . -4.36 1.14 -28.94
O21 POV LA . -3.91 -0.20 -29.13
C22 POV LA . -3.43 2.17 -28.26
O22 POV LA . -5.45 1.46 -29.28
C23 POV LA . -3.40 3.53 -29.02
C24 POV LA . -1.98 4.11 -29.21
C25 POV LA . -1.40 3.81 -30.61
C26 POV LA . -0.19 4.72 -30.97
C27 POV LA . 1.09 3.93 -31.34
C28 POV LA . 2.22 4.86 -31.86
C29 POV LA . 3.56 4.67 -31.12
C31 POV LA . -2.87 -2.06 -31.92
O31 POV LA . -3.96 -2.47 -31.13
C32 POV LA . -1.67 -1.37 -31.26
O32 POV LA . -2.88 -2.24 -33.09
C33 POV LA . -1.55 0.12 -31.64
C34 POV LA . -0.65 0.35 -32.87
C35 POV LA . 0.54 -0.63 -32.93
C36 POV LA . 1.13 -0.73 -34.36
C37 POV LA . 2.22 0.34 -34.59
C38 POV LA . 3.37 0.19 -33.56
C39 POV LA . 3.63 1.45 -32.72
N POV MA . -6.78 -11.01 -31.60
P POV MA . -4.38 -7.42 -33.50
C1 POV MA . -3.07 -5.32 -34.46
C2 POV MA . -1.81 -5.32 -35.35
C3 POV MA . -1.32 -3.89 -35.55
C210 POV MA . 2.98 -11.33 -37.81
C310 POV MA . 10.22 1.71 -38.54
C11 POV MA . -4.79 -9.47 -31.88
O11 POV MA . -3.01 -6.49 -33.67
C211 POV MA . 3.75 -10.73 -38.99
C311 POV MA . 10.81 3.11 -38.87
C12 POV MA . -6.06 -10.09 -32.54
O12 POV MA . -3.98 -8.91 -32.90
C212 POV MA . 3.07 -9.46 -39.56
C312 POV MA . 12.34 3.21 -38.57
C13 POV MA . -6.07 -12.31 -31.69
O13 POV MA . -5.03 -7.58 -34.87
C213 POV MA . 3.33 -9.31 -41.09
C313 POV MA . 12.84 4.67 -38.71
C14 POV MA . -6.87 -10.68 -30.16
O14 POV MA . -5.35 -6.73 -32.56
C214 POV MA . 3.43 -7.83 -41.54
C314 POV MA . 13.95 4.82 -39.78
C15 POV MA . -8.16 -11.14 -32.10
C215 POV MA . 2.04 -7.17 -41.74
C315 POV MA . 14.26 6.28 -40.14
C216 POV MA . 2.15 -5.64 -41.91
C316 POV MA . 15.26 6.40 -41.30
C217 POV MA . 3.10 -5.25 -43.05
C218 POV MA . 3.37 -3.72 -43.09
C21 POV MA . -1.71 -7.26 -36.73
O21 POV MA . -2.11 -5.90 -36.59
C22 POV MA . -0.92 -7.70 -37.98
O22 POV MA . -1.99 -8.06 -35.90
C23 POV MA . -1.37 -9.10 -38.47
C24 POV MA . -0.45 -10.23 -37.94
C25 POV MA . -1.23 -11.28 -37.11
C26 POV MA . -0.41 -12.60 -36.92
C27 POV MA . 0.87 -12.36 -36.06
C28 POV MA . 2.06 -13.27 -36.50
C29 POV MA . 2.85 -12.66 -37.68
C31 POV MA . 0.68 -3.32 -36.70
O31 POV MA . 0.10 -3.90 -35.56
C32 POV MA . 2.21 -3.35 -36.86
O32 POV MA . 0.02 -2.80 -37.53
C33 POV MA . 2.77 -2.06 -37.51
C34 POV MA . 4.19 -1.74 -36.99
C35 POV MA . 4.87 -0.58 -37.76
C36 POV MA . 5.98 -1.11 -38.70
C37 POV MA . 6.75 0.03 -39.39
C38 POV MA . 7.88 0.61 -38.50
C39 POV MA . 8.91 1.44 -39.33
C1 CLR NA . 23.20 8.06 -50.24
C2 CLR NA . 24.54 8.77 -50.05
C3 CLR NA . 25.24 8.94 -51.38
C4 CLR NA . 24.37 9.72 -52.35
C5 CLR NA . 23.00 9.10 -52.49
C6 CLR NA . 22.50 8.85 -53.69
C7 CLR NA . 21.14 8.26 -53.95
C8 CLR NA . 20.23 8.30 -52.74
C9 CLR NA . 21.02 7.89 -51.47
C10 CLR NA . 22.25 8.80 -51.19
C11 CLR NA . 20.09 7.76 -50.26
C12 CLR NA . 18.90 6.84 -50.51
C13 CLR NA . 18.07 7.27 -51.73
C14 CLR NA . 19.06 7.32 -52.92
C15 CLR NA . 18.15 7.46 -54.13
C16 CLR NA . 17.04 6.45 -53.81
C17 CLR NA . 17.05 6.22 -52.28
C18 CLR NA . 17.40 8.63 -51.50
C19 CLR NA . 21.84 10.15 -50.55
C20 CLR NA . 15.61 6.18 -51.71
C21 CLR NA . 15.54 5.68 -50.27
C22 CLR NA . 14.68 5.33 -52.60
C23 CLR NA . 13.31 5.05 -52.00
C24 CLR NA . 12.66 3.77 -52.50
C25 CLR NA . 11.51 3.25 -51.63
C26 CLR NA . 10.84 2.02 -52.20
C27 CLR NA . 10.48 4.33 -51.34
O1 CLR NA . 26.49 9.62 -51.20
C1 CLR OA . 1.00 -14.59 -30.17
C2 CLR OA . -0.30 -14.63 -29.36
C3 CLR OA . -0.65 -16.04 -28.98
C4 CLR OA . 0.49 -16.66 -28.17
C5 CLR OA . 1.82 -16.56 -28.90
C6 CLR OA . 2.58 -17.62 -29.04
C7 CLR OA . 3.95 -17.63 -29.67
C8 CLR OA . 4.51 -16.22 -29.88
C9 CLR OA . 3.40 -15.29 -30.40
C10 CLR OA . 2.20 -15.17 -29.41
C11 CLR OA . 3.95 -13.92 -30.80
C12 CLR OA . 5.14 -14.01 -31.78
C13 CLR OA . 6.27 -14.88 -31.23
C14 CLR OA . 5.65 -16.26 -30.90
C15 CLR OA . 6.88 -17.15 -30.64
C16 CLR OA . 7.96 -16.60 -31.59
C17 CLR OA . 7.37 -15.32 -32.22
C18 CLR OA . 6.90 -14.23 -29.98
C19 CLR OA . 2.54 -14.28 -28.21
C20 CLR OA . 8.48 -14.31 -32.63
C21 CLR OA . 8.05 -13.38 -33.77
C22 CLR OA . 9.79 -15.02 -33.01
C23 CLR OA . 11.05 -14.24 -32.67
C24 CLR OA . 12.09 -14.29 -33.78
C25 CLR OA . 11.72 -13.56 -35.06
C26 CLR OA . 11.46 -12.09 -34.80
C27 CLR OA . 12.82 -13.71 -36.11
O1 CLR OA . -1.85 -16.07 -28.20
C7 A1BDR PA . 17.16 4.72 -20.29
C11 A1BDR PA . 16.23 3.07 -21.80
C13 A1BDR PA . 20.31 4.58 -20.39
C18 A1BDR PA . 25.23 5.26 -25.92
C14 A1BDR PA . 21.85 4.72 -22.29
C15 A1BDR PA . 22.45 5.76 -23.22
C17 A1BDR PA . 24.21 6.05 -25.12
O1 A1BDR PA . 20.24 6.07 -16.79
C1 A1BDR PA . 16.93 5.36 -15.71
C10 A1BDR PA . 15.33 2.67 -20.83
C12 A1BDR PA . 17.13 4.09 -21.53
C16 A1BDR PA . 23.66 5.22 -23.97
C19 A1BDR PA . 25.47 5.80 -27.32
C2 A1BDR PA . 18.15 4.92 -14.93
C20 A1BDR PA . 26.37 7.01 -27.42
C21 A1BDR PA . 28.18 5.80 -28.57
C22 A1BDR PA . 28.01 6.54 -29.87
C23 A1BDR PA . 28.36 5.69 -31.09
C24 A1BDR PA . 28.17 6.39 -32.42
C3 A1BDR PA . 19.15 4.19 -15.78
C4 A1BDR PA . 19.59 5.04 -16.95
C5 A1BDR PA . 19.48 5.36 -19.38
C6 A1BDR PA . 18.14 5.82 -19.99
C8 A1BDR PA . 16.24 4.30 -19.33
C9 A1BDR PA . 15.33 3.29 -19.59
N1 A1BDR PA . 19.23 4.59 -18.16
N2 A1BDR PA . 20.95 5.31 -21.31
N3 A1BDR PA . 27.79 6.63 -27.41
N4 A1BDR PA . 28.53 5.57 -33.58
O2 A1BDR PA . 14.44 1.68 -21.10
O3 A1BDR PA . 20.38 3.35 -20.34
NA NA QA . -11.76 -14.31 48.85
CL CL RA . -5.49 -8.94 48.43
C1 CLR SA . 33.74 27.38 -35.52
C2 CLR SA . 34.93 26.47 -35.78
C3 CLR SA . 36.10 27.25 -36.32
C4 CLR SA . 36.49 28.33 -35.33
C5 CLR SA . 35.32 29.22 -34.97
C6 CLR SA . 35.44 30.54 -35.04
C7 CLR SA . 34.34 31.51 -34.72
C8 CLR SA . 33.20 30.90 -33.94
C9 CLR SA . 32.85 29.52 -34.52
C10 CLR SA . 34.05 28.52 -34.52
C11 CLR SA . 31.59 28.93 -33.87
C12 CLR SA . 30.40 29.88 -33.91
C13 CLR SA . 30.70 31.26 -33.30
C14 CLR SA . 31.95 31.79 -34.02
C15 CLR SA . 32.04 33.25 -33.57
C16 CLR SA . 30.57 33.68 -33.65
C17 CLR SA . 29.70 32.41 -33.60
C18 CLR SA . 30.94 31.12 -31.78
C19 CLR SA . 34.29 27.92 -33.12
C20 CLR SA . 28.44 32.61 -32.72
C21 CLR SA . 27.37 31.54 -32.92
C22 CLR SA . 27.84 34.00 -32.94
C23 CLR SA . 27.59 34.82 -31.69
C24 CLR SA . 26.28 34.50 -30.97
C25 CLR SA . 25.02 35.10 -31.58
C26 CLR SA . 24.21 34.10 -32.37
C27 CLR SA . 24.15 35.77 -30.52
O1 CLR SA . 37.22 26.39 -36.56
N POV TA . 39.39 -20.19 -45.65
P POV TA . 37.58 -15.90 -47.10
C1 POV TA . 35.89 -13.88 -46.85
C2 POV TA . 35.19 -13.89 -45.49
C3 POV TA . 34.79 -12.48 -45.07
C210 POV TA . 25.99 -16.96 -44.53
C310 POV TA . 24.09 -14.56 -49.87
C11 POV TA . 37.76 -18.25 -45.88
O11 POV TA . 36.06 -15.25 -47.21
C211 POV TA . 25.86 -18.25 -43.68
C311 POV TA . 24.28 -15.63 -48.76
C12 POV TA . 39.15 -18.73 -45.37
O12 POV TA . 37.68 -16.84 -45.72
C212 POV TA . 24.39 -18.50 -43.24
C312 POV TA . 23.01 -16.50 -48.55
C13 POV TA . 38.38 -20.96 -44.90
O13 POV TA . 38.62 -14.80 -47.03
C213 POV TA . 23.87 -17.42 -42.25
C313 POV TA . 21.72 -15.65 -48.45
C14 POV TA . 40.71 -20.76 -45.28
O14 POV TA . 37.85 -16.78 -48.31
C214 POV TA . 22.77 -16.53 -42.88
C314 POV TA . 20.67 -16.07 -49.51
C15 POV TA . 39.27 -20.41 -47.11
C215 POV TA . 21.34 -17.08 -42.67
C315 POV TA . 19.77 -17.23 -49.00
C216 POV TA . 20.28 -16.23 -43.42
C316 POV TA . 18.82 -16.77 -47.87
C217 POV TA . 18.84 -16.55 -42.95
C218 POV TA . 17.82 -15.56 -43.56
C21 POV TA . 35.51 -15.31 -43.56
O21 POV TA . 36.07 -14.44 -44.54
C22 POV TA . 34.11 -15.95 -43.76
O22 POV TA . 36.11 -15.54 -42.58
C23 POV TA . 34.17 -17.48 -44.00
C24 POV TA . 33.14 -17.99 -45.04
C25 POV TA . 31.81 -17.19 -45.04
C26 POV TA . 30.81 -17.65 -43.94
C27 POV TA . 29.49 -16.84 -43.97
C28 POV TA . 28.42 -17.51 -44.89
C29 POV TA . 27.17 -16.62 -45.08
C31 POV TA . 32.46 -12.57 -44.55
O31 POV TA . 33.45 -12.27 -45.51
C32 POV TA . 30.97 -12.52 -44.96
O32 POV TA . 32.74 -12.88 -43.43
C33 POV TA . 30.54 -13.74 -45.80
C34 POV TA . 30.92 -13.61 -47.30
C35 POV TA . 29.84 -12.85 -48.11
C36 POV TA . 28.64 -13.75 -48.50
C37 POV TA . 27.73 -13.10 -49.56
C38 POV TA . 26.60 -14.05 -50.03
C39 POV TA . 25.18 -13.46 -49.81
CAG 2J9 UA . -35.86 -4.66 8.39
CAH 2J9 UA . -35.05 -3.68 7.85
CAN 2J9 UA . -36.36 -3.39 8.20
NAO 2J9 UA . -37.47 -2.44 8.28
CAI 2J9 UA . -38.43 -2.53 9.48
NAJ 2J9 UA . -39.81 -2.71 9.08
SAP 2J9 UA . -40.30 -1.52 8.12
OAA 2J9 UA . -40.46 -0.14 9.02
OAB 2J9 UA . -41.75 -1.88 7.42
CAM 2J9 UA . -39.13 -1.20 6.88
CAL 2J9 UA . -37.87 -1.65 7.03
CAE 2J9 UA . -36.91 -1.40 6.01
CAD 2J9 UA . -37.28 -0.68 4.88
CAK 2J9 UA . -38.58 -0.22 4.74
FAC 2J9 UA . -38.94 0.48 3.64
CAF 2J9 UA . -39.51 -0.48 5.74
N POV VA . -11.81 5.75 -29.54
P POV VA . -7.98 7.46 -30.80
C1 POV VA . -5.55 8.12 -31.70
C2 POV VA . -5.63 7.20 -32.93
C3 POV VA . -4.94 5.89 -32.60
C210 POV VA . -2.45 16.34 -38.73
C310 POV VA . 2.05 3.67 -36.23
C11 POV VA . -10.33 7.83 -29.63
O11 POV VA . -6.86 8.56 -31.35
C211 POV VA . -1.09 16.61 -38.04
C311 POV VA . 2.91 3.17 -37.41
C12 POV VA . -10.49 6.35 -29.15
O12 POV VA . -8.95 8.16 -29.64
C212 POV VA . -1.00 18.05 -37.48
C312 POV VA . 3.59 4.34 -38.17
C13 POV VA . -11.94 5.84 -31.02
O13 POV VA . -7.27 6.27 -30.19
C213 POV VA . -2.33 18.50 -36.80
C313 POV VA . 4.86 4.84 -37.43
C14 POV VA . -12.07 4.33 -29.21
O14 POV VA . -8.84 7.00 -31.96
C214 POV VA . -2.30 18.34 -35.26
C314 POV VA . 6.10 3.99 -37.78
C15 POV VA . -12.87 6.53 -28.88
C215 POV VA . -3.60 17.70 -34.72
C315 POV VA . 7.02 4.68 -38.82
C216 POV VA . -3.90 16.33 -35.38
C316 POV VA . 7.94 5.72 -38.18
C217 POV VA . -5.16 15.67 -34.80
C218 POV VA . -5.50 14.33 -35.51
C21 POV VA . -5.76 7.87 -35.21
O21 POV VA . -5.00 7.81 -34.02
C22 POV VA . -5.20 8.62 -36.46
O22 POV VA . -6.83 7.35 -35.28
C23 POV VA . -3.92 7.95 -37.02
C24 POV VA . -2.84 8.99 -37.45
C25 POV VA . -3.44 10.13 -38.34
C26 POV VA . -2.47 11.33 -38.45
C27 POV VA . -3.13 12.66 -37.97
C28 POV VA . -2.19 13.89 -38.20
C29 POV VA . -2.96 15.10 -38.80
C31 POV VA . -5.67 3.71 -32.05
O31 POV VA . -5.82 4.81 -32.90
C32 POV VA . -4.69 2.57 -32.39
O32 POV VA . -6.30 3.65 -31.05
C33 POV VA . -4.92 1.96 -33.80
C34 POV VA . -4.22 2.77 -34.93
C35 POV VA . -2.70 2.89 -34.70
C36 POV VA . -2.03 3.87 -35.69
C37 POV VA . -0.97 3.17 -36.57
C38 POV VA . -0.16 4.17 -37.44
C39 POV VA . 1.04 4.76 -36.65
NA NA WA . -54.19 -8.54 3.54
#